data_4PJ6
#
_entry.id   4PJ6
#
_cell.length_a   68.031
_cell.length_b   256.621
_cell.length_c   71.310
_cell.angle_alpha   90.00
_cell.angle_beta   114.35
_cell.angle_gamma   90.00
#
_symmetry.space_group_name_H-M   'P 1 21 1'
#
loop_
_entity.id
_entity.type
_entity.pdbx_description
1 polymer 'Leucyl-cystinyl aminopeptidase'
2 branched 2-acetamido-2-deoxy-beta-D-glucopyranose-(1-4)-2-acetamido-2-deoxy-beta-D-glucopyranose
3 non-polymer 'ZINC ION'
4 non-polymer LYSINE
5 non-polymer 2-acetamido-2-deoxy-beta-D-glucopyranose
6 water water
#
_entity_poly.entity_id   1
_entity_poly.type   'polypeptide(L)'
_entity_poly.pdbx_seq_one_letter_code
;SATNGKLFPWAQIRLPTAVVPLRYELSLHPNLTSMTFRGSVTISVQALQVTWNIILHSTGHNISRVTFMSAVSSQEKQAE
ILEYAYHGQIAIVAPEALLAGHNYTLKIEYSANISSSYYGFYGFSYTDESNEKKYFAATQFEPLAARSAFPCFDEPAFKA
TFIIKIIRDEQYTALSNMPKKSSVVLDDGLVQDEFSESVKMSTYLVAFIVGEMKNLSQDVNGTLVSIYAVPEKIGQVHYA
LETTVKLLEFFQNYFEIQYPLKKLDLVAIPDFEAGAMENWGLLTFREETLLYDSNTSSMADRKLVTKIIAHELAHQWFGN
LVTMKWWNDLWLNEGFATFMEYFSLEKIFKELSSYEDFLDARFKTMKKDSLNSSHPISSSVQSSEQIEEMFDSLSYFKGS
SLLLMLKTYLSEDVFQHAVVLYLHNHSYASIQSDDLWDSFNEVTNQTLDVKRMMKTWTLQKGFPLVTVQKKGKELFIQQE
RFFLNMKPEIQPSDTSYLWHIPLSYVTEGRNYSKYQSVSLLDKKSGVINLTEEVLWVKVNINMNGYYIVHYADDDWEALI
HQLKINPYVLSDKDRANLINNIFELAGLGKVPLKRAFDLINYLGNENHTAPITEALFQTDLIYNLLEKLGYMDLASRLVT
RVFKLLQNQIQQQTWTDEGTPSMRELRSALLEFACTHNLGNCSTTAMKLFDDWMASNGTQSLPTDVMTTVFKVGAKTDKG
WSFLLGKYISIGSEAEKNKILEALASSEDVRKLYWLMKSSLNGDNFRTQKLSFIIRTVGRHFPGHLLAWDFVKENWNKLV
QKFPLGSYTIQNIVAGSTYLFSTKTHLSEVQAFFENQSEATFRLRCVQEALEVIQLNIQWMEKNLKSLTWWL
;
_entity_poly.pdbx_strand_id   A,B
#
# COMPACT_ATOMS: atom_id res chain seq x y z
N LYS A 6 13.14 -0.32 53.77
CA LYS A 6 12.02 0.27 54.57
C LYS A 6 10.63 -0.23 54.10
N LEU A 7 9.65 -0.18 55.00
CA LEU A 7 8.26 -0.62 54.75
C LEU A 7 7.32 0.59 54.63
N PHE A 8 6.34 0.52 53.72
CA PHE A 8 5.38 1.63 53.51
C PHE A 8 4.03 1.32 54.14
N PRO A 9 3.46 2.27 54.93
CA PRO A 9 2.24 1.98 55.70
C PRO A 9 0.96 1.97 54.85
N TRP A 10 1.11 2.21 53.55
CA TRP A 10 -0.05 2.27 52.66
C TRP A 10 0.16 1.42 51.41
N ALA A 11 -0.81 0.54 51.17
CA ALA A 11 -0.78 -0.35 50.02
C ALA A 11 -2.07 -0.16 49.24
N GLN A 12 -2.46 1.11 49.07
CA GLN A 12 -3.67 1.45 48.29
C GLN A 12 -3.52 2.71 47.41
N ILE A 13 -4.19 2.70 46.24
CA ILE A 13 -4.15 3.80 45.26
C ILE A 13 -4.78 5.08 45.80
N ARG A 14 -5.77 4.91 46.69
CA ARG A 14 -6.49 6.04 47.28
C ARG A 14 -5.90 6.42 48.66
N LEU A 15 -6.05 7.67 49.06
CA LEU A 15 -5.48 8.14 50.33
C LEU A 15 -6.46 7.82 51.44
N PRO A 16 -5.95 7.59 52.67
CA PRO A 16 -6.88 7.24 53.77
C PRO A 16 -7.74 8.43 54.24
N THR A 17 -8.93 8.12 54.77
CA THR A 17 -9.93 9.11 55.24
C THR A 17 -9.46 9.76 56.53
N ALA A 18 -8.60 9.04 57.24
CA ALA A 18 -7.94 9.48 58.48
C ALA A 18 -7.55 10.98 58.63
N VAL A 19 -6.70 11.51 57.75
CA VAL A 19 -6.25 12.90 57.87
C VAL A 19 -6.80 13.73 56.69
N VAL A 20 -7.09 14.99 56.96
CA VAL A 20 -7.84 15.82 56.02
C VAL A 20 -7.24 17.23 55.99
N PRO A 21 -6.78 17.68 54.81
CA PRO A 21 -6.24 19.05 54.69
C PRO A 21 -7.31 20.14 54.84
N LEU A 22 -6.89 21.28 55.40
CA LEU A 22 -7.77 22.43 55.64
C LEU A 22 -7.25 23.70 54.94
N ARG A 23 -5.97 23.98 55.16
CA ARG A 23 -5.29 25.12 54.55
C ARG A 23 -3.98 24.73 53.89
N TYR A 24 -3.56 25.50 52.90
CA TYR A 24 -2.31 25.23 52.21
C TYR A 24 -1.57 26.55 51.97
N GLU A 25 -0.43 26.71 52.63
CA GLU A 25 0.46 27.85 52.37
C GLU A 25 1.64 27.34 51.53
N LEU A 26 1.66 27.79 50.27
CA LEU A 26 2.69 27.38 49.34
C LEU A 26 3.46 28.60 48.86
N SER A 27 4.77 28.57 49.14
CA SER A 27 5.72 29.52 48.58
C SER A 27 6.66 28.79 47.61
N LEU A 28 6.85 29.41 46.46
CA LEU A 28 7.68 28.85 45.39
C LEU A 28 8.65 29.89 44.87
N HIS A 29 9.86 29.43 44.57
CA HIS A 29 10.86 30.25 43.89
C HIS A 29 11.21 29.56 42.56
N PRO A 30 10.52 29.95 41.45
CA PRO A 30 10.86 29.34 40.17
C PRO A 30 11.86 30.17 39.36
N ASN A 31 12.95 29.51 38.94
CA ASN A 31 13.93 30.11 38.00
C ASN A 31 13.78 29.55 36.58
N LEU A 32 13.06 30.30 35.75
CA LEU A 32 12.67 29.87 34.41
C LEU A 32 13.85 29.66 33.46
N THR A 33 14.92 30.43 33.62
CA THR A 33 16.08 30.30 32.74
C THR A 33 16.83 29.02 33.11
N SER A 34 16.86 28.69 34.39
CA SER A 34 17.48 27.46 34.87
C SER A 34 16.48 26.30 35.03
N MET A 35 15.19 26.57 34.76
CA MET A 35 14.10 25.55 34.73
C MET A 35 14.07 24.61 35.95
N THR A 36 14.32 25.17 37.12
CA THR A 36 14.23 24.47 38.39
C THR A 36 13.46 25.35 39.35
N PHE A 37 12.88 24.75 40.39
CA PHE A 37 12.29 25.57 41.45
C PHE A 37 12.52 25.05 42.88
N ARG A 38 12.32 25.98 43.82
CA ARG A 38 12.41 25.75 45.25
C ARG A 38 11.00 26.02 45.81
N GLY A 39 10.57 25.23 46.79
CA GLY A 39 9.22 25.38 47.32
C GLY A 39 9.02 25.03 48.79
N SER A 40 8.03 25.67 49.38
CA SER A 40 7.76 25.50 50.78
C SER A 40 6.25 25.36 50.96
N VAL A 41 5.81 24.19 51.40
CA VAL A 41 4.39 23.97 51.68
C VAL A 41 4.10 23.89 53.17
N THR A 42 3.09 24.66 53.61
CA THR A 42 2.56 24.53 54.96
C THR A 42 1.13 24.03 54.90
N ILE A 43 0.97 22.77 55.31
CA ILE A 43 -0.32 22.07 55.24
C ILE A 43 -0.95 21.90 56.65
N SER A 44 -2.06 22.60 56.85
CA SER A 44 -2.84 22.51 58.05
C SER A 44 -3.85 21.41 57.82
N VAL A 45 -3.67 20.32 58.53
CA VAL A 45 -4.60 19.20 58.44
C VAL A 45 -5.46 19.03 59.69
N GLN A 46 -6.36 18.05 59.64
CA GLN A 46 -7.18 17.66 60.76
C GLN A 46 -7.38 16.14 60.72
N ALA A 47 -6.93 15.45 61.77
CA ALA A 47 -7.16 14.01 61.91
C ALA A 47 -8.63 13.75 62.22
N LEU A 48 -9.09 12.53 61.93
CA LEU A 48 -10.46 12.11 62.17
C LEU A 48 -10.50 10.76 62.86
N GLN A 49 -9.52 9.91 62.51
CA GLN A 49 -9.29 8.59 63.12
C GLN A 49 -7.88 8.64 63.69
N VAL A 50 -7.59 7.78 64.65
CA VAL A 50 -6.26 7.82 65.25
C VAL A 50 -5.28 7.17 64.28
N THR A 51 -4.23 7.91 63.92
CA THR A 51 -3.16 7.39 63.06
C THR A 51 -1.75 7.90 63.37
N TRP A 52 -0.75 7.08 63.05
CA TRP A 52 0.65 7.37 63.29
C TRP A 52 1.41 7.78 62.01
N ASN A 53 0.67 7.84 60.91
CA ASN A 53 1.19 8.27 59.61
C ASN A 53 0.23 9.20 58.87
N ILE A 54 0.79 10.14 58.13
CA ILE A 54 0.02 11.02 57.24
C ILE A 54 0.43 10.67 55.80
N ILE A 55 -0.42 9.93 55.10
CA ILE A 55 -0.15 9.56 53.70
C ILE A 55 -0.80 10.57 52.78
N LEU A 56 0.05 11.16 51.94
CA LEU A 56 -0.36 12.11 50.91
C LEU A 56 0.52 11.97 49.63
N HIS A 57 0.35 12.86 48.66
CA HIS A 57 1.01 12.70 47.35
C HIS A 57 2.23 13.62 47.10
N SER A 58 3.30 13.03 46.55
CA SER A 58 4.47 13.78 46.06
C SER A 58 5.18 13.00 44.95
N THR A 59 5.66 13.72 43.94
CA THR A 59 6.48 13.16 42.87
C THR A 59 7.59 14.11 42.45
N GLY A 60 8.78 13.55 42.33
CA GLY A 60 9.93 14.25 41.76
C GLY A 60 10.41 15.35 42.66
N HIS A 61 10.29 15.09 43.96
CA HIS A 61 10.60 16.10 44.97
C HIS A 61 11.84 15.73 45.78
N ASN A 62 12.80 16.66 45.81
CA ASN A 62 13.98 16.53 46.65
C ASN A 62 13.64 17.23 47.98
N ILE A 63 13.26 16.41 49.00
CA ILE A 63 12.79 16.96 50.28
C ILE A 63 14.00 17.34 51.11
N SER A 64 14.10 18.65 51.42
CA SER A 64 15.22 19.22 52.17
C SER A 64 14.95 19.05 53.66
N ARG A 65 13.80 19.56 54.12
CA ARG A 65 13.35 19.47 55.52
C ARG A 65 11.84 19.22 55.68
N VAL A 66 11.51 18.36 56.65
CA VAL A 66 10.12 18.01 56.98
C VAL A 66 9.87 18.20 58.47
N THR A 67 8.90 19.06 58.79
CA THR A 67 8.59 19.39 60.18
C THR A 67 7.10 19.41 60.54
N PHE A 68 6.80 18.76 61.68
CA PHE A 68 5.45 18.42 62.20
C PHE A 68 5.09 19.31 63.40
N MET A 69 3.79 19.63 63.59
CA MET A 69 3.35 20.49 64.71
C MET A 69 2.02 20.07 65.30
N SER A 70 1.68 20.62 66.47
CA SER A 70 0.47 20.26 67.23
C SER A 70 -0.61 21.35 67.20
N VAL A 72 -1.27 23.49 70.76
CA VAL A 72 -0.85 24.18 69.53
C VAL A 72 0.70 24.20 69.39
N SER A 73 1.41 24.24 70.54
CA SER A 73 2.90 24.33 70.66
C SER A 73 3.69 24.79 69.39
N SER A 74 4.00 26.09 69.34
CA SER A 74 4.72 26.72 68.21
C SER A 74 6.10 26.11 67.91
N GLN A 75 6.43 25.05 68.65
CA GLN A 75 7.70 24.33 68.46
C GLN A 75 7.54 23.23 67.39
N GLU A 76 8.19 23.45 66.24
CA GLU A 76 8.23 22.48 65.13
C GLU A 76 9.07 21.23 65.46
N LYS A 77 8.43 20.08 65.47
CA LYS A 77 9.10 18.80 65.74
C LYS A 77 9.45 18.04 64.43
N GLN A 78 10.72 17.67 64.29
CA GLN A 78 11.25 16.94 63.11
C GLN A 78 10.63 15.55 62.85
N ALA A 79 9.86 15.43 61.76
CA ALA A 79 9.20 14.17 61.40
C ALA A 79 9.95 13.45 60.30
N GLU A 80 9.86 12.12 60.28
CA GLU A 80 10.51 11.33 59.20
C GLU A 80 9.58 11.04 58.02
N ILE A 81 10.15 11.14 56.83
CA ILE A 81 9.43 10.97 55.56
C ILE A 81 9.76 9.64 54.88
N LEU A 82 8.73 8.86 54.57
CA LEU A 82 8.86 7.62 53.76
C LEU A 82 8.45 7.85 52.28
N GLU A 83 8.95 6.98 51.39
CA GLU A 83 8.72 7.15 49.95
C GLU A 83 8.12 5.92 49.31
N TYR A 84 7.25 6.14 48.33
CA TYR A 84 6.67 5.08 47.51
C TYR A 84 6.22 5.63 46.15
N ALA A 85 7.19 5.68 45.23
CA ALA A 85 7.03 6.25 43.89
C ALA A 85 5.88 5.67 43.03
N TYR A 86 5.52 4.42 43.30
CA TYR A 86 4.50 3.69 42.53
C TYR A 86 3.14 4.38 42.44
N HIS A 87 2.67 4.92 43.56
CA HIS A 87 1.41 5.66 43.58
C HIS A 87 1.65 7.14 43.78
N GLY A 88 2.89 7.56 43.60
CA GLY A 88 3.28 8.96 43.82
C GLY A 88 2.98 9.44 45.24
N GLN A 89 3.19 8.53 46.20
CA GLN A 89 2.88 8.80 47.59
C GLN A 89 4.13 9.03 48.42
N ILE A 90 3.97 9.86 49.45
CA ILE A 90 4.94 9.95 50.54
C ILE A 90 4.15 9.74 51.82
N ALA A 91 4.76 9.13 52.81
CA ALA A 91 4.11 9.01 54.13
C ALA A 91 4.94 9.73 55.20
N ILE A 92 4.30 10.61 55.97
CA ILE A 92 4.98 11.31 57.10
C ILE A 92 4.77 10.58 58.44
N VAL A 93 5.86 10.02 58.95
CA VAL A 93 5.85 9.32 60.24
C VAL A 93 5.90 10.40 61.33
N ALA A 94 4.79 10.54 62.07
CA ALA A 94 4.70 11.51 63.16
C ALA A 94 5.19 10.91 64.50
N PRO A 95 6.01 11.68 65.26
CA PRO A 95 6.60 11.21 66.50
C PRO A 95 5.61 11.33 67.66
N GLU A 96 4.42 11.81 67.33
CA GLU A 96 3.31 11.92 68.24
C GLU A 96 2.10 11.38 67.49
N ALA A 97 1.31 10.49 68.11
CA ALA A 97 0.09 9.99 67.48
C ALA A 97 -0.88 11.15 67.23
N LEU A 98 -1.63 11.07 66.13
CA LEU A 98 -2.59 12.13 65.79
C LEU A 98 -4.01 11.75 66.22
N LEU A 99 -4.58 12.52 67.17
CA LEU A 99 -5.90 12.21 67.76
C LEU A 99 -7.06 12.93 67.06
N ALA A 100 -8.19 12.22 66.93
CA ALA A 100 -9.40 12.72 66.25
C ALA A 100 -9.78 14.10 66.74
N GLY A 101 -10.22 14.94 65.83
CA GLY A 101 -10.66 16.29 66.14
C GLY A 101 -9.49 17.24 66.24
N HIS A 102 -8.32 16.73 66.61
CA HIS A 102 -7.14 17.56 66.84
C HIS A 102 -6.58 17.99 65.52
N ASN A 103 -6.12 19.24 65.46
CA ASN A 103 -5.50 19.82 64.28
C ASN A 103 -3.97 19.79 64.39
N TYR A 104 -3.31 19.76 63.24
CA TYR A 104 -1.84 19.71 63.15
C TYR A 104 -1.39 20.51 61.92
N THR A 105 -0.13 20.94 61.90
CA THR A 105 0.42 21.67 60.75
C THR A 105 1.73 21.03 60.29
N LEU A 106 1.81 20.71 58.99
CA LEU A 106 2.99 20.08 58.37
C LEU A 106 3.72 21.06 57.45
N LYS A 107 5.04 21.15 57.64
CA LYS A 107 5.86 22.01 56.80
C LYS A 107 6.86 21.16 56.05
N ILE A 108 6.89 21.36 54.73
CA ILE A 108 7.82 20.65 53.85
C ILE A 108 8.57 21.62 52.92
N GLU A 109 9.91 21.47 52.88
CA GLU A 109 10.78 22.25 51.98
C GLU A 109 11.44 21.35 50.94
N TYR A 110 11.49 21.81 49.68
CA TYR A 110 11.91 20.94 48.58
C TYR A 110 12.42 21.71 47.35
N SER A 111 13.17 20.98 46.51
CA SER A 111 13.64 21.46 45.20
C SER A 111 13.13 20.52 44.12
N ALA A 112 12.84 21.09 42.96
CA ALA A 112 12.32 20.34 41.82
C ALA A 112 12.59 21.07 40.47
N ASN A 113 12.44 20.30 39.38
CA ASN A 113 12.63 20.78 38.01
C ASN A 113 11.29 21.24 37.44
N ILE A 114 11.30 22.35 36.70
CA ILE A 114 10.12 22.82 35.93
C ILE A 114 10.00 21.91 34.71
N SER A 115 8.77 21.49 34.37
CA SER A 115 8.57 20.39 33.40
C SER A 115 8.98 20.67 31.96
N SER A 116 9.68 19.69 31.38
CA SER A 116 10.09 19.65 29.97
C SER A 116 8.87 19.34 29.07
N SER A 117 8.03 18.41 29.56
CA SER A 117 6.74 18.14 28.98
C SER A 117 5.81 19.35 29.21
N TYR A 118 4.50 19.16 28.96
CA TYR A 118 3.57 20.25 29.23
C TYR A 118 2.47 19.82 30.19
N TYR A 119 2.88 19.08 31.23
CA TYR A 119 2.03 18.54 32.30
C TYR A 119 2.73 18.82 33.64
N GLY A 120 1.95 19.21 34.65
CA GLY A 120 2.51 19.63 35.95
C GLY A 120 2.85 21.11 36.01
N PHE A 121 3.99 21.44 36.60
CA PHE A 121 4.50 22.81 36.53
C PHE A 121 5.51 22.89 35.38
N TYR A 122 4.99 23.26 34.20
CA TYR A 122 5.76 23.21 32.96
C TYR A 122 6.28 24.57 32.55
N GLY A 123 7.32 24.54 31.71
CA GLY A 123 7.99 25.75 31.21
C GLY A 123 8.45 25.65 29.78
N PHE A 124 8.61 26.79 29.12
CA PHE A 124 9.08 26.84 27.75
C PHE A 124 9.71 28.18 27.43
N SER A 125 10.25 28.29 26.21
CA SER A 125 10.87 29.52 25.72
C SER A 125 10.30 29.88 24.34
N TYR A 126 10.02 31.15 24.11
CA TYR A 126 9.49 31.52 22.82
C TYR A 126 10.35 32.59 22.10
N THR A 127 10.14 32.77 20.80
CA THR A 127 10.85 33.78 20.02
C THR A 127 9.94 34.97 19.72
N ASP A 128 10.13 36.00 20.53
CA ASP A 128 9.37 37.26 20.49
C ASP A 128 9.47 37.97 19.14
N GLU A 129 8.46 38.78 18.84
CA GLU A 129 8.43 39.66 17.67
C GLU A 129 9.73 40.44 17.43
N SER A 130 10.58 40.51 18.45
CA SER A 130 11.84 41.26 18.40
C SER A 130 13.05 40.37 18.05
N ASN A 131 12.80 39.12 17.66
CA ASN A 131 13.86 38.11 17.48
C ASN A 131 14.51 37.78 18.82
N GLU A 132 13.87 38.28 19.88
CA GLU A 132 14.36 38.16 21.23
C GLU A 132 13.74 36.91 21.89
N LYS A 133 14.60 35.95 22.27
CA LYS A 133 14.14 34.72 22.95
C LYS A 133 13.64 35.04 24.38
N LYS A 134 12.42 34.59 24.69
CA LYS A 134 11.76 34.85 25.98
C LYS A 134 11.40 33.56 26.74
N TYR A 135 11.00 33.69 28.00
CA TYR A 135 10.61 32.55 28.79
C TYR A 135 9.19 32.71 29.30
N PHE A 136 8.66 31.61 29.86
CA PHE A 136 7.26 31.47 30.32
C PHE A 136 7.16 30.18 31.11
N ALA A 137 6.38 30.21 32.18
CA ALA A 137 6.02 29.01 32.95
C ALA A 137 4.53 29.05 33.27
N ALA A 138 3.93 27.86 33.34
CA ALA A 138 2.51 27.74 33.69
C ALA A 138 2.22 26.39 34.34
N THR A 139 0.94 26.10 34.62
CA THR A 139 0.52 24.79 35.16
C THR A 139 -0.62 24.11 34.40
N GLN A 140 -0.71 22.80 34.63
CA GLN A 140 -1.72 21.93 34.05
C GLN A 140 -1.69 20.72 34.96
N PHE A 141 -2.58 20.67 35.93
CA PHE A 141 -2.52 19.62 36.96
C PHE A 141 -3.52 18.50 36.67
N GLU A 142 -4.58 18.79 35.90
CA GLU A 142 -5.62 17.80 35.65
C GLU A 142 -5.04 16.71 34.76
N PRO A 143 -5.14 15.46 35.20
CA PRO A 143 -5.75 14.99 36.46
C PRO A 143 -4.84 14.88 37.69
N LEU A 144 -3.71 14.20 37.54
CA LEU A 144 -2.86 13.81 38.65
C LEU A 144 -1.49 14.54 38.73
N ALA A 145 -1.45 15.82 38.30
CA ALA A 145 -0.18 16.58 38.17
C ALA A 145 0.11 17.71 39.19
N ALA A 146 -0.83 18.01 40.08
CA ALA A 146 -0.52 18.96 41.12
C ALA A 146 0.59 18.41 42.05
N ARG A 147 0.50 17.11 42.42
CA ARG A 147 1.51 16.44 43.28
C ARG A 147 2.95 16.54 42.74
N SER A 148 3.08 16.88 41.45
CA SER A 148 4.36 17.10 40.77
C SER A 148 4.91 18.48 41.16
N ALA A 149 4.00 19.44 41.28
CA ALA A 149 4.32 20.84 41.57
C ALA A 149 4.62 21.02 43.04
N PHE A 150 3.79 20.43 43.89
CA PHE A 150 3.98 20.56 45.34
C PHE A 150 3.38 19.38 46.11
N PRO A 151 4.06 18.93 47.19
CA PRO A 151 3.39 17.85 47.96
C PRO A 151 2.00 18.31 48.36
N CYS A 152 1.02 17.40 48.32
CA CYS A 152 -0.37 17.73 48.71
C CYS A 152 -1.25 16.48 48.74
N PHE A 153 -2.50 16.65 49.15
CA PHE A 153 -3.48 15.58 49.05
C PHE A 153 -4.13 15.74 47.68
N ASP A 154 -3.66 14.93 46.71
CA ASP A 154 -4.03 15.10 45.29
C ASP A 154 -5.16 14.18 44.88
N GLU A 155 -6.34 14.40 45.48
CA GLU A 155 -7.62 13.77 45.11
C GLU A 155 -8.68 14.89 45.11
N PRO A 156 -9.75 14.76 44.28
CA PRO A 156 -10.68 15.88 44.16
C PRO A 156 -11.47 16.16 45.43
N ALA A 157 -11.85 15.08 46.12
CA ALA A 157 -12.62 15.14 47.40
C ALA A 157 -11.96 15.93 48.56
N PHE A 158 -10.64 15.79 48.73
CA PHE A 158 -9.84 16.63 49.65
C PHE A 158 -9.74 18.09 49.15
N LYS A 159 -10.77 18.88 49.46
CA LYS A 159 -10.83 20.32 49.17
C LYS A 159 -10.28 21.14 50.35
N ALA A 160 -9.49 22.15 50.04
CA ALA A 160 -8.86 23.01 51.01
C ALA A 160 -8.72 24.44 50.43
N THR A 161 -8.12 25.33 51.24
CA THR A 161 -7.91 26.73 50.87
C THR A 161 -6.43 26.89 50.57
N PHE A 162 -6.07 27.92 49.82
CA PHE A 162 -4.71 27.99 49.36
C PHE A 162 -4.12 29.38 49.40
N ILE A 163 -2.95 29.46 50.05
CA ILE A 163 -2.15 30.69 50.01
C ILE A 163 -0.97 30.42 49.06
N ILE A 164 -0.94 31.15 47.95
CA ILE A 164 0.09 30.90 46.92
C ILE A 164 1.07 32.07 46.86
N LYS A 165 2.34 31.78 47.04
CA LYS A 165 3.35 32.84 46.94
C LYS A 165 4.56 32.47 46.09
N ILE A 166 4.81 33.27 45.05
CA ILE A 166 5.93 33.09 44.12
C ILE A 166 6.86 34.28 44.11
N ILE A 167 8.15 33.96 44.08
CA ILE A 167 9.22 34.94 43.89
C ILE A 167 9.57 34.99 42.39
N ARG A 168 9.14 36.03 41.70
CA ARG A 168 9.43 36.16 40.28
C ARG A 168 10.49 37.23 40.05
N ASP A 169 10.70 37.55 38.77
CA ASP A 169 11.54 38.65 38.29
C ASP A 169 10.68 39.80 37.83
N GLU A 170 11.13 41.02 38.15
CA GLU A 170 10.41 42.28 37.88
C GLU A 170 9.79 42.44 36.48
N GLN A 171 10.48 41.97 35.42
CA GLN A 171 9.97 42.09 34.04
C GLN A 171 8.70 41.22 33.76
N TYR A 172 8.58 40.11 34.48
CA TYR A 172 7.43 39.19 34.43
C TYR A 172 6.15 39.66 35.17
N THR A 173 4.99 39.23 34.66
CA THR A 173 3.70 39.35 35.34
C THR A 173 3.40 37.96 35.90
N ALA A 174 3.37 37.81 37.22
CA ALA A 174 3.08 36.52 37.87
C ALA A 174 1.58 36.39 38.25
N LEU A 175 0.94 35.28 37.89
CA LEU A 175 -0.51 35.12 38.14
C LEU A 175 -0.81 33.80 38.83
N SER A 176 -2.00 33.73 39.43
CA SER A 176 -2.47 32.52 40.14
C SER A 176 -3.99 32.57 40.23
N ASN A 177 -4.57 31.66 41.01
CA ASN A 177 -6.03 31.53 41.10
C ASN A 177 -6.75 32.83 41.53
N MET A 178 -6.38 33.26 42.73
CA MET A 178 -6.95 34.43 43.45
C MET A 178 -6.27 35.77 43.05
N PRO A 179 -6.87 36.93 43.45
CA PRO A 179 -6.16 38.20 43.14
C PRO A 179 -4.90 38.44 44.03
N LYS A 180 -3.92 39.17 43.46
CA LYS A 180 -2.61 39.43 44.12
C LYS A 180 -2.68 40.36 45.36
N LYS A 181 -2.57 39.75 46.53
CA LYS A 181 -2.63 40.45 47.83
C LYS A 181 -1.45 41.43 48.02
N SER A 182 -0.22 41.01 47.71
CA SER A 182 0.96 41.83 47.97
C SER A 182 2.21 41.47 47.21
N SER A 183 2.59 42.32 46.24
CA SER A 183 3.94 42.23 45.60
C SER A 183 5.00 43.17 46.28
N VAL A 184 5.93 42.56 47.03
CA VAL A 184 6.88 43.28 47.90
C VAL A 184 8.37 43.16 47.49
N VAL A 185 8.94 44.21 46.92
CA VAL A 185 10.30 44.13 46.34
C VAL A 185 11.34 43.53 47.29
N LEU A 186 12.14 42.59 46.80
CA LEU A 186 13.22 42.04 47.60
C LEU A 186 14.52 42.76 47.25
N ASP A 187 15.36 42.93 48.26
CA ASP A 187 16.68 43.62 48.17
C ASP A 187 17.64 43.31 46.97
N ASP A 188 17.45 42.17 46.28
CA ASP A 188 18.33 41.69 45.17
C ASP A 188 17.82 41.91 43.71
N GLY A 189 16.63 42.49 43.55
CA GLY A 189 16.02 42.67 42.22
C GLY A 189 14.87 41.69 41.91
N LEU A 190 14.46 40.94 42.96
CA LEU A 190 13.42 39.91 42.90
C LEU A 190 12.14 40.34 43.63
N VAL A 191 10.99 39.82 43.20
CA VAL A 191 9.70 40.22 43.81
C VAL A 191 8.94 39.04 44.39
N GLN A 192 8.61 39.15 45.66
CA GLN A 192 7.85 38.14 46.39
C GLN A 192 6.36 38.46 46.29
N ASP A 193 5.71 37.84 45.31
CA ASP A 193 4.31 38.08 45.03
C ASP A 193 3.46 37.21 45.96
N GLU A 194 2.42 37.79 46.54
CA GLU A 194 1.49 37.00 47.34
C GLU A 194 0.08 37.22 46.80
N PHE A 195 -0.73 36.17 46.94
CA PHE A 195 -2.07 36.13 46.39
C PHE A 195 -3.00 35.72 47.51
N SER A 196 -4.17 36.34 47.55
CA SER A 196 -5.13 36.10 48.63
C SER A 196 -5.48 34.62 48.85
N GLU A 197 -5.86 34.26 50.09
CA GLU A 197 -6.22 32.89 50.44
C GLU A 197 -7.44 32.47 49.66
N SER A 198 -7.34 31.32 48.99
CA SER A 198 -8.38 30.76 48.12
C SER A 198 -9.64 30.18 48.84
N VAL A 199 -10.70 30.02 48.04
CA VAL A 199 -11.96 29.38 48.43
C VAL A 199 -11.75 27.87 48.48
N LYS A 200 -12.63 27.14 49.21
CA LYS A 200 -12.41 25.71 49.45
C LYS A 200 -12.42 25.06 48.08
N MET A 201 -11.29 24.49 47.68
CA MET A 201 -11.18 24.03 46.29
C MET A 201 -10.30 22.83 46.10
N SER A 202 -10.46 22.19 44.93
CA SER A 202 -9.76 20.95 44.62
C SER A 202 -8.32 21.22 44.23
N THR A 203 -7.48 20.29 44.63
CA THR A 203 -6.05 20.30 44.39
C THR A 203 -5.64 20.46 42.92
N TYR A 204 -6.37 19.86 41.97
CA TYR A 204 -6.07 19.94 40.52
C TYR A 204 -6.43 21.26 39.81
N LEU A 205 -7.04 22.16 40.58
CA LEU A 205 -7.55 23.39 40.04
C LEU A 205 -6.67 24.53 40.50
N VAL A 206 -5.72 24.21 41.36
CA VAL A 206 -4.74 25.20 41.77
C VAL A 206 -3.96 25.64 40.53
N ALA A 207 -3.60 26.91 40.46
CA ALA A 207 -2.89 27.44 39.27
C ALA A 207 -1.90 28.55 39.56
N PHE A 208 -0.91 28.69 38.67
CA PHE A 208 0.05 29.83 38.66
C PHE A 208 0.76 30.00 37.34
N ILE A 209 1.03 31.25 36.95
CA ILE A 209 1.77 31.53 35.71
C ILE A 209 2.80 32.64 35.88
N VAL A 210 4.01 32.43 35.37
CA VAL A 210 5.00 33.49 35.37
C VAL A 210 5.45 33.77 33.93
N GLY A 211 4.99 34.89 33.38
CA GLY A 211 5.35 35.29 32.03
C GLY A 211 5.37 36.79 31.77
N GLU A 212 6.21 37.22 30.81
CA GLU A 212 6.19 38.62 30.33
C GLU A 212 4.91 38.82 29.48
N MET A 213 3.88 39.42 30.11
CA MET A 213 2.53 39.53 29.54
C MET A 213 1.84 40.89 29.66
N LYS A 214 0.94 41.16 28.73
CA LYS A 214 0.08 42.35 28.75
C LYS A 214 -1.33 41.89 29.11
N ASN A 215 -2.16 42.79 29.65
CA ASN A 215 -3.58 42.49 29.87
C ASN A 215 -4.56 43.41 29.13
N LEU A 216 -5.75 42.88 28.84
CA LEU A 216 -6.87 43.68 28.37
C LEU A 216 -7.98 43.38 29.35
N SER A 217 -8.48 44.44 29.97
CA SER A 217 -9.33 44.25 31.13
C SER A 217 -10.66 45.02 31.08
N GLN A 218 -11.62 44.51 31.85
CA GLN A 218 -12.93 45.12 32.01
C GLN A 218 -13.54 44.56 33.28
N ASP A 219 -14.39 45.36 33.91
CA ASP A 219 -15.04 44.97 35.12
C ASP A 219 -16.50 44.72 34.76
N VAL A 220 -17.05 43.63 35.29
CA VAL A 220 -18.47 43.31 35.14
C VAL A 220 -19.03 43.12 36.56
N ASN A 221 -20.07 43.96 36.88
CA ASN A 221 -20.46 44.13 38.30
C ASN A 221 -19.15 44.21 39.11
N GLY A 222 -19.03 43.38 40.16
CA GLY A 222 -17.83 43.43 41.00
C GLY A 222 -16.58 42.82 40.38
N THR A 223 -16.77 41.77 39.57
CA THR A 223 -15.65 40.95 39.09
C THR A 223 -14.99 41.55 37.86
N LEU A 224 -13.67 41.67 37.94
CA LEU A 224 -12.83 42.25 36.90
C LEU A 224 -12.28 41.13 36.04
N VAL A 225 -12.83 41.00 34.83
CA VAL A 225 -12.38 40.00 33.88
C VAL A 225 -11.19 40.57 33.14
N SER A 226 -10.20 39.73 32.87
CA SER A 226 -8.98 40.16 32.21
C SER A 226 -8.46 39.06 31.29
N ILE A 227 -8.18 39.39 30.02
CA ILE A 227 -7.49 38.47 29.09
C ILE A 227 -6.01 38.83 29.06
N TYR A 228 -5.13 37.88 29.41
CA TYR A 228 -3.70 38.14 29.32
C TYR A 228 -3.16 37.44 28.12
N ALA A 229 -2.51 38.23 27.26
CA ALA A 229 -1.81 37.73 26.06
C ALA A 229 -0.39 38.28 26.02
N VAL A 230 0.44 37.64 25.19
CA VAL A 230 1.78 38.11 24.95
C VAL A 230 1.76 39.53 24.28
N PRO A 231 2.71 40.44 24.62
CA PRO A 231 2.61 41.81 24.11
C PRO A 231 2.28 41.86 22.64
N GLU A 232 3.01 41.09 21.83
CA GLU A 232 2.85 41.15 20.37
C GLU A 232 1.50 40.66 19.79
N LYS A 233 0.63 40.09 20.64
CA LYS A 233 -0.70 39.59 20.20
C LYS A 233 -1.87 40.01 21.10
N ILE A 234 -1.69 41.07 21.91
CA ILE A 234 -2.75 41.60 22.78
C ILE A 234 -3.90 42.22 21.97
N GLY A 235 -3.63 42.52 20.70
CA GLY A 235 -4.65 43.13 19.84
C GLY A 235 -5.70 42.14 19.38
N GLN A 236 -5.38 40.86 19.57
CA GLN A 236 -6.21 39.75 19.07
C GLN A 236 -7.12 39.06 20.12
N VAL A 237 -7.05 39.55 21.37
CA VAL A 237 -7.86 39.03 22.46
C VAL A 237 -9.00 39.96 22.84
N HIS A 238 -9.33 40.86 21.92
CA HIS A 238 -10.45 41.75 22.11
C HIS A 238 -11.76 40.98 22.19
N TYR A 239 -12.06 40.22 21.14
CA TYR A 239 -13.30 39.43 21.04
C TYR A 239 -13.44 38.52 22.23
N ALA A 240 -12.32 37.93 22.63
CA ALA A 240 -12.26 36.99 23.76
C ALA A 240 -12.96 37.58 24.99
N LEU A 241 -12.44 38.72 25.45
CA LEU A 241 -13.03 39.47 26.56
C LEU A 241 -14.48 39.83 26.31
N GLU A 242 -14.73 40.53 25.21
CA GLU A 242 -16.09 40.90 24.82
C GLU A 242 -17.07 39.73 25.12
N THR A 243 -16.67 38.52 24.72
CA THR A 243 -17.44 37.27 24.85
C THR A 243 -17.50 36.73 26.27
N THR A 244 -16.37 36.75 26.96
CA THR A 244 -16.33 36.31 28.36
C THR A 244 -17.24 37.19 29.22
N VAL A 245 -17.44 38.44 28.77
CA VAL A 245 -18.37 39.35 29.43
C VAL A 245 -19.80 38.81 29.24
N LYS A 246 -20.21 38.64 27.98
CA LYS A 246 -21.55 38.21 27.72
C LYS A 246 -21.87 36.89 28.47
N LEU A 247 -20.97 35.91 28.38
CA LEU A 247 -21.25 34.59 28.94
C LEU A 247 -21.27 34.57 30.46
N LEU A 248 -20.33 35.28 31.11
CA LEU A 248 -20.29 35.34 32.58
C LEU A 248 -21.58 35.90 33.11
N GLU A 249 -22.05 36.92 32.42
CA GLU A 249 -23.31 37.52 32.71
C GLU A 249 -24.32 36.38 32.69
N PHE A 250 -24.39 35.69 31.55
CA PHE A 250 -25.40 34.65 31.30
C PHE A 250 -25.36 33.56 32.34
N PHE A 251 -24.19 32.97 32.59
CA PHE A 251 -24.11 31.79 33.47
C PHE A 251 -24.52 32.18 34.87
N GLN A 252 -24.12 33.38 35.31
CA GLN A 252 -24.49 33.87 36.64
C GLN A 252 -26.00 34.04 36.76
N ASN A 253 -26.59 34.58 35.71
CA ASN A 253 -28.03 34.66 35.60
C ASN A 253 -28.71 33.28 35.54
N TYR A 254 -28.08 32.32 34.88
CA TYR A 254 -28.70 31.01 34.73
C TYR A 254 -28.58 30.20 36.03
N PHE A 255 -27.35 29.95 36.46
CA PHE A 255 -27.09 29.17 37.65
C PHE A 255 -27.62 29.77 38.94
N GLU A 256 -27.83 31.09 38.93
CA GLU A 256 -28.23 31.88 40.12
C GLU A 256 -27.30 31.74 41.33
N ILE A 257 -26.02 31.45 41.11
CA ILE A 257 -25.01 31.45 42.20
C ILE A 257 -23.96 32.32 41.55
N GLN A 258 -23.46 33.32 42.28
CA GLN A 258 -22.56 34.35 41.70
C GLN A 258 -21.11 33.87 41.65
N TYR A 259 -20.42 34.15 40.55
CA TYR A 259 -19.02 33.76 40.41
C TYR A 259 -18.23 34.22 41.64
N PRO A 260 -17.75 33.29 42.48
CA PRO A 260 -17.27 33.63 43.83
C PRO A 260 -15.93 34.38 43.98
N LEU A 261 -15.31 34.81 42.88
CA LEU A 261 -14.07 35.55 43.01
C LEU A 261 -14.23 36.96 42.48
N LYS A 262 -13.27 37.84 42.85
CA LYS A 262 -13.29 39.26 42.44
C LYS A 262 -12.66 39.48 41.04
N LYS A 263 -11.82 38.53 40.63
CA LYS A 263 -11.21 38.58 39.31
C LYS A 263 -11.38 37.26 38.54
N LEU A 264 -11.41 37.37 37.22
CA LEU A 264 -11.45 36.22 36.36
C LEU A 264 -10.42 36.44 35.25
N ASP A 265 -9.38 35.62 35.25
CA ASP A 265 -8.33 35.70 34.23
C ASP A 265 -8.40 34.55 33.23
N LEU A 266 -8.24 34.90 31.94
CA LEU A 266 -8.05 33.95 30.83
C LEU A 266 -6.68 34.29 30.27
N VAL A 267 -5.89 33.28 29.93
CA VAL A 267 -4.54 33.53 29.42
C VAL A 267 -4.21 32.75 28.14
N ALA A 268 -3.76 33.47 27.12
CA ALA A 268 -3.44 32.88 25.84
C ALA A 268 -1.95 32.51 25.77
N ILE A 269 -1.64 31.34 26.34
CA ILE A 269 -0.29 30.80 26.42
C ILE A 269 0.38 30.68 25.03
N PRO A 270 1.61 31.23 24.90
CA PRO A 270 2.26 31.19 23.60
C PRO A 270 3.04 29.90 23.40
N ASP A 271 2.32 28.79 23.30
CA ASP A 271 2.88 27.46 22.91
C ASP A 271 1.82 26.48 22.46
N PHE A 272 2.11 25.73 21.38
CA PHE A 272 1.08 24.86 20.80
C PHE A 272 0.80 23.60 21.62
N GLU A 273 1.81 23.12 22.33
CA GLU A 273 1.66 21.90 23.14
C GLU A 273 1.01 22.17 24.51
N ALA A 274 0.82 23.47 24.82
CA ALA A 274 0.33 24.01 26.11
C ALA A 274 -0.96 23.44 26.72
N GLY A 275 -0.95 23.25 28.05
CA GLY A 275 -2.09 22.73 28.78
C GLY A 275 -3.24 23.72 28.87
N ALA A 276 -4.35 23.42 28.19
CA ALA A 276 -5.54 24.27 28.24
C ALA A 276 -6.64 23.66 29.12
N MET A 277 -7.04 24.39 30.18
CA MET A 277 -8.08 23.97 31.16
C MET A 277 -8.71 25.10 32.01
N GLU A 278 -9.68 24.71 32.87
CA GLU A 278 -10.60 25.62 33.55
C GLU A 278 -10.23 26.04 34.99
N ASN A 279 -8.94 26.14 35.29
CA ASN A 279 -8.49 26.55 36.64
C ASN A 279 -9.32 27.71 37.19
N TRP A 280 -9.67 27.63 38.48
CA TRP A 280 -10.57 28.62 39.12
C TRP A 280 -9.94 30.00 39.05
N GLY A 281 -10.56 30.90 38.29
CA GLY A 281 -10.05 32.26 38.14
C GLY A 281 -8.91 32.40 37.15
N LEU A 282 -8.17 31.31 36.95
CA LEU A 282 -7.06 31.25 36.00
C LEU A 282 -7.31 30.22 34.86
N LEU A 283 -8.19 30.62 33.96
CA LEU A 283 -8.58 29.79 32.83
C LEU A 283 -7.48 29.82 31.79
N THR A 284 -6.82 28.66 31.58
CA THR A 284 -5.76 28.52 30.55
C THR A 284 -6.30 28.14 29.14
N PHE A 285 -5.58 28.57 28.12
CA PHE A 285 -5.92 28.32 26.74
C PHE A 285 -4.64 28.32 25.92
N ARG A 286 -4.65 27.60 24.80
CA ARG A 286 -3.59 27.70 23.80
C ARG A 286 -3.80 29.01 23.07
N GLU A 287 -2.78 29.86 22.98
CA GLU A 287 -2.88 31.15 22.25
C GLU A 287 -3.78 30.95 21.03
N GLU A 288 -3.40 29.98 20.19
CA GLU A 288 -4.12 29.60 18.98
C GLU A 288 -5.63 29.63 19.17
N THR A 289 -6.13 29.02 20.25
CA THR A 289 -7.58 28.86 20.50
C THR A 289 -8.34 30.07 21.10
N LEU A 290 -7.63 31.18 21.37
CA LEU A 290 -8.23 32.45 21.89
C LEU A 290 -8.14 33.62 20.95
N LEU A 291 -7.18 33.57 20.02
CA LEU A 291 -6.93 34.65 19.06
C LEU A 291 -8.07 34.85 18.07
N TYR A 292 -8.49 36.10 17.86
CA TYR A 292 -9.51 36.42 16.84
C TYR A 292 -9.34 37.81 16.25
N ASP A 293 -9.38 37.90 14.93
CA ASP A 293 -9.37 39.17 14.21
C ASP A 293 -10.72 39.31 13.56
N SER A 294 -11.43 40.40 13.84
CA SER A 294 -12.81 40.58 13.32
C SER A 294 -12.93 40.60 11.79
N ASN A 295 -11.79 40.64 11.10
CA ASN A 295 -11.74 40.60 9.62
C ASN A 295 -11.07 39.33 9.12
N THR A 296 -9.78 39.24 9.42
CA THR A 296 -8.89 38.22 8.87
C THR A 296 -9.19 36.77 9.33
N SER A 297 -10.10 36.58 10.29
CA SER A 297 -10.41 35.24 10.79
C SER A 297 -11.65 34.61 10.15
N SER A 298 -11.78 33.29 10.38
CA SER A 298 -12.79 32.45 9.73
C SER A 298 -14.10 32.44 10.50
N MET A 299 -15.10 31.78 9.92
CA MET A 299 -16.39 31.55 10.58
C MET A 299 -16.23 30.47 11.67
N ALA A 300 -15.59 29.35 11.29
CA ALA A 300 -15.29 28.27 12.22
C ALA A 300 -14.42 28.81 13.34
N ASP A 301 -13.72 29.90 13.04
CA ASP A 301 -12.82 30.53 13.99
C ASP A 301 -13.59 31.22 15.13
N ARG A 302 -14.67 31.91 14.76
CA ARG A 302 -15.50 32.61 15.71
C ARG A 302 -16.16 31.56 16.62
N LYS A 303 -16.80 30.57 15.98
CA LYS A 303 -17.54 29.50 16.67
C LYS A 303 -16.65 28.78 17.67
N LEU A 304 -15.40 28.54 17.28
CA LEU A 304 -14.47 27.75 18.08
C LEU A 304 -14.09 28.45 19.39
N VAL A 305 -13.72 29.72 19.31
CA VAL A 305 -13.27 30.41 20.49
C VAL A 305 -14.49 30.76 21.36
N THR A 306 -15.61 31.10 20.73
CA THR A 306 -16.84 31.37 21.47
C THR A 306 -17.28 30.15 22.30
N LYS A 307 -17.01 28.96 21.76
CA LYS A 307 -17.35 27.69 22.39
C LYS A 307 -16.43 27.42 23.56
N ILE A 308 -15.12 27.43 23.31
CA ILE A 308 -14.09 27.17 24.31
C ILE A 308 -14.18 28.10 25.56
N ILE A 309 -14.52 29.38 25.33
CA ILE A 309 -14.76 30.32 26.45
C ILE A 309 -15.96 29.83 27.28
N ALA A 310 -17.06 29.54 26.59
CA ALA A 310 -18.28 29.03 27.23
C ALA A 310 -18.04 27.75 28.05
N HIS A 311 -17.41 26.77 27.39
CA HIS A 311 -17.07 25.52 27.99
C HIS A 311 -16.30 25.84 29.25
N GLU A 312 -15.17 26.52 29.12
CA GLU A 312 -14.31 26.72 30.28
C GLU A 312 -14.99 27.53 31.38
N LEU A 313 -15.90 28.42 31.01
CA LEU A 313 -16.66 29.18 32.02
C LEU A 313 -17.71 28.32 32.74
N ALA A 314 -18.51 27.57 31.98
CA ALA A 314 -19.53 26.69 32.54
C ALA A 314 -18.97 25.77 33.62
N HIS A 315 -17.71 25.42 33.45
CA HIS A 315 -16.96 24.54 34.31
C HIS A 315 -16.66 25.20 35.66
N GLN A 316 -16.69 26.53 35.69
CA GLN A 316 -16.39 27.28 36.89
C GLN A 316 -17.39 26.82 37.93
N TRP A 317 -18.68 26.84 37.55
CA TRP A 317 -19.74 26.30 38.40
C TRP A 317 -19.79 24.75 38.43
N PHE A 318 -19.83 24.14 37.25
CA PHE A 318 -19.86 22.68 37.12
C PHE A 318 -18.48 22.15 37.04
N GLY A 319 -17.86 21.98 38.20
CA GLY A 319 -16.55 21.37 38.26
C GLY A 319 -15.67 21.92 39.35
N ASN A 320 -15.64 23.24 39.46
CA ASN A 320 -14.83 23.92 40.46
C ASN A 320 -15.59 24.19 41.76
N LEU A 321 -16.82 24.71 41.63
CA LEU A 321 -17.70 24.96 42.78
C LEU A 321 -18.31 23.65 43.30
N VAL A 322 -18.73 22.78 42.35
CA VAL A 322 -19.32 21.46 42.64
C VAL A 322 -18.52 20.36 41.92
N THR A 323 -17.49 19.87 42.61
CA THR A 323 -16.52 18.94 42.07
C THR A 323 -17.00 17.54 42.18
N MET A 324 -16.44 16.67 41.36
CA MET A 324 -16.73 15.25 41.46
C MET A 324 -15.79 14.48 42.43
N LYS A 325 -16.38 13.80 43.41
CA LYS A 325 -15.63 13.04 44.43
C LYS A 325 -14.42 12.29 43.85
N TRP A 326 -14.57 11.75 42.64
CA TRP A 326 -13.55 10.91 42.01
C TRP A 326 -13.67 10.98 40.48
N TRP A 327 -12.66 10.48 39.77
CA TRP A 327 -12.55 10.66 38.33
C TRP A 327 -13.59 9.93 37.45
N ASN A 328 -14.30 8.97 38.06
CA ASN A 328 -15.29 8.15 37.34
C ASN A 328 -16.55 8.93 36.92
N ASP A 329 -16.71 10.10 37.51
CA ASP A 329 -17.80 11.00 37.16
C ASP A 329 -17.39 12.26 36.29
N LEU A 330 -16.21 12.21 35.66
CA LEU A 330 -15.70 13.33 34.92
C LEU A 330 -16.66 13.76 33.81
N TRP A 331 -17.21 12.76 33.12
CA TRP A 331 -18.15 12.94 32.01
C TRP A 331 -19.34 13.80 32.38
N LEU A 332 -19.66 13.81 33.65
CA LEU A 332 -20.78 14.63 34.15
C LEU A 332 -20.45 16.12 34.05
N ASN A 333 -19.24 16.47 34.47
CA ASN A 333 -18.80 17.89 34.48
C ASN A 333 -18.48 18.42 33.04
N GLU A 334 -17.83 17.56 32.26
CA GLU A 334 -17.45 17.81 30.88
C GLU A 334 -18.64 17.67 29.99
N GLY A 335 -19.57 16.81 30.40
CA GLY A 335 -20.81 16.65 29.69
C GLY A 335 -21.61 17.92 29.82
N PHE A 336 -21.69 18.43 31.06
CA PHE A 336 -22.40 19.66 31.36
C PHE A 336 -21.81 20.91 30.68
N ALA A 337 -20.48 21.02 30.78
CA ALA A 337 -19.76 22.06 30.09
C ALA A 337 -20.02 21.95 28.60
N THR A 338 -19.81 20.77 28.03
CA THR A 338 -20.09 20.59 26.61
C THR A 338 -21.56 20.87 26.21
N PHE A 339 -22.48 20.87 27.16
CA PHE A 339 -23.89 21.15 26.85
C PHE A 339 -24.15 22.64 26.89
N MET A 340 -23.72 23.29 27.97
CA MET A 340 -23.80 24.73 28.12
C MET A 340 -23.02 25.43 26.98
N GLU A 341 -22.04 24.70 26.46
CA GLU A 341 -21.24 25.16 25.36
C GLU A 341 -22.21 25.54 24.28
N TYR A 342 -23.18 24.67 23.99
CA TYR A 342 -24.10 24.90 22.88
C TYR A 342 -25.42 25.60 23.30
N PHE A 343 -25.74 25.50 24.59
CA PHE A 343 -26.97 26.09 25.16
C PHE A 343 -26.84 27.59 25.22
N SER A 344 -25.90 28.03 26.04
CA SER A 344 -25.55 29.43 26.17
C SER A 344 -25.34 30.12 24.81
N LEU A 345 -24.88 29.35 23.84
CA LEU A 345 -24.63 29.95 22.57
C LEU A 345 -25.91 30.16 21.80
N GLU A 346 -26.98 29.42 22.13
CA GLU A 346 -28.26 29.61 21.42
C GLU A 346 -28.96 30.81 22.02
N LYS A 347 -28.80 30.94 23.33
CA LYS A 347 -29.35 32.05 24.06
C LYS A 347 -28.68 33.37 23.63
N ILE A 348 -27.35 33.46 23.74
CA ILE A 348 -26.63 34.69 23.38
C ILE A 348 -26.23 34.82 21.89
N PHE A 349 -25.62 33.78 21.31
CA PHE A 349 -25.09 33.89 19.94
C PHE A 349 -26.00 33.18 18.92
N LYS A 350 -27.31 33.38 19.11
CA LYS A 350 -28.28 32.70 18.26
C LYS A 350 -27.78 32.75 16.82
N GLU A 351 -27.22 33.90 16.44
CA GLU A 351 -26.73 34.21 15.06
C GLU A 351 -25.66 33.24 14.56
N LEU A 352 -24.91 32.61 15.49
CA LEU A 352 -23.89 31.61 15.12
C LEU A 352 -24.50 30.31 14.55
N SER A 353 -25.70 29.96 15.00
CA SER A 353 -26.36 28.66 14.64
C SER A 353 -25.59 27.43 15.13
N SER A 354 -24.99 27.55 16.30
CA SER A 354 -24.17 26.48 16.83
C SER A 354 -24.93 25.17 17.06
N TYR A 355 -26.26 25.21 17.09
CA TYR A 355 -27.05 23.98 17.13
C TYR A 355 -26.73 23.04 15.98
N GLU A 356 -26.21 23.59 14.89
CA GLU A 356 -25.80 22.83 13.71
C GLU A 356 -24.58 22.00 14.00
N ASP A 357 -23.68 22.58 14.79
CA ASP A 357 -22.47 21.91 15.16
C ASP A 357 -22.80 20.81 16.12
N PHE A 358 -23.54 21.19 17.16
CA PHE A 358 -24.06 20.23 18.17
C PHE A 358 -24.74 19.02 17.53
N LEU A 359 -25.59 19.26 16.51
CA LEU A 359 -26.25 18.17 15.78
C LEU A 359 -25.24 17.31 15.03
N ASP A 360 -24.15 17.89 14.54
CA ASP A 360 -23.18 17.07 13.86
C ASP A 360 -22.46 16.24 14.90
N ALA A 361 -22.01 16.90 15.94
CA ALA A 361 -21.28 16.24 16.98
C ALA A 361 -22.05 15.01 17.37
N ARG A 362 -23.34 15.19 17.60
CA ARG A 362 -24.17 14.12 18.08
C ARG A 362 -24.24 12.99 17.08
N PHE A 363 -24.33 13.31 15.80
CA PHE A 363 -24.35 12.30 14.73
C PHE A 363 -23.06 11.50 14.85
N LYS A 364 -21.94 12.22 14.79
CA LYS A 364 -20.62 11.59 14.89
C LYS A 364 -20.42 10.74 16.17
N THR A 365 -20.99 11.16 17.29
CA THR A 365 -20.90 10.39 18.54
C THR A 365 -21.59 9.02 18.45
N MET A 366 -22.91 9.04 18.09
CA MET A 366 -23.77 7.87 17.82
C MET A 366 -23.10 6.81 16.93
N LYS A 367 -22.43 7.25 15.90
CA LYS A 367 -21.70 6.38 15.00
C LYS A 367 -20.66 5.57 15.78
N LYS A 368 -19.88 6.25 16.63
CA LYS A 368 -18.78 5.65 17.35
C LYS A 368 -19.26 4.84 18.57
N ASP A 369 -20.41 5.25 19.09
CA ASP A 369 -21.07 4.58 20.23
C ASP A 369 -21.71 3.28 19.82
N SER A 370 -22.30 3.20 18.64
CA SER A 370 -22.98 1.98 18.15
C SER A 370 -22.02 0.81 17.90
N LEU A 371 -20.71 1.06 17.99
CA LEU A 371 -19.74 -0.01 17.76
C LEU A 371 -19.58 -0.91 19.00
N ASN A 372 -19.13 -2.16 18.79
CA ASN A 372 -18.90 -3.09 19.92
C ASN A 372 -17.79 -2.60 20.79
N SER A 373 -16.91 -1.78 20.23
CA SER A 373 -15.79 -1.25 20.97
C SER A 373 -16.18 -0.27 22.06
N SER A 374 -17.38 0.29 21.95
CA SER A 374 -17.91 1.29 22.86
C SER A 374 -18.12 0.70 24.24
N HIS A 375 -18.00 1.53 25.27
CA HIS A 375 -18.10 1.14 26.70
C HIS A 375 -19.04 2.17 27.36
N PRO A 376 -19.81 1.78 28.42
CA PRO A 376 -20.69 2.78 29.07
C PRO A 376 -19.94 3.94 29.73
N ILE A 377 -20.54 5.13 29.78
CA ILE A 377 -19.89 6.31 30.36
C ILE A 377 -19.62 6.22 31.84
N SER A 378 -20.45 5.46 32.52
CA SER A 378 -20.36 5.25 33.95
C SER A 378 -19.66 3.91 34.28
N SER A 379 -18.34 3.98 34.42
CA SER A 379 -17.48 2.82 34.73
C SER A 379 -16.69 2.95 36.06
N SER A 380 -16.17 1.83 36.56
CA SER A 380 -15.33 1.81 37.76
C SER A 380 -13.85 2.09 37.41
N VAL A 381 -13.33 3.22 37.90
CA VAL A 381 -11.96 3.68 37.58
C VAL A 381 -10.97 3.45 38.75
N GLN A 382 -9.96 2.62 38.53
CA GLN A 382 -8.99 2.26 39.59
C GLN A 382 -7.62 2.91 39.49
N SER A 383 -6.86 2.60 38.44
CA SER A 383 -5.49 3.11 38.36
C SER A 383 -5.36 4.35 37.46
N SER A 384 -4.17 4.96 37.45
CA SER A 384 -3.81 6.15 36.64
C SER A 384 -4.05 6.05 35.12
N GLU A 385 -4.08 4.81 34.59
CA GLU A 385 -4.41 4.53 33.17
C GLU A 385 -5.91 4.71 32.92
N GLN A 386 -6.72 4.08 33.78
CA GLN A 386 -8.17 4.22 33.74
C GLN A 386 -8.60 5.65 34.07
N ILE A 387 -7.77 6.37 34.81
CA ILE A 387 -8.00 7.79 35.07
C ILE A 387 -7.76 8.58 33.77
N GLU A 388 -6.61 8.40 33.13
CA GLU A 388 -6.36 9.05 31.82
C GLU A 388 -7.27 8.60 30.63
N GLU A 389 -7.89 7.41 30.77
CA GLU A 389 -8.89 6.86 29.83
C GLU A 389 -10.22 7.62 29.87
N MET A 390 -10.43 8.37 30.94
CA MET A 390 -11.68 9.09 31.17
C MET A 390 -11.74 10.42 30.40
N PHE A 391 -10.65 10.73 29.70
CA PHE A 391 -10.57 11.96 28.91
C PHE A 391 -10.86 11.70 27.43
N ASP A 392 -12.12 11.38 27.10
CA ASP A 392 -12.50 11.19 25.68
C ASP A 392 -13.85 11.81 25.29
N SER A 393 -13.81 12.55 24.19
CA SER A 393 -14.95 13.36 23.73
C SER A 393 -16.23 12.57 23.60
N LEU A 394 -16.08 11.27 23.30
CA LEU A 394 -17.24 10.37 23.19
C LEU A 394 -18.07 10.47 24.50
N SER A 395 -17.41 10.26 25.64
CA SER A 395 -18.09 10.37 26.92
C SER A 395 -18.67 11.78 27.12
N TYR A 396 -17.82 12.79 26.92
CA TYR A 396 -18.21 14.19 27.05
C TYR A 396 -19.46 14.43 26.20
N PHE A 397 -19.37 14.04 24.93
CA PHE A 397 -20.49 14.23 24.01
C PHE A 397 -21.75 13.36 24.25
N LYS A 398 -21.58 12.16 24.79
CA LYS A 398 -22.71 11.33 25.10
C LYS A 398 -23.45 11.99 26.23
N GLY A 399 -22.70 12.46 27.24
CA GLY A 399 -23.26 13.23 28.38
C GLY A 399 -24.06 14.45 27.92
N SER A 400 -23.36 15.29 27.15
CA SER A 400 -23.92 16.42 26.47
C SER A 400 -25.32 16.06 25.88
N SER A 401 -25.36 14.94 25.16
CA SER A 401 -26.53 14.48 24.46
C SER A 401 -27.61 14.09 25.44
N LEU A 402 -27.18 13.47 26.55
CA LEU A 402 -28.11 12.92 27.55
C LEU A 402 -28.82 14.03 28.30
N LEU A 403 -28.07 15.10 28.55
CA LEU A 403 -28.64 16.29 29.17
C LEU A 403 -29.62 17.05 28.25
N LEU A 404 -29.42 16.96 26.92
CA LEU A 404 -30.32 17.65 26.00
C LEU A 404 -31.61 16.85 25.96
N MET A 405 -31.45 15.55 25.88
CA MET A 405 -32.57 14.66 26.01
C MET A 405 -33.32 14.90 27.33
N LEU A 406 -32.61 15.20 28.42
CA LEU A 406 -33.31 15.49 29.68
C LEU A 406 -33.94 16.90 29.75
N LYS A 407 -33.20 17.89 29.25
CA LYS A 407 -33.68 19.28 29.08
C LYS A 407 -34.88 19.38 28.13
N THR A 408 -34.91 18.58 27.07
CA THR A 408 -36.12 18.58 26.23
C THR A 408 -37.30 17.81 26.80
N TYR A 409 -37.06 16.80 27.64
CA TYR A 409 -38.16 15.99 28.20
C TYR A 409 -38.87 16.78 29.31
N LEU A 410 -38.19 17.02 30.42
CA LEU A 410 -38.64 18.01 31.40
C LEU A 410 -38.66 19.40 30.74
N SER A 411 -39.25 20.40 31.39
CA SER A 411 -39.25 21.73 30.84
C SER A 411 -37.83 22.36 30.72
N GLU A 412 -37.72 23.44 29.97
CA GLU A 412 -36.51 24.25 29.97
C GLU A 412 -36.30 24.75 31.40
N ASP A 413 -37.41 25.20 32.00
CA ASP A 413 -37.43 25.87 33.30
C ASP A 413 -37.24 24.90 34.43
N VAL A 414 -37.72 23.66 34.21
CA VAL A 414 -37.55 22.59 35.21
C VAL A 414 -36.06 22.19 35.31
N PHE A 415 -35.40 22.13 34.15
CA PHE A 415 -33.99 21.78 34.07
C PHE A 415 -33.24 22.80 34.91
N GLN A 416 -33.43 24.09 34.58
CA GLN A 416 -32.76 25.17 35.27
C GLN A 416 -32.92 25.04 36.76
N HIS A 417 -34.16 24.90 37.24
CA HIS A 417 -34.35 24.88 38.70
C HIS A 417 -33.72 23.70 39.43
N ALA A 418 -33.55 22.58 38.72
CA ALA A 418 -32.81 21.43 39.26
C ALA A 418 -31.34 21.74 39.39
N VAL A 419 -30.83 22.42 38.35
CA VAL A 419 -29.44 22.86 38.23
C VAL A 419 -29.16 23.82 39.37
N VAL A 420 -30.04 24.81 39.48
CA VAL A 420 -29.92 25.87 40.49
C VAL A 420 -29.89 25.24 41.89
N LEU A 421 -30.80 24.28 42.10
CA LEU A 421 -30.88 23.56 43.36
C LEU A 421 -29.63 22.72 43.56
N TYR A 422 -29.23 21.99 42.50
CA TYR A 422 -28.05 21.13 42.56
C TYR A 422 -26.83 21.86 43.13
N LEU A 423 -26.41 22.93 42.43
CA LEU A 423 -25.22 23.70 42.79
C LEU A 423 -25.32 24.30 44.21
N HIS A 424 -26.39 25.04 44.45
CA HIS A 424 -26.62 25.70 45.74
C HIS A 424 -26.44 24.75 46.92
N ASN A 425 -27.04 23.57 46.81
CA ASN A 425 -27.08 22.55 47.85
C ASN A 425 -25.71 21.91 48.08
N HIS A 426 -24.92 21.86 47.01
CA HIS A 426 -23.65 21.13 47.05
C HIS A 426 -22.39 21.95 46.85
N SER A 427 -22.52 23.29 46.83
CA SER A 427 -21.37 24.19 46.66
C SER A 427 -20.20 23.81 47.57
N TYR A 428 -18.97 23.95 47.06
CA TYR A 428 -17.72 23.68 47.83
C TYR A 428 -17.63 22.26 48.43
N ALA A 429 -18.41 21.33 47.88
CA ALA A 429 -18.40 19.93 48.27
C ALA A 429 -18.06 19.04 47.06
N SER A 430 -17.79 17.76 47.36
CA SER A 430 -17.48 16.76 46.36
C SER A 430 -18.73 15.92 46.12
N ILE A 431 -18.99 15.58 44.87
CA ILE A 431 -20.26 14.97 44.48
C ILE A 431 -20.08 13.61 43.78
N GLN A 432 -21.15 12.81 43.80
CA GLN A 432 -21.25 11.57 43.06
C GLN A 432 -22.26 11.83 41.92
N SER A 433 -22.12 11.13 40.81
CA SER A 433 -23.04 11.28 39.67
C SER A 433 -24.51 11.41 40.05
N ASP A 434 -25.01 10.44 40.84
CA ASP A 434 -26.42 10.38 41.29
C ASP A 434 -26.93 11.69 41.92
N ASP A 435 -26.09 12.34 42.73
CA ASP A 435 -26.54 13.54 43.42
C ASP A 435 -27.27 14.49 42.45
N LEU A 436 -26.84 14.53 41.18
CA LEU A 436 -27.44 15.45 40.23
C LEU A 436 -28.84 14.97 39.93
N TRP A 437 -28.97 13.65 39.77
CA TRP A 437 -30.26 13.06 39.41
C TRP A 437 -31.27 13.26 40.56
N ASP A 438 -30.76 13.16 41.79
CA ASP A 438 -31.54 13.41 42.97
C ASP A 438 -32.08 14.84 42.98
N SER A 439 -31.30 15.79 42.51
CA SER A 439 -31.80 17.18 42.43
C SER A 439 -32.88 17.27 41.37
N PHE A 440 -32.71 16.50 40.31
CA PHE A 440 -33.74 16.42 39.30
C PHE A 440 -34.99 15.72 39.84
N ASN A 441 -34.79 14.71 40.68
CA ASN A 441 -35.89 13.97 41.29
C ASN A 441 -36.79 14.90 42.03
N GLU A 442 -36.23 15.72 42.92
CA GLU A 442 -37.07 16.62 43.73
C GLU A 442 -37.79 17.73 42.98
N VAL A 443 -37.16 18.35 41.98
CA VAL A 443 -37.91 19.37 41.26
C VAL A 443 -39.10 18.82 40.46
N THR A 444 -39.14 17.50 40.21
CA THR A 444 -40.27 16.84 39.49
C THR A 444 -41.42 16.40 40.43
N ASN A 445 -41.34 16.78 41.72
CA ASN A 445 -42.31 16.40 42.78
C ASN A 445 -42.48 14.86 42.85
N GLN A 446 -41.40 14.14 42.60
CA GLN A 446 -41.38 12.67 42.51
C GLN A 446 -42.35 12.05 41.47
N THR A 447 -42.75 12.85 40.47
CA THR A 447 -43.56 12.40 39.33
C THR A 447 -42.78 11.45 38.35
N LEU A 448 -41.45 11.61 38.32
CA LEU A 448 -40.57 10.76 37.51
C LEU A 448 -39.52 10.28 38.45
N ASP A 449 -38.64 9.41 37.97
CA ASP A 449 -37.47 9.09 38.77
C ASP A 449 -36.22 9.86 38.30
N VAL A 450 -36.03 9.93 36.99
CA VAL A 450 -34.84 10.54 36.41
C VAL A 450 -33.57 9.74 36.72
N LYS A 451 -33.26 9.51 37.99
CA LYS A 451 -32.14 8.63 38.33
C LYS A 451 -32.30 7.24 37.64
N ARG A 452 -33.44 6.60 37.88
CA ARG A 452 -33.73 5.33 37.23
C ARG A 452 -33.54 5.47 35.71
N MET A 453 -34.15 6.53 35.15
CA MET A 453 -34.17 6.81 33.72
C MET A 453 -32.80 7.02 33.14
N MET A 454 -32.06 7.96 33.72
CA MET A 454 -30.71 8.27 33.26
C MET A 454 -29.79 7.07 33.38
N LYS A 455 -29.92 6.31 34.47
CA LYS A 455 -29.05 5.16 34.69
C LYS A 455 -29.11 4.13 33.57
N THR A 456 -30.25 4.00 32.89
CA THR A 456 -30.35 3.06 31.75
C THR A 456 -29.42 3.51 30.64
N TRP A 457 -29.17 4.83 30.53
CA TRP A 457 -28.30 5.45 29.47
C TRP A 457 -26.83 5.40 29.88
N THR A 458 -26.57 5.88 31.09
CA THR A 458 -25.25 5.93 31.68
C THR A 458 -24.60 4.53 31.91
N LEU A 459 -25.36 3.53 32.37
CA LEU A 459 -24.78 2.18 32.62
C LEU A 459 -24.65 1.22 31.40
N GLN A 460 -25.28 1.55 30.28
CA GLN A 460 -25.26 0.68 29.10
C GLN A 460 -24.50 1.37 27.97
N LYS A 461 -23.80 0.56 27.18
CA LYS A 461 -23.11 1.07 26.02
C LYS A 461 -24.09 1.27 24.90
N GLY A 462 -23.79 2.19 24.02
CA GLY A 462 -24.63 2.37 22.86
C GLY A 462 -25.91 3.07 23.19
N PHE A 463 -26.83 3.00 22.22
CA PHE A 463 -28.12 3.65 22.27
C PHE A 463 -29.19 2.71 21.67
N PRO A 464 -30.48 2.94 21.93
CA PRO A 464 -31.49 2.10 21.31
C PRO A 464 -31.90 2.48 19.87
N LEU A 465 -32.38 1.49 19.11
CA LEU A 465 -33.07 1.68 17.85
C LEU A 465 -34.60 1.56 18.11
N VAL A 466 -35.33 2.68 18.03
CA VAL A 466 -36.79 2.67 18.16
C VAL A 466 -37.48 2.35 16.83
N THR A 467 -38.31 1.32 16.75
CA THR A 467 -39.09 1.06 15.52
C THR A 467 -40.55 1.52 15.67
N VAL A 468 -41.08 2.08 14.59
CA VAL A 468 -42.37 2.77 14.56
C VAL A 468 -43.24 2.22 13.43
N GLN A 469 -44.50 2.00 13.76
CA GLN A 469 -45.53 1.48 12.84
C GLN A 469 -46.85 2.22 13.12
N LYS A 470 -47.45 2.81 12.08
CA LYS A 470 -48.75 3.46 12.23
C LYS A 470 -49.79 2.59 11.55
N LYS A 471 -50.82 2.24 12.33
CA LYS A 471 -52.04 1.54 11.87
C LYS A 471 -53.20 2.37 12.43
N GLY A 472 -53.81 3.21 11.58
CA GLY A 472 -54.95 4.03 11.99
C GLY A 472 -54.54 5.17 12.89
N LYS A 473 -55.16 5.25 14.06
CA LYS A 473 -54.81 6.26 15.08
C LYS A 473 -53.91 5.64 16.17
N GLU A 474 -53.30 4.49 15.83
CA GLU A 474 -52.44 3.77 16.76
C GLU A 474 -50.98 3.78 16.30
N LEU A 475 -50.13 4.40 17.11
CA LEU A 475 -48.70 4.48 16.85
C LEU A 475 -47.90 3.44 17.66
N PHE A 476 -47.38 2.38 17.00
CA PHE A 476 -46.70 1.27 17.70
C PHE A 476 -45.19 1.38 17.78
N ILE A 477 -44.73 1.53 19.01
CA ILE A 477 -43.33 1.69 19.32
C ILE A 477 -42.64 0.41 19.85
N GLN A 478 -41.39 0.18 19.43
CA GLN A 478 -40.60 -0.99 19.75
C GLN A 478 -39.21 -0.48 20.04
N GLN A 479 -38.52 -1.02 21.04
CA GLN A 479 -37.12 -0.63 21.28
C GLN A 479 -36.20 -1.84 21.21
N GLU A 480 -34.92 -1.60 20.86
CA GLU A 480 -33.85 -2.60 20.75
C GLU A 480 -32.50 -1.92 20.59
N ARG A 481 -31.43 -2.56 21.07
CA ARG A 481 -30.07 -2.03 21.01
C ARG A 481 -29.67 -1.87 19.57
N PHE A 482 -29.12 -0.71 19.20
CA PHE A 482 -28.73 -0.49 17.80
C PHE A 482 -27.37 -1.13 17.63
N PHE A 483 -27.36 -2.37 17.15
CA PHE A 483 -26.11 -3.07 16.97
C PHE A 483 -25.92 -3.37 15.51
N LEU A 484 -24.71 -3.15 15.02
CA LEU A 484 -24.37 -3.46 13.63
C LEU A 484 -23.85 -4.88 13.44
N ASN A 485 -24.82 -5.76 13.17
CA ASN A 485 -24.66 -7.22 12.94
C ASN A 485 -23.51 -7.99 13.64
N MET A 486 -22.36 -8.15 12.93
CA MET A 486 -21.20 -8.95 13.40
C MET A 486 -21.52 -10.13 14.34
N SER A 493 -23.87 -12.43 22.97
CA SER A 493 -25.17 -11.84 22.63
C SER A 493 -26.12 -11.78 23.83
N ASP A 494 -26.63 -10.59 24.15
CA ASP A 494 -27.56 -10.43 25.27
C ASP A 494 -28.80 -9.56 24.98
N THR A 495 -29.80 -9.70 25.86
CA THR A 495 -31.04 -8.89 25.86
C THR A 495 -31.37 -8.32 27.28
N SER A 496 -30.39 -7.63 27.88
CA SER A 496 -30.59 -6.89 29.16
C SER A 496 -30.78 -5.43 28.84
N TYR A 497 -30.65 -5.11 27.55
CA TYR A 497 -30.73 -3.74 27.08
C TYR A 497 -32.17 -3.18 27.07
N LEU A 498 -32.46 -2.26 27.99
CA LEU A 498 -33.71 -1.52 27.97
C LEU A 498 -33.51 -0.11 28.50
N TRP A 499 -33.85 0.87 27.67
CA TRP A 499 -33.59 2.28 27.97
C TRP A 499 -34.90 2.99 28.26
N HIS A 500 -34.91 3.89 29.22
CA HIS A 500 -36.12 4.68 29.42
C HIS A 500 -36.07 5.85 28.43
N ILE A 501 -36.86 5.75 27.37
CA ILE A 501 -36.73 6.63 26.22
C ILE A 501 -37.80 7.71 26.17
N PRO A 502 -37.41 8.99 26.26
CA PRO A 502 -38.39 10.05 26.03
C PRO A 502 -38.61 10.22 24.54
N LEU A 503 -39.67 9.60 24.05
CA LEU A 503 -40.07 9.71 22.66
C LEU A 503 -40.88 11.00 22.45
N SER A 504 -40.40 11.87 21.58
CA SER A 504 -41.20 12.99 21.11
C SER A 504 -41.74 12.59 19.73
N TYR A 505 -42.86 13.16 19.34
CA TYR A 505 -43.35 12.90 17.99
C TYR A 505 -44.07 14.10 17.39
N VAL A 506 -44.00 14.23 16.07
CA VAL A 506 -44.69 15.31 15.34
C VAL A 506 -45.50 14.76 14.15
N THR A 507 -46.68 15.35 13.89
CA THR A 507 -47.69 14.87 12.92
C THR A 507 -48.46 15.96 12.15
N GLU A 508 -49.06 15.59 11.03
CA GLU A 508 -49.87 16.51 10.24
C GLU A 508 -51.15 15.78 9.87
N GLY A 509 -52.27 16.42 10.23
CA GLY A 509 -53.55 15.72 10.24
C GLY A 509 -54.53 16.06 9.15
N ARG A 510 -55.71 16.53 9.60
CA ARG A 510 -56.79 16.88 8.69
C ARG A 510 -56.35 18.23 8.09
N ASN A 511 -55.70 18.09 6.91
CA ASN A 511 -55.09 19.20 6.14
C ASN A 511 -54.36 20.27 6.98
N TYR A 512 -53.05 20.01 7.21
CA TYR A 512 -52.14 20.94 7.91
C TYR A 512 -52.51 21.13 9.38
N SER A 513 -53.02 20.04 9.95
CA SER A 513 -53.31 19.95 11.37
C SER A 513 -52.04 19.46 12.09
N LYS A 514 -51.13 20.41 12.30
CA LYS A 514 -49.86 20.20 13.03
C LYS A 514 -50.09 19.87 14.51
N TYR A 515 -49.57 18.74 14.97
CA TYR A 515 -49.71 18.31 16.35
C TYR A 515 -48.38 17.73 16.87
N GLN A 516 -48.07 17.96 18.14
CA GLN A 516 -46.93 17.28 18.74
C GLN A 516 -47.07 16.96 20.22
N SER A 517 -46.47 15.86 20.65
CA SER A 517 -46.51 15.42 22.05
C SER A 517 -45.22 14.66 22.48
N VAL A 518 -45.23 14.07 23.67
CA VAL A 518 -44.10 13.26 24.15
C VAL A 518 -44.57 12.12 25.10
N SER A 519 -43.91 10.96 25.07
CA SER A 519 -44.25 9.82 25.92
C SER A 519 -43.04 8.91 26.21
N LEU A 520 -42.94 8.46 27.46
CA LEU A 520 -41.82 7.63 27.95
C LEU A 520 -41.96 6.14 27.61
N LEU A 521 -40.94 5.56 26.99
CA LEU A 521 -41.05 4.18 26.61
C LEU A 521 -40.07 3.49 27.53
N ASP A 522 -40.61 3.01 28.63
CA ASP A 522 -39.83 2.30 29.62
C ASP A 522 -39.88 0.80 29.39
N LYS A 523 -40.61 0.36 28.36
CA LYS A 523 -40.78 -1.08 28.07
C LYS A 523 -40.38 -1.42 26.64
N LYS A 524 -40.16 -2.71 26.36
CA LYS A 524 -39.69 -3.21 25.06
C LYS A 524 -40.68 -2.92 23.94
N SER A 525 -41.91 -2.53 24.31
CA SER A 525 -42.96 -2.22 23.34
C SER A 525 -44.06 -1.39 23.98
N GLY A 526 -44.87 -0.75 23.13
CA GLY A 526 -45.94 0.15 23.57
C GLY A 526 -46.73 0.70 22.38
N VAL A 527 -47.62 1.65 22.68
CA VAL A 527 -48.49 2.21 21.65
C VAL A 527 -48.97 3.58 22.07
N ILE A 528 -48.88 4.52 21.14
CA ILE A 528 -49.38 5.87 21.34
C ILE A 528 -50.70 6.02 20.58
N ASN A 529 -51.68 6.56 21.27
CA ASN A 529 -52.98 6.84 20.70
C ASN A 529 -52.95 8.23 20.09
N LEU A 530 -53.09 8.28 18.78
CA LEU A 530 -53.10 9.55 18.06
C LEU A 530 -54.51 10.11 18.08
N THR A 531 -54.60 11.42 18.35
CA THR A 531 -55.86 12.16 18.38
C THR A 531 -56.69 12.04 17.09
N GLU A 532 -56.02 11.87 15.93
CA GLU A 532 -56.69 11.67 14.64
C GLU A 532 -55.80 10.95 13.66
N GLU A 533 -56.37 10.50 12.54
CA GLU A 533 -55.59 9.90 11.44
C GLU A 533 -54.58 10.91 10.84
N VAL A 534 -53.35 10.47 10.55
CA VAL A 534 -52.30 11.41 10.12
C VAL A 534 -51.68 11.02 8.78
N LEU A 535 -51.32 12.03 7.98
CA LEU A 535 -50.62 11.81 6.71
C LEU A 535 -49.22 11.23 6.87
N TRP A 536 -48.49 11.72 7.87
CA TRP A 536 -47.14 11.25 8.21
C TRP A 536 -46.88 11.42 9.68
N VAL A 537 -45.81 10.81 10.17
CA VAL A 537 -45.43 10.91 11.59
C VAL A 537 -43.91 10.91 11.67
N LYS A 538 -43.38 11.78 12.52
CA LYS A 538 -41.92 11.86 12.69
C LYS A 538 -41.61 11.73 14.15
N VAL A 539 -40.78 10.75 14.51
CA VAL A 539 -40.40 10.57 15.93
C VAL A 539 -39.05 11.24 16.18
N ASN A 540 -38.81 11.66 17.44
CA ASN A 540 -37.55 12.33 17.85
C ASN A 540 -37.42 13.73 17.20
N ILE A 541 -38.24 14.65 17.69
CA ILE A 541 -38.29 16.01 17.16
C ILE A 541 -36.96 16.72 17.36
N ASN A 542 -36.27 17.02 16.26
CA ASN A 542 -35.02 17.77 16.30
C ASN A 542 -33.86 16.93 16.80
N MET A 543 -34.03 15.63 16.68
CA MET A 543 -33.12 14.62 17.21
C MET A 543 -32.61 15.00 18.58
N ASN A 544 -33.53 15.43 19.44
CA ASN A 544 -33.28 15.82 20.85
C ASN A 544 -33.16 14.58 21.75
N GLY A 545 -33.43 13.41 21.18
CA GLY A 545 -33.27 12.20 21.93
C GLY A 545 -32.13 11.42 21.34
N TYR A 546 -31.28 10.86 22.22
CA TYR A 546 -30.12 10.10 21.81
C TYR A 546 -30.48 8.71 21.26
N TYR A 547 -31.31 8.64 20.20
CA TYR A 547 -31.64 7.37 19.53
C TYR A 547 -31.90 7.52 18.05
N ILE A 548 -31.79 6.40 17.34
CA ILE A 548 -32.18 6.23 15.94
C ILE A 548 -33.60 5.66 15.86
N VAL A 549 -34.41 6.21 14.94
CA VAL A 549 -35.77 5.65 14.67
C VAL A 549 -35.90 5.07 13.29
N HIS A 550 -36.40 3.84 13.26
CA HIS A 550 -36.73 3.10 12.04
C HIS A 550 -38.22 3.09 11.94
N TYR A 551 -38.73 3.08 10.71
CA TYR A 551 -40.15 3.22 10.40
C TYR A 551 -40.56 2.02 9.58
N ALA A 552 -41.84 1.66 9.65
CA ALA A 552 -42.42 0.65 8.77
C ALA A 552 -42.48 1.24 7.35
N ASP A 553 -42.25 0.36 6.37
CA ASP A 553 -42.17 0.71 4.95
C ASP A 553 -43.10 1.87 4.55
N ASP A 554 -44.39 1.78 4.86
CA ASP A 554 -45.30 2.84 4.48
C ASP A 554 -45.12 4.15 5.28
N ASP A 555 -44.60 4.06 6.50
CA ASP A 555 -44.33 5.26 7.27
C ASP A 555 -43.10 6.03 6.80
N TRP A 556 -42.08 5.30 6.34
CA TRP A 556 -40.92 5.90 5.71
C TRP A 556 -41.41 6.65 4.47
N GLU A 557 -42.17 5.95 3.63
CA GLU A 557 -42.68 6.53 2.41
C GLU A 557 -43.53 7.78 2.74
N ALA A 558 -44.29 7.71 3.82
CA ALA A 558 -45.08 8.87 4.23
C ALA A 558 -44.20 10.10 4.44
N LEU A 559 -42.97 9.89 4.92
CA LEU A 559 -41.97 10.98 5.12
C LEU A 559 -41.22 11.32 3.80
N ILE A 560 -40.83 10.28 3.06
CA ILE A 560 -40.16 10.45 1.80
C ILE A 560 -41.06 11.24 0.85
N HIS A 561 -42.34 10.92 0.83
CA HIS A 561 -43.26 11.66 -0.01
C HIS A 561 -43.48 13.09 0.50
N GLN A 562 -43.55 13.28 1.82
CA GLN A 562 -43.76 14.64 2.35
C GLN A 562 -42.63 15.58 1.94
N LEU A 563 -41.39 15.10 2.06
CA LEU A 563 -40.23 15.94 1.80
C LEU A 563 -40.26 16.41 0.35
N LYS A 564 -40.85 15.58 -0.50
CA LYS A 564 -40.96 15.90 -1.91
C LYS A 564 -42.03 16.98 -2.18
N ILE A 565 -43.10 16.98 -1.37
CA ILE A 565 -44.20 17.96 -1.46
C ILE A 565 -43.87 19.26 -0.74
N ASN A 566 -43.65 19.19 0.56
CA ASN A 566 -43.14 20.34 1.28
C ASN A 566 -42.25 19.91 2.45
N PRO A 567 -40.92 20.05 2.29
CA PRO A 567 -40.04 19.58 3.38
C PRO A 567 -40.08 20.53 4.56
N TYR A 568 -40.63 21.73 4.33
CA TYR A 568 -40.51 22.78 5.33
C TYR A 568 -41.49 22.68 6.44
N VAL A 569 -42.33 21.66 6.35
CA VAL A 569 -43.23 21.28 7.44
C VAL A 569 -42.43 20.72 8.65
N LEU A 570 -41.16 20.40 8.40
CA LEU A 570 -40.22 19.83 9.35
C LEU A 570 -39.07 20.78 9.50
N SER A 571 -38.39 20.71 10.64
CA SER A 571 -37.22 21.55 10.88
C SER A 571 -35.99 21.06 10.10
N ASP A 572 -34.96 21.93 10.06
CA ASP A 572 -33.72 21.58 9.40
C ASP A 572 -33.06 20.45 10.19
N LYS A 573 -33.26 20.46 11.51
CA LYS A 573 -32.79 19.41 12.41
C LYS A 573 -33.42 18.04 12.09
N ASP A 574 -34.76 17.96 12.05
CA ASP A 574 -35.48 16.71 11.74
C ASP A 574 -35.05 16.20 10.36
N ARG A 575 -34.94 17.13 9.40
CA ARG A 575 -34.67 16.77 8.02
C ARG A 575 -33.25 16.22 7.92
N ALA A 576 -32.36 16.68 8.80
CA ALA A 576 -30.97 16.27 8.75
C ALA A 576 -30.95 14.88 9.36
N ASN A 577 -31.74 14.78 10.42
CA ASN A 577 -31.91 13.56 11.21
C ASN A 577 -32.35 12.41 10.31
N LEU A 578 -33.39 12.65 9.49
CA LEU A 578 -33.89 11.62 8.58
C LEU A 578 -32.81 11.19 7.61
N ILE A 579 -32.08 12.17 7.09
CA ILE A 579 -30.97 11.90 6.15
C ILE A 579 -29.91 11.03 6.80
N ASN A 580 -29.55 11.34 8.06
CA ASN A 580 -28.59 10.52 8.84
C ASN A 580 -29.07 9.10 9.04
N ASN A 581 -30.24 8.98 9.68
CA ASN A 581 -30.84 7.71 10.06
C ASN A 581 -31.03 6.73 8.86
N ILE A 582 -31.56 7.20 7.75
CA ILE A 582 -31.88 6.32 6.65
C ILE A 582 -30.58 5.73 6.15
N PHE A 583 -29.53 6.53 6.16
CA PHE A 583 -28.23 6.06 5.64
C PHE A 583 -27.59 5.09 6.64
N GLU A 584 -27.78 5.36 7.93
CA GLU A 584 -27.28 4.45 8.97
C GLU A 584 -28.05 3.14 8.90
N LEU A 585 -29.38 3.22 8.81
CA LEU A 585 -30.23 2.04 8.66
C LEU A 585 -29.96 1.27 7.35
N ALA A 586 -29.39 1.92 6.35
CA ALA A 586 -29.08 1.22 5.13
C ALA A 586 -27.84 0.41 5.42
N GLY A 587 -27.01 0.94 6.33
CA GLY A 587 -25.76 0.29 6.71
C GLY A 587 -26.03 -0.98 7.46
N LEU A 588 -26.84 -0.88 8.52
CA LEU A 588 -27.37 -2.03 9.22
C LEU A 588 -28.04 -3.02 8.25
N GLY A 589 -28.88 -2.49 7.32
CA GLY A 589 -29.61 -3.27 6.29
C GLY A 589 -31.14 -3.23 6.42
N LYS A 590 -31.65 -2.57 7.45
CA LYS A 590 -33.08 -2.50 7.70
C LYS A 590 -33.83 -1.73 6.64
N VAL A 591 -33.10 -1.26 5.63
CA VAL A 591 -33.65 -0.45 4.56
C VAL A 591 -32.65 -0.58 3.43
N PRO A 592 -33.13 -0.63 2.17
CA PRO A 592 -32.21 -0.72 1.06
C PRO A 592 -31.53 0.61 0.84
N LEU A 593 -30.28 0.59 0.39
CA LEU A 593 -29.60 1.81 0.00
C LEU A 593 -30.45 2.64 -0.99
N LYS A 594 -31.26 1.95 -1.82
CA LYS A 594 -32.22 2.61 -2.70
C LYS A 594 -33.06 3.62 -1.93
N ARG A 595 -33.73 3.18 -0.87
CA ARG A 595 -34.63 4.07 -0.13
C ARG A 595 -33.84 5.30 0.33
N ALA A 596 -32.57 5.09 0.71
CA ALA A 596 -31.68 6.14 1.20
C ALA A 596 -31.55 7.23 0.15
N PHE A 597 -31.29 6.80 -1.08
CA PHE A 597 -31.17 7.73 -2.18
C PHE A 597 -32.52 8.29 -2.60
N ASP A 598 -33.57 7.54 -2.29
CA ASP A 598 -34.94 7.97 -2.54
C ASP A 598 -35.33 9.15 -1.65
N LEU A 599 -35.09 9.02 -0.34
CA LEU A 599 -35.37 10.07 0.63
C LEU A 599 -34.67 11.37 0.28
N ILE A 600 -33.41 11.29 -0.15
CA ILE A 600 -32.65 12.53 -0.46
C ILE A 600 -32.93 13.24 -1.81
N ASN A 601 -33.74 12.61 -2.68
CA ASN A 601 -34.15 13.26 -3.95
C ASN A 601 -34.97 14.52 -3.75
N TYR A 602 -35.43 14.76 -2.53
CA TYR A 602 -36.07 16.01 -2.18
C TYR A 602 -35.14 17.25 -2.14
N LEU A 603 -33.85 17.01 -2.30
CA LEU A 603 -32.82 18.01 -1.99
C LEU A 603 -32.87 19.24 -2.87
N GLY A 604 -33.48 19.08 -4.06
CA GLY A 604 -33.65 20.20 -4.95
C GLY A 604 -34.21 21.46 -4.25
N ASN A 605 -35.09 21.26 -3.26
CA ASN A 605 -35.74 22.36 -2.54
C ASN A 605 -35.14 22.61 -1.18
N GLU A 606 -34.05 21.91 -0.87
CA GLU A 606 -33.41 22.11 0.45
C GLU A 606 -32.47 23.31 0.40
N ASN A 607 -32.71 24.30 1.27
CA ASN A 607 -31.93 25.55 1.29
C ASN A 607 -31.24 25.78 2.64
N HIS A 608 -31.50 24.89 3.59
CA HIS A 608 -30.84 24.87 4.89
C HIS A 608 -29.57 24.04 4.90
N THR A 609 -28.55 24.61 5.52
CA THR A 609 -27.23 24.01 5.48
C THR A 609 -27.18 22.59 6.13
N ALA A 610 -27.82 22.41 7.30
CA ALA A 610 -27.73 21.13 8.05
C ALA A 610 -28.06 19.88 7.26
N PRO A 611 -29.17 19.86 6.54
CA PRO A 611 -29.44 18.63 5.87
C PRO A 611 -28.50 18.42 4.68
N ILE A 612 -28.14 19.51 4.03
CA ILE A 612 -27.23 19.48 2.88
C ILE A 612 -25.85 18.98 3.29
N THR A 613 -25.32 19.48 4.41
CA THR A 613 -24.04 18.94 4.92
C THR A 613 -24.09 17.42 5.19
N GLU A 614 -25.15 16.93 5.88
CA GLU A 614 -25.27 15.51 6.19
C GLU A 614 -25.39 14.61 4.97
N ALA A 615 -26.14 15.05 3.99
CA ALA A 615 -26.26 14.35 2.76
C ALA A 615 -24.88 14.29 2.13
N LEU A 616 -24.11 15.38 2.27
CA LEU A 616 -22.79 15.48 1.64
C LEU A 616 -21.80 14.56 2.33
N PHE A 617 -21.86 14.56 3.67
CA PHE A 617 -21.07 13.65 4.53
C PHE A 617 -21.34 12.18 4.22
N GLN A 618 -22.60 11.77 4.27
CA GLN A 618 -22.98 10.42 3.78
C GLN A 618 -22.44 10.06 2.39
N THR A 619 -22.74 10.91 1.40
CA THR A 619 -22.32 10.64 0.02
C THR A 619 -20.81 10.71 -0.22
N ASP A 620 -20.10 11.60 0.50
CA ASP A 620 -18.64 11.55 0.40
C ASP A 620 -17.97 10.35 1.02
N LEU A 621 -18.59 9.82 2.09
CA LEU A 621 -18.14 8.59 2.71
C LEU A 621 -18.35 7.40 1.78
N ILE A 622 -19.53 7.29 1.17
CA ILE A 622 -19.75 6.19 0.25
C ILE A 622 -18.80 6.28 -0.95
N TYR A 623 -18.69 7.47 -1.54
CA TYR A 623 -17.82 7.75 -2.67
C TYR A 623 -16.40 7.28 -2.44
N ASN A 624 -15.83 7.69 -1.33
CA ASN A 624 -14.46 7.32 -0.96
C ASN A 624 -14.23 5.81 -0.71
N LEU A 625 -15.09 5.16 0.10
CA LEU A 625 -15.12 3.68 0.15
C LEU A 625 -15.12 2.93 -1.23
N LEU A 626 -16.01 3.34 -2.15
CA LEU A 626 -16.03 2.77 -3.49
C LEU A 626 -14.77 3.13 -4.27
N GLU A 627 -14.31 4.40 -4.13
CA GLU A 627 -13.12 4.91 -4.88
C GLU A 627 -11.93 4.04 -4.59
N LYS A 628 -11.82 3.65 -3.32
CA LYS A 628 -10.65 2.94 -2.87
C LYS A 628 -10.61 1.55 -3.38
N LEU A 629 -11.78 0.94 -3.59
CA LEU A 629 -11.84 -0.28 -4.40
C LEU A 629 -11.70 0.19 -5.83
N GLY A 630 -11.60 -0.72 -6.79
CA GLY A 630 -11.59 -0.19 -8.19
C GLY A 630 -12.88 0.43 -8.77
N TYR A 631 -13.92 0.68 -7.99
CA TYR A 631 -15.24 0.96 -8.59
C TYR A 631 -15.28 2.44 -8.73
N MET A 632 -14.82 2.92 -9.88
CA MET A 632 -14.66 4.39 -10.14
C MET A 632 -15.78 5.00 -10.95
N ASP A 633 -16.47 4.15 -11.70
CA ASP A 633 -17.65 4.55 -12.39
C ASP A 633 -18.72 4.72 -11.31
N LEU A 634 -18.92 3.73 -10.45
CA LEU A 634 -19.96 3.90 -9.46
C LEU A 634 -19.70 5.18 -8.65
N ALA A 635 -18.43 5.40 -8.31
CA ALA A 635 -18.07 6.52 -7.46
C ALA A 635 -18.45 7.79 -8.19
N SER A 636 -18.14 7.86 -9.48
CA SER A 636 -18.43 9.07 -10.31
C SER A 636 -19.94 9.26 -10.49
N ARG A 637 -20.65 8.15 -10.72
CA ARG A 637 -22.08 8.19 -10.91
C ARG A 637 -22.70 8.78 -9.66
N LEU A 638 -22.22 8.32 -8.52
CA LEU A 638 -22.70 8.78 -7.22
C LEU A 638 -22.58 10.31 -7.10
N VAL A 639 -21.43 10.84 -7.56
CA VAL A 639 -21.16 12.25 -7.36
C VAL A 639 -21.91 13.13 -8.35
N THR A 640 -21.98 12.70 -9.61
CA THR A 640 -22.84 13.44 -10.55
C THR A 640 -24.34 13.53 -10.12
N ARG A 641 -24.88 12.39 -9.62
CA ARG A 641 -26.23 12.25 -9.07
C ARG A 641 -26.51 13.28 -7.99
N VAL A 642 -25.56 13.40 -7.03
CA VAL A 642 -25.75 14.25 -5.86
C VAL A 642 -25.65 15.68 -6.35
N PHE A 643 -24.66 15.96 -7.22
CA PHE A 643 -24.48 17.27 -7.84
C PHE A 643 -25.73 17.76 -8.55
N LYS A 644 -26.41 16.85 -9.26
CA LYS A 644 -27.66 17.16 -9.92
C LYS A 644 -28.69 17.70 -8.93
N LEU A 645 -28.94 16.98 -7.82
CA LEU A 645 -29.86 17.48 -6.79
C LEU A 645 -29.50 18.86 -6.22
N LEU A 646 -28.22 19.18 -6.16
CA LEU A 646 -27.72 20.43 -5.54
C LEU A 646 -27.17 21.44 -6.57
N GLN A 647 -27.45 21.18 -7.85
CA GLN A 647 -26.94 22.00 -8.98
C GLN A 647 -27.26 23.45 -8.82
N ASN A 648 -28.52 23.76 -8.55
CA ASN A 648 -28.98 25.12 -8.34
C ASN A 648 -28.30 25.81 -7.17
N GLN A 649 -28.37 25.21 -5.99
CA GLN A 649 -27.77 25.79 -4.78
C GLN A 649 -26.26 26.00 -4.95
N ILE A 650 -25.63 25.13 -5.74
CA ILE A 650 -24.23 25.29 -6.06
C ILE A 650 -24.09 26.51 -6.99
N GLN A 651 -24.79 26.49 -8.14
CA GLN A 651 -24.76 27.62 -9.09
C GLN A 651 -25.16 28.94 -8.48
N GLN A 652 -25.88 28.92 -7.37
CA GLN A 652 -26.24 30.14 -6.59
C GLN A 652 -25.13 30.66 -5.63
N GLN A 653 -23.98 30.01 -5.59
CA GLN A 653 -23.01 30.45 -4.62
C GLN A 653 -22.10 31.58 -5.15
N THR A 654 -22.05 32.64 -4.37
CA THR A 654 -21.10 33.74 -4.59
C THR A 654 -19.78 33.45 -3.85
N TRP A 655 -18.63 33.66 -4.49
CA TRP A 655 -17.38 33.39 -3.78
C TRP A 655 -16.99 34.52 -2.86
N THR A 656 -17.67 34.63 -1.73
CA THR A 656 -17.51 35.77 -0.78
C THR A 656 -17.53 35.32 0.71
N ASP A 657 -17.74 36.27 1.64
CA ASP A 657 -17.95 35.97 3.06
C ASP A 657 -19.31 36.53 3.55
N GLU A 658 -20.19 36.89 2.62
CA GLU A 658 -21.45 37.54 3.00
C GLU A 658 -22.55 36.55 3.37
N GLY A 659 -23.35 36.91 4.38
CA GLY A 659 -24.48 36.10 4.84
C GLY A 659 -24.34 35.70 6.29
N THR A 660 -25.39 35.09 6.83
CA THR A 660 -25.34 34.54 8.18
C THR A 660 -24.30 33.43 8.26
N PRO A 661 -23.73 33.17 9.45
CA PRO A 661 -22.79 32.03 9.65
C PRO A 661 -23.27 30.69 9.05
N SER A 662 -24.54 30.38 9.26
CA SER A 662 -25.15 29.21 8.66
C SER A 662 -24.93 29.16 7.17
N MET A 663 -25.30 30.22 6.46
CA MET A 663 -25.26 30.17 4.99
C MET A 663 -23.86 30.36 4.48
N ARG A 664 -23.02 30.91 5.34
CA ARG A 664 -21.59 30.98 5.07
C ARG A 664 -20.98 29.59 5.06
N GLU A 665 -21.44 28.75 6.02
CA GLU A 665 -21.06 27.35 6.12
C GLU A 665 -21.58 26.54 4.93
N LEU A 666 -22.77 26.87 4.45
CA LEU A 666 -23.31 26.26 3.20
C LEU A 666 -22.46 26.54 1.96
N ARG A 667 -21.83 27.70 1.93
CA ARG A 667 -21.02 28.08 0.77
C ARG A 667 -19.78 27.22 0.77
N SER A 668 -19.12 27.13 1.94
CA SER A 668 -17.83 26.39 2.05
C SER A 668 -18.07 24.93 1.68
N ALA A 669 -19.23 24.40 2.10
CA ALA A 669 -19.63 23.04 1.81
C ALA A 669 -19.86 22.79 0.34
N LEU A 670 -20.75 23.58 -0.25
CA LEU A 670 -21.18 23.39 -1.65
C LEU A 670 -20.03 23.66 -2.62
N LEU A 671 -19.18 24.63 -2.26
CA LEU A 671 -18.06 24.94 -3.14
C LEU A 671 -16.96 23.92 -3.05
N GLU A 672 -16.71 23.37 -1.86
CA GLU A 672 -15.70 22.34 -1.72
C GLU A 672 -16.09 21.10 -2.48
N PHE A 673 -17.31 20.59 -2.24
CA PHE A 673 -17.84 19.45 -2.94
C PHE A 673 -17.56 19.66 -4.41
N ALA A 674 -18.17 20.69 -5.00
CA ALA A 674 -18.09 20.94 -6.42
C ALA A 674 -16.66 21.03 -6.97
N CYS A 675 -15.75 21.65 -6.20
CA CYS A 675 -14.38 21.76 -6.66
C CYS A 675 -13.68 20.42 -6.59
N THR A 676 -13.80 19.72 -5.45
CA THR A 676 -13.20 18.39 -5.28
C THR A 676 -13.41 17.55 -6.50
N HIS A 677 -14.66 17.52 -6.97
CA HIS A 677 -15.06 16.69 -8.10
C HIS A 677 -15.06 17.43 -9.43
N ASN A 678 -14.48 18.63 -9.47
CA ASN A 678 -14.43 19.46 -10.69
C ASN A 678 -15.75 19.46 -11.43
N LEU A 679 -16.76 20.09 -10.86
CA LEU A 679 -18.06 20.13 -11.49
C LEU A 679 -18.37 21.56 -11.92
N GLY A 680 -18.53 21.73 -13.22
CA GLY A 680 -18.96 23.01 -13.80
C GLY A 680 -17.99 24.17 -13.69
N ASN A 681 -18.47 25.27 -13.10
CA ASN A 681 -17.71 26.51 -12.96
C ASN A 681 -16.52 26.37 -11.92
N CYS A 682 -16.68 25.47 -10.94
CA CYS A 682 -15.93 25.55 -9.69
C CYS A 682 -14.44 25.69 -9.79
N SER A 683 -13.84 24.80 -10.58
CA SER A 683 -12.38 24.70 -10.71
C SER A 683 -11.82 26.00 -11.22
N THR A 684 -12.39 26.43 -12.36
CA THR A 684 -11.98 27.63 -13.10
C THR A 684 -12.07 28.92 -12.25
N THR A 685 -13.14 29.05 -11.46
CA THR A 685 -13.25 30.20 -10.61
C THR A 685 -12.21 30.25 -9.50
N ALA A 686 -11.97 29.10 -8.85
CA ALA A 686 -11.00 29.02 -7.79
C ALA A 686 -9.61 29.22 -8.35
N MET A 687 -9.35 28.70 -9.55
CA MET A 687 -8.04 28.81 -10.14
C MET A 687 -7.72 30.30 -10.44
N LYS A 688 -8.70 31.04 -10.96
CA LYS A 688 -8.56 32.47 -11.23
C LYS A 688 -8.27 33.20 -9.93
N LEU A 689 -9.05 32.90 -8.89
CA LEU A 689 -8.79 33.39 -7.55
C LEU A 689 -7.38 33.02 -7.04
N PHE A 690 -6.93 31.78 -7.30
CA PHE A 690 -5.61 31.32 -6.88
C PHE A 690 -4.51 32.12 -7.59
N ASP A 691 -4.57 32.13 -8.93
CA ASP A 691 -3.61 32.88 -9.75
C ASP A 691 -3.50 34.34 -9.28
N ASP A 692 -4.63 35.01 -9.15
CA ASP A 692 -4.60 36.38 -8.67
C ASP A 692 -3.87 36.46 -7.34
N TRP A 693 -4.22 35.57 -6.40
CA TRP A 693 -3.56 35.56 -5.08
C TRP A 693 -2.05 35.30 -5.16
N MET A 694 -1.66 34.33 -5.98
CA MET A 694 -0.24 34.00 -6.11
C MET A 694 0.44 35.26 -6.64
N ALA A 695 -0.16 35.83 -7.70
CA ALA A 695 0.35 37.02 -8.37
C ALA A 695 0.53 38.21 -7.43
N SER A 696 -0.29 38.32 -6.40
CA SER A 696 -0.05 39.33 -5.38
C SER A 696 1.05 39.00 -4.35
N ASN A 697 1.78 37.90 -4.58
CA ASN A 697 2.75 37.38 -3.59
C ASN A 697 1.99 37.05 -2.30
N GLY A 698 0.70 36.73 -2.45
CA GLY A 698 -0.12 36.30 -1.34
C GLY A 698 -0.55 37.45 -0.46
N THR A 699 -0.34 38.67 -0.96
CA THR A 699 -0.73 39.85 -0.23
C THR A 699 -2.21 40.21 -0.43
N GLN A 700 -2.88 39.61 -1.40
CA GLN A 700 -4.30 39.86 -1.62
C GLN A 700 -5.13 39.03 -0.64
N SER A 701 -6.20 39.59 -0.08
CA SER A 701 -7.04 38.81 0.85
C SER A 701 -8.01 37.97 0.06
N LEU A 702 -8.13 36.72 0.49
CA LEU A 702 -9.07 35.76 -0.10
C LEU A 702 -10.19 35.62 0.89
N PRO A 703 -11.42 35.44 0.40
CA PRO A 703 -12.49 35.32 1.37
C PRO A 703 -12.39 34.01 2.23
N THR A 704 -12.29 34.16 3.55
CA THR A 704 -12.16 33.02 4.47
C THR A 704 -13.03 31.81 4.08
N ASP A 705 -14.32 32.01 3.74
CA ASP A 705 -15.22 30.90 3.29
C ASP A 705 -14.74 30.09 2.07
N VAL A 706 -13.90 30.66 1.20
CA VAL A 706 -13.48 29.95 -0.04
C VAL A 706 -11.95 29.65 -0.08
N MET A 707 -11.28 29.87 1.04
CA MET A 707 -9.82 29.77 1.12
C MET A 707 -9.27 28.37 0.79
N THR A 708 -9.86 27.35 1.43
CA THR A 708 -9.30 26.02 1.42
C THR A 708 -9.52 25.48 0.02
N THR A 709 -10.76 25.61 -0.44
CA THR A 709 -11.12 25.28 -1.84
C THR A 709 -10.13 25.87 -2.85
N VAL A 710 -9.89 27.19 -2.76
CA VAL A 710 -8.99 27.91 -3.68
C VAL A 710 -7.57 27.33 -3.58
N PHE A 711 -7.06 27.23 -2.36
CA PHE A 711 -5.72 26.66 -2.13
C PHE A 711 -5.55 25.24 -2.71
N LYS A 712 -6.61 24.43 -2.67
CA LYS A 712 -6.53 23.03 -3.10
C LYS A 712 -6.27 22.99 -4.58
N VAL A 713 -7.10 23.72 -5.30
CA VAL A 713 -7.09 23.80 -6.78
C VAL A 713 -5.72 24.31 -7.21
N GLY A 714 -5.17 25.22 -6.40
CA GLY A 714 -3.84 25.73 -6.60
C GLY A 714 -2.79 24.64 -6.60
N ALA A 715 -2.71 23.95 -5.47
CA ALA A 715 -1.75 22.86 -5.19
C ALA A 715 -1.67 21.75 -6.23
N LYS A 716 -2.58 21.78 -7.20
CA LYS A 716 -2.68 20.75 -8.24
C LYS A 716 -1.68 21.01 -9.33
N THR A 717 -1.03 22.17 -9.27
CA THR A 717 0.10 22.54 -10.19
C THR A 717 1.36 22.70 -9.38
N ASP A 718 2.49 22.14 -9.84
CA ASP A 718 3.75 22.30 -9.14
C ASP A 718 3.93 23.73 -8.68
N LYS A 719 3.66 24.69 -9.58
CA LYS A 719 3.81 26.14 -9.28
C LYS A 719 3.01 26.50 -8.06
N GLY A 720 1.77 26.01 -8.02
CA GLY A 720 0.85 26.31 -6.93
C GLY A 720 1.34 25.68 -5.64
N TRP A 721 1.69 24.41 -5.77
CA TRP A 721 2.08 23.63 -4.63
C TRP A 721 3.28 24.35 -4.02
N SER A 722 4.25 24.70 -4.90
CA SER A 722 5.52 25.30 -4.49
C SER A 722 5.32 26.65 -3.84
N PHE A 723 4.48 27.48 -4.44
CA PHE A 723 4.21 28.77 -3.85
C PHE A 723 3.57 28.61 -2.47
N LEU A 724 2.59 27.70 -2.35
CA LEU A 724 1.91 27.42 -1.07
C LEU A 724 2.92 26.94 -0.03
N LEU A 725 3.69 25.93 -0.36
CA LEU A 725 4.77 25.54 0.55
C LEU A 725 5.59 26.76 1.03
N GLY A 726 5.96 27.63 0.07
CA GLY A 726 6.70 28.88 0.35
C GLY A 726 6.01 29.74 1.39
N LYS A 727 4.72 29.96 1.17
CA LYS A 727 3.92 30.77 2.07
C LYS A 727 3.72 30.07 3.39
N TYR A 728 3.73 28.73 3.41
CA TYR A 728 3.51 28.00 4.66
C TYR A 728 4.63 28.33 5.62
N ILE A 729 5.86 28.17 5.12
CA ILE A 729 7.03 28.48 5.96
C ILE A 729 7.18 30.00 6.32
N SER A 730 6.84 30.89 5.40
CA SER A 730 6.95 32.31 5.70
C SER A 730 5.89 32.88 6.66
N ILE A 731 4.60 32.85 6.29
CA ILE A 731 3.54 33.59 7.02
C ILE A 731 3.32 33.17 8.47
N GLY A 732 2.57 34.01 9.17
CA GLY A 732 2.40 33.90 10.61
C GLY A 732 1.01 33.56 11.11
N SER A 733 0.01 33.57 10.23
CA SER A 733 -1.34 33.11 10.62
C SER A 733 -1.46 31.57 10.60
N GLU A 734 -1.50 30.99 11.78
CA GLU A 734 -1.54 29.55 11.97
C GLU A 734 -2.76 28.95 11.27
N ALA A 735 -3.93 29.60 11.37
CA ALA A 735 -5.17 29.10 10.76
C ALA A 735 -5.13 29.07 9.23
N GLU A 736 -4.47 30.08 8.65
CA GLU A 736 -4.19 30.16 7.21
C GLU A 736 -3.15 29.09 6.81
N LYS A 737 -2.18 28.87 7.70
CA LYS A 737 -1.21 27.80 7.51
C LYS A 737 -1.89 26.42 7.45
N ASN A 738 -2.87 26.16 8.33
CA ASN A 738 -3.59 24.85 8.33
C ASN A 738 -4.37 24.64 7.04
N LYS A 739 -5.07 25.69 6.61
CA LYS A 739 -5.81 25.66 5.35
C LYS A 739 -4.85 25.46 4.16
N ILE A 740 -3.64 26.11 4.20
CA ILE A 740 -2.54 25.97 3.21
C ILE A 740 -2.04 24.54 3.15
N LEU A 741 -1.71 23.99 4.35
CA LEU A 741 -1.26 22.60 4.52
C LEU A 741 -2.29 21.58 3.95
N GLU A 742 -3.59 21.79 4.22
CA GLU A 742 -4.61 20.92 3.67
C GLU A 742 -4.49 20.75 2.17
N ALA A 743 -4.18 21.84 1.48
CA ALA A 743 -4.08 21.90 0.03
C ALA A 743 -2.87 21.14 -0.46
N LEU A 744 -1.74 21.40 0.20
CA LEU A 744 -0.48 20.72 -0.10
C LEU A 744 -0.69 19.19 -0.06
N ALA A 745 -1.29 18.75 1.04
CA ALA A 745 -1.59 17.34 1.35
C ALA A 745 -2.70 16.81 0.47
N SER A 746 -3.37 17.69 -0.25
CA SER A 746 -4.43 17.26 -1.17
C SER A 746 -3.95 17.11 -2.64
N SER A 747 -2.64 17.05 -2.81
CA SER A 747 -2.00 16.95 -4.12
C SER A 747 -2.18 15.52 -4.59
N GLU A 748 -1.96 15.27 -5.87
CA GLU A 748 -1.99 13.91 -6.36
C GLU A 748 -0.59 13.44 -6.75
N ASP A 749 0.44 14.20 -6.34
CA ASP A 749 1.85 13.82 -6.52
C ASP A 749 2.26 12.96 -5.32
N VAL A 750 2.20 11.66 -5.53
CA VAL A 750 2.45 10.71 -4.49
C VAL A 750 3.76 11.05 -3.75
N ARG A 751 4.75 11.56 -4.52
CA ARG A 751 6.08 11.90 -3.99
C ARG A 751 5.97 13.05 -3.06
N LYS A 752 5.22 14.06 -3.48
CA LYS A 752 5.02 15.22 -2.64
C LYS A 752 4.40 14.77 -1.33
N LEU A 753 3.36 13.94 -1.41
CA LEU A 753 2.65 13.46 -0.23
C LEU A 753 3.59 12.78 0.73
N TYR A 754 4.39 11.86 0.20
CA TYR A 754 5.36 11.16 1.00
C TYR A 754 6.20 12.14 1.75
N TRP A 755 6.80 13.09 1.01
CA TRP A 755 7.70 14.13 1.50
C TRP A 755 7.09 14.82 2.70
N LEU A 756 5.82 15.21 2.56
CA LEU A 756 5.05 15.94 3.57
C LEU A 756 4.95 15.14 4.82
N MET A 757 4.84 13.83 4.69
CA MET A 757 4.73 12.99 5.91
C MET A 757 6.07 12.87 6.54
N LYS A 758 7.05 12.40 5.76
CA LYS A 758 8.45 12.30 6.20
C LYS A 758 8.85 13.58 6.96
N SER A 759 8.68 14.74 6.33
CA SER A 759 9.02 16.03 6.89
C SER A 759 8.38 16.31 8.26
N SER A 760 7.12 15.95 8.44
CA SER A 760 6.43 16.27 9.67
C SER A 760 6.92 15.36 10.79
N LEU A 761 7.32 14.13 10.45
CA LEU A 761 7.82 13.23 11.47
C LEU A 761 9.22 13.68 11.92
N ASN A 762 9.97 14.30 11.01
CA ASN A 762 11.33 14.79 11.32
C ASN A 762 11.20 16.18 11.86
N GLY A 763 9.98 16.69 11.90
CA GLY A 763 9.70 18.01 12.47
C GLY A 763 10.29 19.09 11.61
N ASP A 764 10.66 18.72 10.38
CA ASP A 764 11.37 19.55 9.40
C ASP A 764 10.78 20.87 8.93
N ASN A 765 9.63 20.89 8.25
CA ASN A 765 9.11 22.22 7.83
C ASN A 765 7.76 22.37 8.43
N PHE A 766 7.28 21.28 8.99
CA PHE A 766 6.00 21.23 9.64
C PHE A 766 6.34 20.50 10.92
N ARG A 767 5.76 20.98 12.03
CA ARG A 767 5.97 20.37 13.34
C ARG A 767 5.20 19.07 13.50
N THR A 768 5.71 18.19 14.36
CA THR A 768 5.20 16.84 14.53
C THR A 768 3.73 16.76 14.98
N GLN A 769 3.27 17.84 15.61
CA GLN A 769 1.88 17.98 16.02
CA GLN A 769 1.88 18.00 16.03
C GLN A 769 0.93 17.96 14.81
N LYS A 770 1.45 18.28 13.63
CA LYS A 770 0.66 18.30 12.40
C LYS A 770 0.56 16.92 11.67
N LEU A 771 1.46 16.00 12.03
CA LEU A 771 1.59 14.68 11.44
C LEU A 771 0.28 13.90 11.23
N SER A 772 -0.56 13.80 12.26
CA SER A 772 -1.83 13.05 12.16
C SER A 772 -2.72 13.67 11.13
N PHE A 773 -2.71 15.01 11.07
CA PHE A 773 -3.54 15.77 10.15
C PHE A 773 -3.05 15.54 8.71
N ILE A 774 -1.75 15.33 8.57
CA ILE A 774 -1.20 15.09 7.26
C ILE A 774 -1.59 13.69 6.78
N ILE A 775 -1.40 12.70 7.66
CA ILE A 775 -1.78 11.30 7.43
C ILE A 775 -3.28 11.14 7.14
N ARG A 776 -4.11 11.82 7.93
CA ARG A 776 -5.57 11.83 7.72
C ARG A 776 -5.90 12.27 6.27
N THR A 777 -5.27 13.39 5.83
CA THR A 777 -5.50 14.05 4.55
C THR A 777 -4.96 13.27 3.39
N VAL A 778 -3.73 12.77 3.51
CA VAL A 778 -3.15 11.97 2.45
C VAL A 778 -3.98 10.72 2.22
N GLY A 779 -4.28 10.03 3.32
CA GLY A 779 -5.00 8.74 3.33
C GLY A 779 -6.40 8.74 2.78
N ARG A 780 -7.11 9.86 2.96
CA ARG A 780 -8.47 10.08 2.44
C ARG A 780 -8.58 9.99 0.89
N HIS A 781 -7.65 10.63 0.14
CA HIS A 781 -7.74 10.63 -1.35
CA HIS A 781 -7.71 10.65 -1.35
C HIS A 781 -6.92 9.49 -2.00
N PHE A 782 -7.29 9.13 -3.25
CA PHE A 782 -6.78 7.97 -3.97
C PHE A 782 -5.27 7.87 -4.11
N PRO A 783 -4.57 8.91 -4.62
CA PRO A 783 -3.13 8.72 -4.77
C PRO A 783 -2.40 8.49 -3.47
N GLY A 784 -2.95 8.95 -2.36
CA GLY A 784 -2.25 8.62 -1.11
C GLY A 784 -2.87 7.59 -0.18
N HIS A 785 -3.73 6.73 -0.67
CA HIS A 785 -4.52 5.91 0.23
C HIS A 785 -3.59 4.82 0.86
N LEU A 786 -2.93 4.04 0.00
CA LEU A 786 -2.06 2.96 0.43
C LEU A 786 -0.78 3.52 1.08
N LEU A 787 -0.30 4.66 0.54
CA LEU A 787 0.88 5.41 0.98
C LEU A 787 0.82 5.75 2.44
N ALA A 788 -0.28 6.39 2.83
CA ALA A 788 -0.51 6.84 4.21
C ALA A 788 -0.43 5.69 5.23
N TRP A 789 -1.03 4.55 4.91
CA TRP A 789 -1.08 3.38 5.76
C TRP A 789 0.30 2.69 5.84
N ASP A 790 1.01 2.64 4.71
CA ASP A 790 2.41 2.15 4.64
C ASP A 790 3.32 3.02 5.50
N PHE A 791 3.12 4.34 5.45
CA PHE A 791 3.96 5.27 6.22
C PHE A 791 3.76 4.98 7.71
N VAL A 792 2.50 4.88 8.11
CA VAL A 792 2.13 4.52 9.47
C VAL A 792 2.85 3.22 9.91
N LYS A 793 2.78 2.18 9.07
CA LYS A 793 3.35 0.87 9.31
C LYS A 793 4.86 0.94 9.55
N GLU A 794 5.58 1.49 8.58
CA GLU A 794 7.05 1.46 8.55
C GLU A 794 7.63 2.40 9.54
N ASN A 795 6.87 3.39 10.02
CA ASN A 795 7.40 4.43 10.92
C ASN A 795 6.80 4.30 12.29
N TRP A 796 6.15 3.15 12.50
CA TRP A 796 5.43 2.82 13.73
C TRP A 796 6.22 3.06 15.01
N ASN A 797 7.50 2.68 15.04
CA ASN A 797 8.24 2.85 16.30
C ASN A 797 8.58 4.31 16.56
N LYS A 798 8.95 5.02 15.50
CA LYS A 798 9.18 6.47 15.60
C LYS A 798 7.91 7.26 15.97
N LEU A 799 6.74 6.80 15.53
CA LEU A 799 5.47 7.45 15.84
C LEU A 799 5.16 7.25 17.27
N VAL A 800 5.20 5.97 17.69
CA VAL A 800 4.89 5.59 19.07
C VAL A 800 5.87 6.19 20.09
N GLN A 801 7.13 6.43 19.69
CA GLN A 801 8.05 7.22 20.52
C GLN A 801 7.50 8.63 20.67
N LYS A 802 7.11 9.26 19.55
CA LYS A 802 6.69 10.66 19.51
C LYS A 802 5.26 10.92 19.99
N PHE A 803 4.37 9.94 19.88
CA PHE A 803 3.05 10.02 20.53
C PHE A 803 2.81 8.72 21.25
N PRO A 804 2.59 8.80 22.56
CA PRO A 804 2.46 7.56 23.33
C PRO A 804 1.30 6.69 22.86
N LEU A 805 1.51 5.37 22.99
CA LEU A 805 0.55 4.36 22.57
C LEU A 805 -0.62 4.53 23.50
N GLY A 806 -1.64 5.22 23.01
CA GLY A 806 -2.82 5.45 23.84
C GLY A 806 -3.20 6.91 23.83
N SER A 807 -2.29 7.76 23.33
CA SER A 807 -2.62 9.17 23.08
C SER A 807 -3.76 9.28 22.06
N TYR A 808 -4.34 10.46 21.92
CA TYR A 808 -5.38 10.66 20.91
C TYR A 808 -4.76 10.69 19.51
N THR A 809 -3.51 11.15 19.38
CA THR A 809 -2.84 11.26 18.09
C THR A 809 -2.72 9.91 17.42
N ILE A 810 -2.20 8.93 18.15
CA ILE A 810 -2.02 7.59 17.61
C ILE A 810 -3.37 6.91 17.26
N GLN A 811 -4.41 7.22 18.01
CA GLN A 811 -5.77 6.76 17.71
C GLN A 811 -6.25 7.37 16.39
N ASN A 812 -6.01 8.67 16.27
CA ASN A 812 -6.29 9.43 15.08
C ASN A 812 -5.60 8.87 13.84
N ILE A 813 -4.32 8.54 14.00
CA ILE A 813 -3.50 7.99 12.94
C ILE A 813 -4.02 6.64 12.45
N VAL A 814 -4.16 5.68 13.37
CA VAL A 814 -4.71 4.34 13.09
C VAL A 814 -6.09 4.36 12.40
N ALA A 815 -6.99 5.20 12.91
CA ALA A 815 -8.31 5.44 12.30
C ALA A 815 -8.20 6.06 10.87
N GLY A 816 -7.49 7.19 10.80
CA GLY A 816 -7.32 7.93 9.58
C GLY A 816 -6.77 7.10 8.46
N SER A 817 -5.80 6.23 8.81
CA SER A 817 -5.06 5.45 7.80
C SER A 817 -5.72 4.17 7.37
N THR A 818 -6.68 3.70 8.17
CA THR A 818 -7.30 2.42 7.90
C THR A 818 -8.83 2.43 7.65
N TYR A 819 -9.54 3.48 8.08
CA TYR A 819 -11.01 3.46 8.08
C TYR A 819 -11.63 3.26 6.70
N LEU A 820 -10.88 3.48 5.62
CA LEU A 820 -11.45 3.38 4.27
C LEU A 820 -11.20 2.01 3.59
N PHE A 821 -10.60 1.05 4.34
CA PHE A 821 -10.38 -0.31 3.79
C PHE A 821 -11.67 -1.10 3.87
N SER A 822 -11.91 -1.96 2.88
CA SER A 822 -13.17 -2.72 2.86
C SER A 822 -13.03 -4.06 2.12
N THR A 823 -11.88 -4.71 2.32
CA THR A 823 -11.59 -6.07 1.82
C THR A 823 -11.01 -7.02 2.90
N LYS A 824 -11.30 -8.31 2.78
CA LYS A 824 -10.86 -9.33 3.78
C LYS A 824 -9.36 -9.30 3.82
N THR A 825 -8.77 -9.04 2.66
CA THR A 825 -7.34 -8.93 2.50
C THR A 825 -6.77 -7.78 3.38
N HIS A 826 -7.47 -6.67 3.41
CA HIS A 826 -6.95 -5.58 4.20
C HIS A 826 -7.15 -5.88 5.66
N LEU A 827 -8.30 -6.45 5.97
CA LEU A 827 -8.60 -6.89 7.33
C LEU A 827 -7.45 -7.81 7.82
N SER A 828 -7.06 -8.77 6.97
CA SER A 828 -5.98 -9.65 7.29
C SER A 828 -4.71 -8.86 7.56
N GLU A 829 -4.31 -8.03 6.60
CA GLU A 829 -3.09 -7.23 6.68
C GLU A 829 -3.06 -6.37 7.96
N VAL A 830 -4.14 -5.64 8.19
CA VAL A 830 -4.16 -4.74 9.30
C VAL A 830 -3.94 -5.53 10.56
N GLN A 831 -4.77 -6.54 10.80
CA GLN A 831 -4.65 -7.39 11.99
C GLN A 831 -3.23 -7.90 12.14
N ALA A 832 -2.74 -8.54 11.08
CA ALA A 832 -1.41 -9.12 11.06
C ALA A 832 -0.42 -8.15 11.66
N PHE A 833 -0.38 -6.94 11.12
CA PHE A 833 0.60 -5.93 11.52
C PHE A 833 0.59 -5.61 13.00
N PHE A 834 -0.57 -5.49 13.61
CA PHE A 834 -0.56 -5.20 15.01
C PHE A 834 -0.17 -6.44 15.86
N GLU A 835 -0.62 -7.63 15.41
CA GLU A 835 -0.19 -8.90 15.99
C GLU A 835 1.33 -9.00 15.90
N ASN A 836 1.92 -8.41 14.88
CA ASN A 836 3.37 -8.48 14.69
C ASN A 836 4.10 -7.48 15.55
N GLN A 837 3.37 -6.64 16.26
CA GLN A 837 4.03 -5.67 17.13
C GLN A 837 4.22 -6.32 18.49
N SER A 838 3.10 -6.64 19.11
CA SER A 838 3.04 -7.20 20.45
C SER A 838 1.57 -7.59 20.56
N GLU A 839 1.18 -8.12 21.72
CA GLU A 839 -0.24 -8.36 21.99
C GLU A 839 -0.88 -7.16 22.67
N ALA A 840 -0.09 -6.36 23.41
CA ALA A 840 -0.57 -5.13 24.09
C ALA A 840 -1.01 -4.02 23.13
N THR A 841 -0.31 -3.89 21.98
CA THR A 841 -0.69 -2.94 20.89
C THR A 841 -1.94 -3.46 20.15
N PHE A 842 -2.01 -4.76 19.90
CA PHE A 842 -3.13 -5.42 19.24
C PHE A 842 -4.41 -5.48 20.11
N ARG A 843 -4.29 -5.18 21.39
CA ARG A 843 -5.47 -5.23 22.26
C ARG A 843 -6.09 -3.84 22.44
N LEU A 844 -5.32 -2.81 22.10
CA LEU A 844 -5.80 -1.41 22.15
C LEU A 844 -7.15 -1.15 21.47
N ARG A 845 -8.01 -0.40 22.15
CA ARG A 845 -9.34 -0.09 21.63
C ARG A 845 -9.25 0.37 20.18
N CYS A 846 -8.35 1.32 19.90
CA CYS A 846 -8.23 1.90 18.57
C CYS A 846 -7.88 0.87 17.49
N VAL A 847 -7.15 -0.19 17.87
CA VAL A 847 -6.84 -1.30 16.95
C VAL A 847 -8.06 -2.22 16.72
N GLN A 848 -8.85 -2.36 17.77
CA GLN A 848 -10.03 -3.22 17.72
C GLN A 848 -11.18 -2.49 17.06
N GLU A 849 -11.21 -1.17 17.24
CA GLU A 849 -12.17 -0.27 16.54
C GLU A 849 -11.85 -0.30 15.05
N ALA A 850 -10.55 -0.22 14.74
CA ALA A 850 -10.04 -0.25 13.38
C ALA A 850 -10.57 -1.47 12.67
N LEU A 851 -10.31 -2.65 13.22
CA LEU A 851 -10.66 -3.90 12.57
C LEU A 851 -12.19 -4.12 12.56
N GLU A 852 -12.89 -3.52 13.52
CA GLU A 852 -14.35 -3.63 13.56
C GLU A 852 -14.93 -2.84 12.40
N VAL A 853 -14.25 -1.72 12.10
CA VAL A 853 -14.64 -0.80 11.06
C VAL A 853 -14.42 -1.46 9.68
N ILE A 854 -13.25 -2.05 9.46
CA ILE A 854 -12.97 -2.73 8.19
C ILE A 854 -13.99 -3.88 7.95
N GLN A 855 -14.35 -4.62 9.00
CA GLN A 855 -15.39 -5.65 8.91
C GLN A 855 -16.72 -5.01 8.48
N LEU A 856 -17.13 -3.94 9.17
CA LEU A 856 -18.37 -3.21 8.82
C LEU A 856 -18.38 -2.66 7.40
N ASN A 857 -17.21 -2.23 6.94
CA ASN A 857 -17.02 -1.83 5.58
C ASN A 857 -17.18 -2.98 4.61
N ILE A 858 -16.54 -4.11 4.92
CA ILE A 858 -16.63 -5.34 4.11
C ILE A 858 -18.11 -5.77 4.04
N GLN A 859 -18.76 -5.72 5.20
CA GLN A 859 -20.15 -6.09 5.33
C GLN A 859 -21.04 -5.12 4.57
N TRP A 860 -20.58 -3.87 4.45
CA TRP A 860 -21.39 -2.85 3.78
C TRP A 860 -21.48 -3.15 2.30
N MET A 861 -20.33 -3.45 1.70
CA MET A 861 -20.24 -3.81 0.30
C MET A 861 -20.97 -5.11 0.01
N GLU A 862 -20.86 -6.10 0.90
CA GLU A 862 -21.46 -7.39 0.59
C GLU A 862 -22.95 -7.40 0.90
N LYS A 863 -23.49 -6.21 1.09
CA LYS A 863 -24.91 -5.97 1.38
C LYS A 863 -25.56 -5.03 0.38
N ASN A 864 -24.77 -4.05 -0.11
CA ASN A 864 -25.20 -2.89 -0.94
C ASN A 864 -24.52 -2.69 -2.30
N LEU A 865 -23.33 -3.28 -2.47
CA LEU A 865 -22.50 -3.06 -3.68
C LEU A 865 -23.05 -3.55 -5.01
N LYS A 866 -23.56 -4.79 -5.07
CA LYS A 866 -23.90 -5.39 -6.39
C LYS A 866 -25.11 -4.70 -7.01
N SER A 867 -26.08 -4.34 -6.16
CA SER A 867 -27.31 -3.72 -6.59
C SER A 867 -27.11 -2.30 -7.11
N LEU A 868 -25.97 -1.70 -6.73
CA LEU A 868 -25.65 -0.32 -7.05
C LEU A 868 -25.67 0.06 -8.51
N THR A 869 -25.09 -0.79 -9.36
CA THR A 869 -24.99 -0.58 -10.83
C THR A 869 -26.26 -0.13 -11.54
N TRP A 870 -27.37 -0.67 -11.03
CA TRP A 870 -28.67 -0.60 -11.62
C TRP A 870 -29.38 0.70 -11.29
N TRP A 871 -28.72 1.62 -10.60
CA TRP A 871 -29.23 3.00 -10.36
C TRP A 871 -28.09 3.99 -10.07
N LEU A 872 -28.43 5.18 -9.59
CA LEU A 872 -27.45 6.28 -9.57
C LEU A 872 -26.77 6.55 -10.93
N LEU B 7 -9.26 -52.13 -11.33
CA LEU B 7 -8.67 -53.38 -11.90
C LEU B 7 -7.93 -53.09 -13.23
N PHE B 8 -6.62 -52.80 -13.13
CA PHE B 8 -5.75 -52.38 -14.26
C PHE B 8 -4.32 -52.89 -14.06
N PRO B 9 -3.69 -53.48 -15.13
CA PRO B 9 -2.33 -54.09 -15.04
C PRO B 9 -1.13 -53.18 -14.69
N TRP B 10 -0.88 -52.16 -15.53
CA TRP B 10 0.29 -51.27 -15.37
C TRP B 10 0.06 -50.02 -14.50
N ALA B 11 0.79 -49.97 -13.38
CA ALA B 11 0.77 -48.80 -12.48
C ALA B 11 2.14 -48.14 -12.38
N GLN B 12 2.50 -47.38 -13.42
CA GLN B 12 3.76 -46.63 -13.45
C GLN B 12 3.65 -45.51 -14.45
N ILE B 13 4.47 -44.46 -14.28
CA ILE B 13 4.41 -43.26 -15.15
C ILE B 13 4.97 -43.52 -16.57
N ARG B 14 6.12 -44.18 -16.61
CA ARG B 14 6.79 -44.46 -17.88
C ARG B 14 6.30 -45.80 -18.41
N LEU B 15 6.06 -45.87 -19.71
CA LEU B 15 5.49 -47.06 -20.34
C LEU B 15 6.32 -48.32 -20.17
N PRO B 16 5.72 -49.49 -20.49
CA PRO B 16 6.51 -50.72 -20.44
C PRO B 16 7.51 -50.77 -21.59
N THR B 17 8.62 -51.47 -21.39
CA THR B 17 9.66 -51.62 -22.42
C THR B 17 9.24 -52.62 -23.49
N ALA B 18 8.46 -53.62 -23.07
CA ALA B 18 8.01 -54.75 -23.88
C ALA B 18 7.53 -54.44 -25.31
N VAL B 19 6.48 -53.63 -25.46
CA VAL B 19 5.99 -53.33 -26.83
C VAL B 19 6.61 -52.04 -27.34
N VAL B 20 6.81 -51.97 -28.67
CA VAL B 20 7.51 -50.83 -29.29
C VAL B 20 6.92 -50.47 -30.66
N PRO B 21 6.65 -49.16 -30.91
CA PRO B 21 6.06 -48.70 -32.20
C PRO B 21 7.03 -48.56 -33.34
N LEU B 22 6.51 -48.68 -34.55
CA LEU B 22 7.30 -48.60 -35.75
C LEU B 22 6.70 -47.57 -36.73
N ARG B 23 5.44 -47.76 -37.10
CA ARG B 23 4.77 -46.93 -38.11
C ARG B 23 3.47 -46.38 -37.58
N TYR B 24 3.04 -45.23 -38.09
CA TYR B 24 1.78 -44.67 -37.67
C TYR B 24 0.92 -44.27 -38.87
N GLU B 25 -0.27 -44.84 -38.90
CA GLU B 25 -1.28 -44.47 -39.86
C GLU B 25 -2.29 -43.61 -39.09
N LEU B 26 -2.08 -42.28 -39.13
CA LEU B 26 -2.96 -41.31 -38.46
C LEU B 26 -3.88 -40.56 -39.43
N SER B 27 -5.16 -40.90 -39.31
CA SER B 27 -6.22 -40.39 -40.16
C SER B 27 -7.15 -39.47 -39.35
N LEU B 28 -7.11 -38.18 -39.68
CA LEU B 28 -7.92 -37.21 -38.96
C LEU B 28 -8.89 -36.45 -39.86
N HIS B 29 -10.11 -36.30 -39.35
CA HIS B 29 -11.16 -35.49 -39.95
C HIS B 29 -11.53 -34.44 -38.90
N PRO B 30 -10.90 -33.24 -39.03
CA PRO B 30 -11.15 -32.20 -38.04
C PRO B 30 -12.03 -31.11 -38.58
N ASN B 31 -13.08 -30.75 -37.84
CA ASN B 31 -13.89 -29.61 -38.22
C ASN B 31 -13.38 -28.35 -37.54
N LEU B 32 -13.18 -27.29 -38.33
CA LEU B 32 -12.62 -26.04 -37.83
C LEU B 32 -13.65 -25.15 -37.12
N THR B 33 -14.84 -25.04 -37.72
CA THR B 33 -15.95 -24.27 -37.16
C THR B 33 -16.28 -24.90 -35.82
N SER B 34 -16.78 -26.13 -35.81
CA SER B 34 -16.92 -26.87 -34.56
C SER B 34 -15.55 -27.43 -34.07
N MET B 35 -15.24 -27.28 -32.78
CA MET B 35 -13.95 -27.73 -32.24
C MET B 35 -14.03 -29.17 -31.79
N THR B 36 -14.04 -30.06 -32.77
CA THR B 36 -14.09 -31.50 -32.58
C THR B 36 -13.41 -32.21 -33.76
N PHE B 37 -13.00 -33.46 -33.56
CA PHE B 37 -12.41 -34.25 -34.65
C PHE B 37 -12.64 -35.78 -34.52
N ARG B 38 -12.69 -36.45 -35.69
CA ARG B 38 -12.81 -37.91 -35.81
C ARG B 38 -11.43 -38.51 -36.06
N GLY B 39 -11.09 -39.55 -35.30
CA GLY B 39 -9.74 -40.13 -35.37
C GLY B 39 -9.69 -41.59 -35.81
N SER B 40 -8.54 -41.95 -36.39
CA SER B 40 -8.19 -43.32 -36.74
C SER B 40 -6.65 -43.41 -36.74
N VAL B 41 -6.10 -44.24 -35.84
CA VAL B 41 -4.66 -44.51 -35.84
C VAL B 41 -4.40 -45.99 -36.04
N THR B 42 -3.43 -46.32 -36.90
CA THR B 42 -2.92 -47.71 -36.99
C THR B 42 -1.42 -47.70 -36.66
N ILE B 43 -1.16 -48.28 -35.49
CA ILE B 43 0.17 -48.41 -34.94
C ILE B 43 0.67 -49.82 -35.30
N SER B 44 1.75 -49.89 -36.08
CA SER B 44 2.46 -51.14 -36.39
C SER B 44 3.54 -51.27 -35.36
N VAL B 45 3.40 -52.24 -34.46
CA VAL B 45 4.33 -52.43 -33.34
C VAL B 45 5.19 -53.69 -33.41
N GLN B 46 6.08 -53.85 -32.42
CA GLN B 46 6.87 -55.07 -32.24
C GLN B 46 7.21 -55.30 -30.80
N ALA B 47 6.78 -56.45 -30.28
CA ALA B 47 7.11 -56.88 -28.93
C ALA B 47 8.58 -57.30 -28.83
N LEU B 48 9.24 -56.93 -27.74
CA LEU B 48 10.64 -57.35 -27.52
C LEU B 48 10.67 -58.35 -26.37
N GLN B 49 9.55 -58.45 -25.67
CA GLN B 49 9.31 -59.49 -24.68
C GLN B 49 7.94 -60.07 -25.03
N VAL B 50 7.63 -61.24 -24.48
CA VAL B 50 6.29 -61.84 -24.68
C VAL B 50 5.33 -61.35 -23.58
N THR B 51 4.38 -60.48 -23.98
CA THR B 51 3.49 -59.82 -23.03
C THR B 51 2.00 -59.99 -23.42
N TRP B 52 1.12 -59.98 -22.41
CA TRP B 52 -0.32 -60.23 -22.62
C TRP B 52 -1.21 -58.99 -22.92
N ASN B 53 -0.69 -57.81 -22.62
CA ASN B 53 -1.39 -56.53 -22.89
C ASN B 53 -0.47 -55.41 -23.37
N ILE B 54 -1.00 -54.58 -24.27
CA ILE B 54 -0.28 -53.45 -24.83
C ILE B 54 -0.62 -52.22 -24.00
N ILE B 55 0.38 -51.57 -23.41
CA ILE B 55 0.12 -50.36 -22.62
C ILE B 55 0.71 -49.16 -23.37
N LEU B 56 -0.15 -48.17 -23.62
CA LEU B 56 0.21 -46.87 -24.24
C LEU B 56 -0.53 -45.69 -23.60
N HIS B 57 -0.43 -44.51 -24.19
CA HIS B 57 -1.08 -43.31 -23.65
C HIS B 57 -2.33 -42.91 -24.46
N SER B 58 -3.39 -42.46 -23.76
CA SER B 58 -4.54 -41.78 -24.42
C SER B 58 -5.41 -41.02 -23.45
N THR B 59 -5.71 -39.77 -23.79
CA THR B 59 -6.50 -38.89 -22.93
C THR B 59 -7.55 -38.14 -23.72
N GLY B 60 -8.74 -38.02 -23.14
CA GLY B 60 -9.85 -37.28 -23.73
C GLY B 60 -10.31 -37.82 -25.07
N HIS B 61 -10.42 -39.14 -25.14
CA HIS B 61 -10.78 -39.84 -26.35
C HIS B 61 -11.97 -40.78 -26.11
N ASN B 62 -12.93 -40.72 -27.02
CA ASN B 62 -14.08 -41.63 -27.02
C ASN B 62 -13.78 -42.74 -28.02
N ILE B 63 -13.47 -43.93 -27.50
CA ILE B 63 -12.96 -45.03 -28.33
C ILE B 63 -14.13 -45.74 -29.04
N SER B 64 -14.25 -45.49 -30.34
CA SER B 64 -15.33 -46.04 -31.16
C SER B 64 -15.16 -47.53 -31.39
N ARG B 65 -14.06 -47.87 -32.09
CA ARG B 65 -13.72 -49.27 -32.38
C ARG B 65 -12.21 -49.45 -32.13
N VAL B 66 -11.86 -50.48 -31.36
CA VAL B 66 -10.46 -50.83 -31.13
C VAL B 66 -10.13 -52.28 -31.56
N THR B 67 -9.55 -52.41 -32.74
CA THR B 67 -9.27 -53.69 -33.38
C THR B 67 -7.76 -54.03 -33.42
N PHE B 68 -7.44 -55.32 -33.35
CA PHE B 68 -6.06 -55.82 -33.27
C PHE B 68 -5.82 -56.91 -34.34
N MET B 69 -4.80 -56.75 -35.19
CA MET B 69 -4.50 -57.71 -36.29
C MET B 69 -3.03 -58.19 -36.31
N GLU B 76 -7.74 -60.30 -37.68
CA GLU B 76 -8.61 -59.13 -37.67
C GLU B 76 -9.74 -59.28 -36.62
N LYS B 77 -9.43 -59.01 -35.35
CA LYS B 77 -10.38 -59.22 -34.22
C LYS B 77 -10.44 -58.08 -33.18
N GLN B 78 -11.65 -57.71 -32.75
CA GLN B 78 -11.87 -56.63 -31.78
C GLN B 78 -11.24 -56.94 -30.42
N ALA B 79 -10.68 -55.91 -29.78
CA ALA B 79 -9.99 -56.08 -28.49
C ALA B 79 -10.56 -55.14 -27.40
N GLU B 80 -10.49 -55.62 -26.16
CA GLU B 80 -11.13 -54.94 -25.03
C GLU B 80 -10.23 -53.87 -24.43
N ILE B 81 -10.77 -52.66 -24.31
CA ILE B 81 -10.00 -51.50 -23.83
C ILE B 81 -10.07 -51.34 -22.29
N LEU B 82 -8.99 -50.89 -21.68
CA LEU B 82 -9.03 -50.52 -20.25
C LEU B 82 -8.41 -49.12 -20.07
N GLU B 83 -8.71 -48.44 -18.94
CA GLU B 83 -8.28 -47.04 -18.73
C GLU B 83 -7.80 -46.75 -17.33
N TYR B 84 -6.72 -45.98 -17.25
CA TYR B 84 -6.15 -45.51 -16.00
C TYR B 84 -5.74 -44.06 -16.26
N ALA B 85 -6.76 -43.17 -16.22
CA ALA B 85 -6.65 -41.76 -16.59
C ALA B 85 -5.68 -40.98 -15.70
N TYR B 86 -5.49 -41.45 -14.47
CA TYR B 86 -4.56 -40.85 -13.54
C TYR B 86 -3.15 -40.84 -14.11
N HIS B 87 -2.75 -41.91 -14.82
CA HIS B 87 -1.46 -41.97 -15.52
C HIS B 87 -1.55 -41.62 -17.00
N GLY B 88 -2.76 -41.29 -17.46
CA GLY B 88 -2.98 -40.94 -18.85
C GLY B 88 -2.80 -42.10 -19.81
N GLN B 89 -2.94 -43.32 -19.28
CA GLN B 89 -2.71 -44.56 -20.04
C GLN B 89 -4.00 -45.24 -20.46
N ILE B 90 -3.88 -46.09 -21.47
CA ILE B 90 -4.93 -47.09 -21.78
C ILE B 90 -4.25 -48.42 -22.00
N ALA B 91 -4.98 -49.51 -21.72
CA ALA B 91 -4.50 -50.88 -21.93
C ALA B 91 -5.33 -51.60 -22.97
N ILE B 92 -4.63 -52.24 -23.91
CA ILE B 92 -5.26 -53.09 -24.89
C ILE B 92 -4.91 -54.51 -24.48
N VAL B 93 -5.95 -55.34 -24.27
CA VAL B 93 -5.73 -56.77 -23.93
C VAL B 93 -5.90 -57.70 -25.12
N ALA B 94 -4.79 -58.39 -25.41
CA ALA B 94 -4.62 -59.22 -26.60
C ALA B 94 -5.27 -60.60 -26.52
N PRO B 95 -5.86 -61.07 -27.64
CA PRO B 95 -6.46 -62.40 -27.68
C PRO B 95 -5.38 -63.48 -27.47
N GLU B 96 -4.29 -63.38 -28.24
CA GLU B 96 -3.14 -64.29 -28.21
C GLU B 96 -2.07 -63.71 -27.28
N ALA B 97 -1.02 -64.48 -27.00
CA ALA B 97 0.19 -63.91 -26.38
C ALA B 97 1.07 -63.27 -27.48
N LEU B 98 1.42 -62.00 -27.28
CA LEU B 98 2.29 -61.28 -28.22
C LEU B 98 3.70 -61.83 -28.05
N LEU B 99 4.11 -62.66 -29.02
CA LEU B 99 5.39 -63.37 -28.96
C LEU B 99 6.56 -62.54 -29.48
N ALA B 100 7.71 -62.62 -28.79
CA ALA B 100 8.85 -61.72 -29.02
C ALA B 100 9.42 -61.85 -30.43
N GLY B 101 9.67 -60.71 -31.07
CA GLY B 101 10.18 -60.68 -32.43
C GLY B 101 9.10 -60.49 -33.46
N HIS B 102 7.84 -60.65 -33.05
CA HIS B 102 6.74 -60.61 -34.01
C HIS B 102 6.09 -59.24 -34.05
N ASN B 103 5.90 -58.75 -35.27
CA ASN B 103 5.14 -57.53 -35.53
C ASN B 103 3.63 -57.77 -35.41
N TYR B 104 2.90 -56.75 -34.94
CA TYR B 104 1.44 -56.80 -34.80
C TYR B 104 0.91 -55.44 -35.21
N THR B 105 -0.37 -55.35 -35.61
CA THR B 105 -0.95 -54.05 -35.99
C THR B 105 -2.15 -53.71 -35.12
N LEU B 106 -2.00 -52.64 -34.36
CA LEU B 106 -3.00 -52.14 -33.44
C LEU B 106 -3.72 -50.94 -34.08
N LYS B 107 -5.05 -51.01 -34.21
CA LYS B 107 -5.82 -49.94 -34.87
C LYS B 107 -6.98 -49.41 -33.98
N ILE B 108 -6.91 -48.11 -33.63
CA ILE B 108 -7.97 -47.44 -32.83
C ILE B 108 -8.73 -46.35 -33.58
N GLU B 109 -10.06 -46.42 -33.46
CA GLU B 109 -11.01 -45.42 -33.96
C GLU B 109 -11.63 -44.68 -32.77
N TYR B 110 -11.56 -43.36 -32.81
CA TYR B 110 -11.95 -42.58 -31.64
C TYR B 110 -12.57 -41.23 -32.04
N SER B 111 -13.21 -40.63 -31.04
CA SER B 111 -13.76 -39.28 -31.12
C SER B 111 -13.12 -38.40 -30.05
N ALA B 112 -12.92 -37.12 -30.37
CA ALA B 112 -12.39 -36.11 -29.42
C ALA B 112 -12.67 -34.66 -29.86
N ASN B 113 -12.58 -33.74 -28.88
CA ASN B 113 -12.78 -32.29 -29.03
C ASN B 113 -11.46 -31.52 -29.36
N ILE B 114 -11.50 -30.55 -30.29
CA ILE B 114 -10.31 -29.74 -30.61
C ILE B 114 -10.05 -28.75 -29.47
N SER B 115 -8.82 -28.76 -28.93
CA SER B 115 -8.49 -27.99 -27.75
C SER B 115 -8.60 -26.51 -27.94
N SER B 116 -8.77 -25.80 -26.81
CA SER B 116 -8.82 -24.34 -26.77
C SER B 116 -7.66 -23.69 -25.98
N SER B 117 -7.19 -24.38 -24.94
CA SER B 117 -6.06 -23.88 -24.13
C SER B 117 -4.70 -23.82 -24.85
N TYR B 118 -4.68 -23.95 -26.19
CA TYR B 118 -3.45 -23.90 -26.98
C TYR B 118 -2.41 -24.96 -26.54
N TYR B 119 -2.93 -26.14 -26.18
CA TYR B 119 -2.11 -27.33 -25.85
C TYR B 119 -2.77 -28.53 -26.55
N GLY B 120 -1.95 -29.46 -27.05
CA GLY B 120 -2.46 -30.60 -27.81
C GLY B 120 -2.89 -30.16 -29.19
N PHE B 121 -3.89 -30.84 -29.77
CA PHE B 121 -4.42 -30.40 -31.06
C PHE B 121 -5.41 -29.29 -30.80
N TYR B 122 -4.96 -28.05 -31.04
CA TYR B 122 -5.77 -26.85 -30.74
C TYR B 122 -6.27 -26.10 -31.98
N GLY B 123 -7.06 -25.06 -31.71
CA GLY B 123 -7.62 -24.15 -32.72
C GLY B 123 -8.08 -22.80 -32.14
N PHE B 124 -8.39 -21.88 -33.06
CA PHE B 124 -8.82 -20.53 -32.71
C PHE B 124 -9.55 -19.79 -33.86
N SER B 125 -10.01 -18.56 -33.60
CA SER B 125 -10.64 -17.69 -34.59
C SER B 125 -9.92 -16.34 -34.63
N TYR B 126 -9.98 -15.65 -35.76
CA TYR B 126 -9.40 -14.30 -35.87
C TYR B 126 -10.14 -13.52 -36.94
N THR B 127 -10.11 -12.19 -36.90
CA THR B 127 -10.79 -11.45 -37.96
C THR B 127 -9.84 -10.92 -39.04
N ASP B 128 -10.23 -11.15 -40.29
CA ASP B 128 -9.49 -10.84 -41.51
C ASP B 128 -9.25 -9.32 -41.71
N GLU B 129 -8.38 -8.95 -42.69
CA GLU B 129 -8.17 -7.56 -43.09
C GLU B 129 -9.48 -6.98 -43.61
N SER B 130 -10.24 -7.85 -44.29
CA SER B 130 -11.58 -7.55 -44.77
C SER B 130 -12.60 -7.71 -43.64
N ASN B 131 -12.10 -8.04 -42.46
CA ASN B 131 -12.94 -8.29 -41.30
C ASN B 131 -13.91 -9.47 -41.49
N GLU B 132 -13.36 -10.68 -41.43
CA GLU B 132 -14.15 -11.92 -41.48
C GLU B 132 -13.61 -12.96 -40.50
N LYS B 133 -14.51 -13.78 -39.93
CA LYS B 133 -14.16 -14.77 -38.89
C LYS B 133 -13.52 -16.04 -39.49
N LYS B 134 -12.25 -15.89 -39.88
CA LYS B 134 -11.40 -16.98 -40.37
C LYS B 134 -11.03 -17.90 -39.21
N TYR B 135 -10.82 -19.18 -39.54
CA TYR B 135 -10.40 -20.16 -38.55
C TYR B 135 -8.98 -20.66 -38.83
N PHE B 136 -8.49 -21.48 -37.89
CA PHE B 136 -7.13 -22.01 -37.90
C PHE B 136 -7.00 -23.05 -36.79
N ALA B 137 -6.11 -24.00 -36.97
CA ALA B 137 -5.88 -25.05 -35.99
C ALA B 137 -4.42 -25.44 -36.06
N ALA B 138 -3.88 -25.94 -34.95
CA ALA B 138 -2.48 -26.33 -34.83
C ALA B 138 -2.19 -27.28 -33.66
N THR B 139 -0.91 -27.59 -33.49
CA THR B 139 -0.44 -28.51 -32.47
C THR B 139 0.70 -27.97 -31.58
N GLN B 140 0.62 -28.37 -30.32
CA GLN B 140 1.70 -28.23 -29.35
C GLN B 140 1.71 -29.48 -28.50
N PHE B 141 2.67 -30.37 -28.78
CA PHE B 141 2.73 -31.63 -28.09
C PHE B 141 3.76 -31.68 -26.95
N GLU B 142 4.87 -30.94 -27.08
CA GLU B 142 5.92 -31.01 -26.09
C GLU B 142 5.54 -30.25 -24.79
N PRO B 143 5.58 -30.96 -23.66
CA PRO B 143 6.07 -32.40 -23.53
C PRO B 143 5.05 -33.52 -23.82
N LEU B 144 3.87 -33.43 -23.21
CA LEU B 144 3.01 -34.59 -23.00
C LEU B 144 1.64 -34.51 -23.66
N ALA B 145 1.55 -33.79 -24.78
CA ALA B 145 0.25 -33.54 -25.40
C ALA B 145 -0.14 -34.32 -26.64
N ALA B 146 0.75 -35.17 -27.16
CA ALA B 146 0.33 -36.05 -28.23
C ALA B 146 -0.84 -36.96 -27.80
N ARG B 147 -0.78 -37.43 -26.55
CA ARG B 147 -1.78 -38.33 -25.94
C ARG B 147 -3.21 -37.87 -26.18
N SER B 148 -3.37 -36.55 -26.22
CA SER B 148 -4.68 -35.92 -26.35
C SER B 148 -5.13 -35.91 -27.82
N ALA B 149 -4.20 -35.68 -28.74
CA ALA B 149 -4.56 -35.62 -30.16
C ALA B 149 -4.78 -37.01 -30.71
N PHE B 150 -3.88 -37.95 -30.37
CA PHE B 150 -4.00 -39.35 -30.82
C PHE B 150 -3.36 -40.32 -29.84
N PRO B 151 -3.93 -41.53 -29.71
CA PRO B 151 -3.26 -42.50 -28.85
C PRO B 151 -1.96 -42.94 -29.51
N CYS B 152 -0.98 -43.24 -28.65
CA CYS B 152 0.34 -43.57 -29.11
C CYS B 152 1.17 -43.82 -27.88
N PHE B 153 2.43 -44.17 -28.13
CA PHE B 153 3.42 -44.38 -27.07
C PHE B 153 4.04 -43.00 -26.86
N ASP B 154 3.42 -42.19 -25.99
CA ASP B 154 3.85 -40.78 -25.87
C ASP B 154 4.99 -40.58 -24.89
N GLU B 155 6.17 -40.96 -25.36
CA GLU B 155 7.45 -40.79 -24.69
C GLU B 155 8.45 -40.38 -25.77
N PRO B 156 9.54 -39.70 -25.41
CA PRO B 156 10.45 -39.34 -26.48
C PRO B 156 11.24 -40.57 -27.00
N ALA B 157 11.67 -41.44 -26.08
CA ALA B 157 12.40 -42.67 -26.40
C ALA B 157 11.82 -43.52 -27.56
N PHE B 158 10.49 -43.65 -27.63
CA PHE B 158 9.80 -44.46 -28.65
C PHE B 158 9.63 -43.75 -30.00
N LYS B 159 10.72 -43.69 -30.77
CA LYS B 159 10.62 -43.18 -32.15
C LYS B 159 9.91 -44.16 -33.11
N ALA B 160 9.36 -43.58 -34.17
CA ALA B 160 8.63 -44.32 -35.17
C ALA B 160 8.51 -43.41 -36.38
N THR B 161 7.77 -43.88 -37.38
CA THR B 161 7.54 -43.16 -38.64
C THR B 161 6.06 -42.77 -38.68
N PHE B 162 5.75 -41.61 -39.29
CA PHE B 162 4.40 -41.06 -39.20
C PHE B 162 3.77 -40.79 -40.57
N ILE B 163 2.69 -41.50 -40.86
CA ILE B 163 1.91 -41.18 -42.04
C ILE B 163 0.64 -40.53 -41.52
N ILE B 164 0.55 -39.22 -41.70
CA ILE B 164 -0.58 -38.44 -41.22
C ILE B 164 -1.38 -38.09 -42.47
N LYS B 165 -2.70 -38.10 -42.34
CA LYS B 165 -3.56 -37.67 -43.41
C LYS B 165 -4.73 -36.95 -42.77
N ILE B 166 -4.96 -35.72 -43.25
CA ILE B 166 -5.99 -34.85 -42.68
C ILE B 166 -6.97 -34.36 -43.76
N ILE B 167 -8.25 -34.65 -43.52
CA ILE B 167 -9.35 -34.19 -44.38
C ILE B 167 -9.69 -32.71 -44.11
N ARG B 168 -9.39 -31.87 -45.10
CA ARG B 168 -9.52 -30.43 -45.01
C ARG B 168 -10.49 -29.84 -46.04
N ASP B 169 -11.00 -28.64 -45.75
CA ASP B 169 -11.78 -27.85 -46.72
C ASP B 169 -10.94 -27.27 -47.87
N GLU B 170 -11.60 -26.95 -48.98
CA GLU B 170 -10.94 -26.45 -50.20
C GLU B 170 -10.13 -25.17 -49.96
N GLN B 171 -10.58 -24.36 -49.01
CA GLN B 171 -9.94 -23.06 -48.78
C GLN B 171 -8.69 -23.16 -47.89
N TYR B 172 -8.56 -24.25 -47.14
CA TYR B 172 -7.45 -24.40 -46.21
C TYR B 172 -6.22 -25.05 -46.86
N THR B 173 -5.01 -24.62 -46.46
CA THR B 173 -3.71 -25.14 -46.94
C THR B 173 -3.13 -26.02 -45.82
N ALA B 174 -3.74 -27.16 -45.55
CA ALA B 174 -3.27 -28.06 -44.46
C ALA B 174 -1.78 -28.51 -44.57
N LEU B 175 -1.01 -28.32 -43.49
CA LEU B 175 0.45 -28.62 -43.44
C LEU B 175 0.79 -29.67 -42.39
N SER B 176 1.98 -30.25 -42.50
CA SER B 176 2.46 -31.29 -41.58
C SER B 176 3.97 -31.37 -41.63
N ASN B 177 4.54 -32.35 -40.94
CA ASN B 177 5.98 -32.57 -40.93
C ASN B 177 6.50 -32.76 -42.36
N MET B 178 6.16 -33.92 -42.93
CA MET B 178 6.64 -34.35 -44.26
C MET B 178 5.82 -33.64 -45.35
N PRO B 179 6.36 -33.55 -46.58
CA PRO B 179 5.56 -32.86 -47.60
C PRO B 179 4.30 -33.68 -48.02
N LYS B 180 3.32 -32.99 -48.60
CA LYS B 180 2.03 -33.61 -48.96
C LYS B 180 2.22 -34.52 -50.16
N LYS B 181 1.89 -35.81 -49.95
CA LYS B 181 1.93 -36.89 -50.97
C LYS B 181 0.83 -36.72 -52.04
N SER B 182 -0.40 -36.50 -51.58
CA SER B 182 -1.56 -36.44 -52.46
C SER B 182 -2.71 -35.64 -51.86
N SER B 183 -3.74 -35.40 -52.67
CA SER B 183 -4.96 -34.71 -52.24
C SER B 183 -6.15 -35.17 -53.12
N VAL B 184 -7.09 -35.92 -52.54
CA VAL B 184 -8.25 -36.43 -53.29
C VAL B 184 -9.58 -35.81 -52.84
N VAL B 185 -10.17 -34.96 -53.71
CA VAL B 185 -11.48 -34.32 -53.47
C VAL B 185 -12.55 -35.38 -53.21
N LEU B 186 -13.02 -35.49 -51.97
CA LEU B 186 -14.07 -36.46 -51.66
C LEU B 186 -15.42 -35.98 -52.23
N ASP B 187 -16.40 -36.89 -52.26
CA ASP B 187 -17.73 -36.61 -52.82
C ASP B 187 -18.56 -35.61 -51.98
N ASP B 188 -18.04 -35.27 -50.81
CA ASP B 188 -18.66 -34.29 -49.92
C ASP B 188 -18.27 -32.84 -50.25
N GLY B 189 -17.17 -32.70 -51.00
CA GLY B 189 -16.62 -31.38 -51.36
C GLY B 189 -15.27 -31.28 -50.69
N LEU B 190 -15.13 -32.06 -49.61
CA LEU B 190 -13.92 -32.13 -48.78
C LEU B 190 -12.71 -32.67 -49.54
N VAL B 191 -11.51 -32.24 -49.14
CA VAL B 191 -10.25 -32.63 -49.77
C VAL B 191 -9.46 -33.44 -48.75
N GLN B 192 -8.97 -34.62 -49.12
CA GLN B 192 -8.06 -35.37 -48.23
C GLN B 192 -6.61 -35.37 -48.65
N ASP B 193 -5.83 -34.58 -47.92
CA ASP B 193 -4.38 -34.50 -48.06
C ASP B 193 -3.70 -35.65 -47.32
N GLU B 194 -2.76 -36.30 -47.99
CA GLU B 194 -1.91 -37.30 -47.34
C GLU B 194 -0.48 -36.77 -47.36
N PHE B 195 0.23 -37.02 -46.26
CA PHE B 195 1.62 -36.62 -46.09
C PHE B 195 2.55 -37.83 -46.07
N SER B 196 3.75 -37.66 -46.64
CA SER B 196 4.73 -38.74 -46.75
C SER B 196 5.02 -39.47 -45.43
N GLU B 197 5.59 -40.68 -45.54
CA GLU B 197 6.05 -41.43 -44.37
C GLU B 197 7.19 -40.58 -43.81
N SER B 198 7.20 -40.41 -42.49
CA SER B 198 8.18 -39.54 -41.84
C SER B 198 9.44 -40.32 -41.53
N VAL B 199 10.50 -39.57 -41.19
CA VAL B 199 11.73 -40.13 -40.64
C VAL B 199 11.46 -40.67 -39.22
N LYS B 200 12.33 -41.53 -38.71
CA LYS B 200 12.16 -42.12 -37.36
C LYS B 200 12.18 -40.99 -36.32
N MET B 201 11.03 -40.70 -35.70
CA MET B 201 10.96 -39.54 -34.78
C MET B 201 10.05 -39.72 -33.58
N SER B 202 10.31 -38.93 -32.53
CA SER B 202 9.53 -38.95 -31.29
C SER B 202 8.13 -38.32 -31.43
N THR B 203 7.16 -38.92 -30.73
CA THR B 203 5.74 -38.55 -30.80
C THR B 203 5.52 -37.05 -30.55
N TYR B 204 6.41 -36.39 -29.80
CA TYR B 204 6.20 -35.00 -29.34
C TYR B 204 6.60 -33.97 -30.39
N LEU B 205 7.20 -34.43 -31.49
CA LEU B 205 7.57 -33.50 -32.57
C LEU B 205 6.68 -33.66 -33.79
N VAL B 206 5.70 -34.55 -33.70
CA VAL B 206 4.64 -34.72 -34.71
C VAL B 206 3.73 -33.51 -34.71
N ALA B 207 3.49 -32.89 -35.88
CA ALA B 207 2.67 -31.69 -35.96
C ALA B 207 1.82 -31.61 -37.25
N PHE B 208 0.74 -30.83 -37.20
CA PHE B 208 -0.18 -30.65 -38.32
C PHE B 208 -0.96 -29.36 -38.11
N ILE B 209 -1.08 -28.56 -39.17
CA ILE B 209 -1.75 -27.27 -39.13
C ILE B 209 -2.80 -27.07 -40.25
N VAL B 210 -4.02 -26.73 -39.89
CA VAL B 210 -5.04 -26.48 -40.90
C VAL B 210 -5.44 -25.02 -40.83
N GLY B 211 -5.21 -24.28 -41.92
CA GLY B 211 -5.57 -22.85 -41.94
C GLY B 211 -5.38 -22.14 -43.27
N GLU B 212 -6.09 -21.03 -43.46
CA GLU B 212 -6.03 -20.26 -44.69
C GLU B 212 -4.77 -19.39 -44.73
N MET B 213 -3.69 -19.96 -45.27
CA MET B 213 -2.35 -19.30 -45.34
C MET B 213 -1.80 -19.13 -46.76
N LYS B 214 -0.87 -18.19 -46.91
CA LYS B 214 -0.08 -18.09 -48.13
C LYS B 214 1.37 -18.53 -47.84
N ASN B 215 2.13 -18.85 -48.88
CA ASN B 215 3.53 -19.23 -48.71
C ASN B 215 4.56 -18.27 -49.33
N LEU B 216 5.82 -18.46 -48.93
CA LEU B 216 6.95 -17.74 -49.52
C LEU B 216 8.15 -18.68 -49.43
N SER B 217 8.28 -19.48 -50.48
CA SER B 217 9.23 -20.58 -50.53
C SER B 217 10.39 -20.21 -51.40
N GLN B 218 11.56 -20.80 -51.11
CA GLN B 218 12.78 -20.55 -51.92
C GLN B 218 13.78 -21.69 -51.73
N ASP B 219 13.88 -22.55 -52.74
CA ASP B 219 14.76 -23.72 -52.81
C ASP B 219 16.19 -23.35 -52.36
N VAL B 220 16.91 -24.28 -51.75
CA VAL B 220 18.31 -24.02 -51.45
C VAL B 220 19.23 -25.10 -52.01
N ASN B 221 18.97 -26.35 -51.67
CA ASN B 221 19.70 -27.49 -52.23
C ASN B 221 18.75 -28.68 -52.25
N GLY B 222 17.66 -28.55 -53.01
CA GLY B 222 16.64 -29.60 -53.08
C GLY B 222 15.56 -29.42 -52.03
N THR B 223 15.98 -29.20 -50.77
CA THR B 223 15.10 -28.91 -49.62
C THR B 223 14.50 -27.48 -49.74
N LEU B 224 13.18 -27.42 -49.76
CA LEU B 224 12.45 -26.19 -50.01
C LEU B 224 12.07 -25.50 -48.71
N VAL B 225 12.61 -24.29 -48.52
CA VAL B 225 12.35 -23.49 -47.33
C VAL B 225 11.17 -22.53 -47.58
N SER B 226 10.20 -22.54 -46.67
CA SER B 226 8.95 -21.81 -46.86
C SER B 226 8.48 -21.17 -45.58
N ILE B 227 8.15 -19.88 -45.64
CA ILE B 227 7.53 -19.19 -44.51
C ILE B 227 6.02 -19.05 -44.75
N TYR B 228 5.25 -19.66 -43.86
CA TYR B 228 3.79 -19.65 -43.93
C TYR B 228 3.14 -18.64 -42.95
N ALA B 229 2.79 -17.46 -43.49
CA ALA B 229 2.03 -16.41 -42.79
C ALA B 229 0.59 -16.30 -43.31
N VAL B 230 -0.31 -15.74 -42.50
CA VAL B 230 -1.65 -15.40 -42.98
C VAL B 230 -1.55 -14.38 -44.15
N PRO B 231 -2.44 -14.50 -45.18
CA PRO B 231 -2.42 -13.66 -46.39
C PRO B 231 -1.94 -12.19 -46.23
N GLU B 232 -2.58 -11.43 -45.34
CA GLU B 232 -2.31 -10.00 -45.16
C GLU B 232 -0.91 -9.69 -44.64
N LYS B 233 -0.28 -10.66 -43.99
CA LYS B 233 1.01 -10.45 -43.34
C LYS B 233 2.16 -11.22 -43.99
N ILE B 234 1.99 -11.60 -45.25
CA ILE B 234 3.04 -12.32 -45.95
C ILE B 234 4.23 -11.40 -46.28
N GLY B 235 3.99 -10.09 -46.30
CA GLY B 235 5.01 -9.11 -46.66
C GLY B 235 6.14 -8.95 -45.66
N GLN B 236 5.90 -9.38 -44.40
CA GLN B 236 6.91 -9.24 -43.34
C GLN B 236 7.78 -10.49 -43.12
N VAL B 237 7.49 -11.56 -43.83
CA VAL B 237 8.24 -12.78 -43.63
C VAL B 237 9.44 -12.90 -44.56
N HIS B 238 9.86 -11.79 -45.17
CA HIS B 238 10.99 -11.79 -46.11
C HIS B 238 12.33 -11.90 -45.41
N TYR B 239 12.48 -11.14 -44.33
CA TYR B 239 13.65 -11.24 -43.46
C TYR B 239 13.73 -12.66 -42.91
N ALA B 240 12.58 -13.14 -42.44
CA ALA B 240 12.43 -14.50 -41.94
C ALA B 240 13.07 -15.56 -42.86
N LEU B 241 12.69 -15.51 -44.15
CA LEU B 241 13.17 -16.43 -45.19
C LEU B 241 14.66 -16.22 -45.37
N GLU B 242 15.02 -14.98 -45.72
CA GLU B 242 16.41 -14.65 -45.92
C GLU B 242 17.26 -15.34 -44.85
N THR B 243 16.82 -15.20 -43.60
CA THR B 243 17.56 -15.63 -42.42
C THR B 243 17.63 -17.15 -42.27
N THR B 244 16.50 -17.82 -42.50
CA THR B 244 16.44 -19.27 -42.40
C THR B 244 17.41 -19.86 -43.43
N VAL B 245 17.42 -19.27 -44.63
CA VAL B 245 18.27 -19.76 -45.72
C VAL B 245 19.72 -19.77 -45.21
N LYS B 246 20.19 -18.59 -44.81
CA LYS B 246 21.55 -18.38 -44.35
C LYS B 246 21.92 -19.37 -43.24
N LEU B 247 21.01 -19.48 -42.27
CA LEU B 247 21.19 -20.29 -41.06
C LEU B 247 21.19 -21.79 -41.34
N LEU B 248 20.24 -22.23 -42.16
CA LEU B 248 20.16 -23.62 -42.62
C LEU B 248 21.48 -24.07 -43.19
N GLU B 249 22.02 -23.27 -44.10
CA GLU B 249 23.33 -23.52 -44.68
C GLU B 249 24.32 -23.75 -43.57
N PHE B 250 24.32 -22.82 -42.61
CA PHE B 250 25.35 -22.76 -41.59
C PHE B 250 25.34 -24.05 -40.80
N PHE B 251 24.16 -24.43 -40.34
CA PHE B 251 24.07 -25.58 -39.44
C PHE B 251 24.42 -26.88 -40.15
N GLN B 252 24.07 -26.94 -41.44
CA GLN B 252 24.43 -28.06 -42.32
C GLN B 252 25.93 -28.14 -42.53
N ASN B 253 26.57 -26.98 -42.62
CA ASN B 253 28.02 -26.89 -42.67
C ASN B 253 28.66 -27.28 -41.36
N TYR B 254 28.20 -26.66 -40.28
CA TYR B 254 28.78 -26.86 -38.95
C TYR B 254 28.56 -28.29 -38.44
N PHE B 255 27.30 -28.74 -38.43
CA PHE B 255 27.00 -30.08 -37.92
C PHE B 255 27.45 -31.17 -38.91
N GLU B 256 27.76 -30.74 -40.14
CA GLU B 256 28.21 -31.62 -41.23
C GLU B 256 27.29 -32.85 -41.46
N ILE B 257 26.00 -32.65 -41.22
CA ILE B 257 24.96 -33.67 -41.39
C ILE B 257 23.80 -32.95 -42.05
N GLN B 258 23.47 -33.36 -43.27
CA GLN B 258 22.43 -32.69 -44.10
C GLN B 258 21.04 -32.77 -43.47
N TYR B 259 20.29 -31.65 -43.53
CA TYR B 259 18.90 -31.63 -43.04
C TYR B 259 17.97 -32.62 -43.79
N PRO B 260 17.54 -33.72 -43.11
CA PRO B 260 16.96 -34.90 -43.77
C PRO B 260 15.75 -34.63 -44.67
N LEU B 261 14.70 -34.05 -44.12
CA LEU B 261 13.46 -33.78 -44.86
C LEU B 261 13.64 -32.96 -46.15
N LYS B 262 12.83 -33.27 -47.15
CA LYS B 262 12.85 -32.55 -48.41
C LYS B 262 12.37 -31.10 -48.27
N LYS B 263 11.56 -30.79 -47.25
CA LYS B 263 11.04 -29.43 -47.02
C LYS B 263 11.43 -28.84 -45.63
N LEU B 264 11.24 -27.53 -45.49
CA LEU B 264 11.36 -26.84 -44.20
C LEU B 264 10.44 -25.62 -44.12
N ASP B 265 9.37 -25.76 -43.34
CA ASP B 265 8.37 -24.70 -43.19
C ASP B 265 8.48 -23.97 -41.84
N LEU B 266 8.49 -22.64 -41.89
CA LEU B 266 8.39 -21.80 -40.69
C LEU B 266 7.07 -21.03 -40.69
N VAL B 267 6.06 -21.55 -40.00
CA VAL B 267 4.72 -20.94 -39.99
C VAL B 267 4.53 -19.84 -38.90
N ALA B 268 3.98 -18.70 -39.32
CA ALA B 268 3.71 -17.55 -38.44
C ALA B 268 2.23 -17.55 -37.99
N ILE B 269 1.94 -18.32 -36.93
CA ILE B 269 0.56 -18.57 -36.41
C ILE B 269 -0.18 -17.30 -35.93
N PRO B 270 -1.42 -17.07 -36.45
CA PRO B 270 -2.13 -15.81 -36.23
C PRO B 270 -2.74 -15.60 -34.85
N ASP B 271 -2.02 -15.94 -33.79
CA ASP B 271 -2.51 -15.69 -32.42
C ASP B 271 -1.34 -15.37 -31.48
N PHE B 272 -1.66 -14.64 -30.43
CA PHE B 272 -0.66 -14.25 -29.44
C PHE B 272 -0.47 -15.33 -28.37
N GLU B 273 -1.38 -16.28 -28.29
CA GLU B 273 -1.28 -17.37 -27.30
C GLU B 273 -0.91 -18.70 -27.91
N ALA B 274 -0.69 -18.72 -29.22
CA ALA B 274 -0.20 -19.92 -29.94
C ALA B 274 1.06 -20.50 -29.29
N GLY B 275 1.24 -21.81 -29.40
CA GLY B 275 2.51 -22.48 -29.00
C GLY B 275 3.60 -22.48 -30.09
N ALA B 276 4.80 -21.97 -29.75
CA ALA B 276 5.96 -22.00 -30.66
C ALA B 276 6.90 -23.16 -30.35
N MET B 277 7.09 -24.05 -31.33
CA MET B 277 7.78 -25.33 -31.14
C MET B 277 8.63 -25.64 -32.36
N GLU B 278 9.67 -26.46 -32.18
CA GLU B 278 10.63 -26.77 -33.23
C GLU B 278 10.25 -28.02 -34.06
N ASN B 279 8.95 -28.21 -34.30
CA ASN B 279 8.46 -29.44 -34.94
C ASN B 279 9.24 -29.71 -36.21
N TRP B 280 9.67 -30.96 -36.39
CA TRP B 280 10.50 -31.36 -37.53
C TRP B 280 9.79 -30.97 -38.83
N GLY B 281 10.43 -30.09 -39.61
CA GLY B 281 9.88 -29.59 -40.91
C GLY B 281 8.77 -28.54 -40.87
N LEU B 282 8.11 -28.46 -39.72
CA LEU B 282 6.99 -27.57 -39.47
C LEU B 282 7.26 -26.73 -38.18
N LEU B 283 8.11 -25.72 -38.30
CA LEU B 283 8.47 -24.86 -37.18
C LEU B 283 7.36 -23.86 -36.88
N THR B 284 6.73 -24.01 -35.71
CA THR B 284 5.70 -23.09 -35.22
C THR B 284 6.28 -21.84 -34.53
N PHE B 285 5.65 -20.70 -34.75
CA PHE B 285 6.02 -19.41 -34.16
C PHE B 285 4.76 -18.59 -33.92
N ARG B 286 4.82 -17.68 -32.94
CA ARG B 286 3.78 -16.65 -32.82
C ARG B 286 3.97 -15.68 -33.99
N GLU B 287 2.86 -15.35 -34.68
CA GLU B 287 2.92 -14.37 -35.76
C GLU B 287 3.99 -13.26 -35.45
N GLU B 288 3.86 -12.59 -34.31
CA GLU B 288 4.68 -11.44 -33.98
C GLU B 288 6.18 -11.71 -33.99
N THR B 289 6.58 -12.91 -33.61
CA THR B 289 8.01 -13.22 -33.43
C THR B 289 8.78 -13.41 -34.74
N LEU B 290 8.08 -13.42 -35.89
CA LEU B 290 8.72 -13.53 -37.23
C LEU B 290 8.54 -12.32 -38.17
N LEU B 291 7.54 -11.50 -37.88
CA LEU B 291 7.25 -10.36 -38.74
C LEU B 291 8.29 -9.27 -38.53
N TYR B 292 8.95 -8.85 -39.61
CA TYR B 292 9.97 -7.83 -39.54
C TYR B 292 9.82 -6.83 -40.66
N ASP B 293 10.13 -5.58 -40.35
CA ASP B 293 10.17 -4.49 -41.33
C ASP B 293 11.53 -3.83 -41.24
N SER B 294 12.28 -3.83 -42.33
CA SER B 294 13.64 -3.29 -42.33
C SER B 294 13.69 -1.77 -42.10
N ASN B 295 12.54 -1.09 -42.22
CA ASN B 295 12.44 0.37 -41.97
C ASN B 295 11.98 0.74 -40.55
N THR B 296 10.97 0.02 -40.07
CA THR B 296 10.24 0.38 -38.84
C THR B 296 10.47 -0.51 -37.61
N SER B 297 11.28 -1.56 -37.71
CA SER B 297 11.56 -2.38 -36.54
C SER B 297 12.92 -2.01 -35.94
N SER B 298 13.01 -2.05 -34.61
CA SER B 298 14.27 -1.74 -33.91
C SER B 298 15.28 -2.87 -33.93
N MET B 299 16.44 -2.63 -33.32
CA MET B 299 17.49 -3.64 -33.34
C MET B 299 17.12 -4.87 -32.51
N ALA B 300 16.41 -4.62 -31.42
CA ALA B 300 15.99 -5.69 -30.52
C ALA B 300 14.98 -6.60 -31.21
N ASP B 301 14.13 -5.99 -32.04
CA ASP B 301 13.16 -6.72 -32.88
C ASP B 301 13.94 -7.68 -33.78
N ARG B 302 14.84 -7.07 -34.57
CA ARG B 302 15.70 -7.73 -35.53
C ARG B 302 16.52 -8.83 -34.90
N LYS B 303 17.10 -8.56 -33.73
CA LYS B 303 17.81 -9.62 -32.99
C LYS B 303 16.86 -10.75 -32.56
N LEU B 304 15.67 -10.39 -32.06
CA LEU B 304 14.69 -11.37 -31.57
C LEU B 304 14.28 -12.38 -32.64
N VAL B 305 13.96 -11.87 -33.84
CA VAL B 305 13.51 -12.72 -34.92
C VAL B 305 14.67 -13.65 -35.30
N THR B 306 15.84 -13.07 -35.52
CA THR B 306 17.04 -13.82 -35.91
C THR B 306 17.36 -14.89 -34.90
N LYS B 307 17.38 -14.49 -33.64
CA LYS B 307 17.66 -15.40 -32.52
C LYS B 307 16.70 -16.61 -32.50
N ILE B 308 15.39 -16.38 -32.58
CA ILE B 308 14.43 -17.45 -32.47
C ILE B 308 14.53 -18.43 -33.64
N ILE B 309 14.59 -17.93 -34.88
CA ILE B 309 14.70 -18.81 -36.04
C ILE B 309 15.85 -19.78 -35.75
N ALA B 310 17.03 -19.21 -35.47
CA ALA B 310 18.24 -19.98 -35.17
C ALA B 310 17.96 -21.00 -34.09
N HIS B 311 17.29 -20.57 -33.02
CA HIS B 311 17.05 -21.45 -31.91
C HIS B 311 16.32 -22.71 -32.38
N GLU B 312 15.28 -22.52 -33.21
CA GLU B 312 14.42 -23.64 -33.56
C GLU B 312 15.13 -24.48 -34.60
N LEU B 313 15.99 -23.85 -35.40
CA LEU B 313 16.74 -24.55 -36.45
C LEU B 313 17.75 -25.46 -35.81
N ALA B 314 18.52 -24.92 -34.86
CA ALA B 314 19.54 -25.71 -34.14
C ALA B 314 18.99 -27.01 -33.55
N HIS B 315 17.67 -27.03 -33.39
CA HIS B 315 16.95 -28.07 -32.74
C HIS B 315 16.71 -29.25 -33.66
N GLN B 316 16.69 -28.98 -34.97
CA GLN B 316 16.38 -30.01 -35.98
C GLN B 316 17.44 -31.13 -35.92
N TRP B 317 18.63 -30.74 -35.45
CA TRP B 317 19.71 -31.63 -35.15
C TRP B 317 19.64 -31.94 -33.65
N PHE B 318 19.80 -30.89 -32.83
CA PHE B 318 19.75 -30.99 -31.37
C PHE B 318 18.34 -31.03 -30.80
N GLY B 319 17.74 -32.23 -30.90
CA GLY B 319 16.48 -32.55 -30.24
C GLY B 319 15.46 -33.21 -31.14
N ASN B 320 15.75 -33.23 -32.46
CA ASN B 320 14.81 -33.85 -33.41
C ASN B 320 15.54 -35.09 -33.96
N LEU B 321 16.61 -34.85 -34.76
CA LEU B 321 17.55 -35.90 -35.15
C LEU B 321 17.97 -36.68 -33.91
N VAL B 322 18.74 -36.02 -33.06
CA VAL B 322 19.16 -36.63 -31.87
C VAL B 322 18.28 -36.05 -30.77
N THR B 323 17.53 -36.96 -30.15
CA THR B 323 16.56 -36.66 -29.11
C THR B 323 17.16 -37.11 -27.79
N MET B 324 16.54 -36.71 -26.68
CA MET B 324 16.90 -37.20 -25.35
C MET B 324 15.92 -38.30 -24.95
N LYS B 325 16.36 -39.22 -24.09
CA LYS B 325 15.55 -40.37 -23.65
C LYS B 325 14.35 -39.91 -22.81
N TRP B 326 14.63 -39.26 -21.66
CA TRP B 326 13.60 -38.73 -20.72
C TRP B 326 13.66 -37.20 -20.55
N TRP B 327 12.64 -36.64 -19.91
CA TRP B 327 12.53 -35.19 -19.84
C TRP B 327 13.61 -34.46 -19.04
N ASN B 328 14.24 -35.15 -18.08
CA ASN B 328 15.26 -34.49 -17.26
C ASN B 328 16.41 -33.90 -18.07
N ASP B 329 16.85 -34.62 -19.10
CA ASP B 329 17.93 -34.10 -19.93
C ASP B 329 17.55 -32.98 -20.95
N LEU B 330 16.38 -32.37 -20.75
CA LEU B 330 15.90 -31.32 -21.65
C LEU B 330 16.87 -30.14 -21.76
N TRP B 331 17.41 -29.71 -20.62
CA TRP B 331 18.32 -28.58 -20.58
C TRP B 331 19.39 -28.68 -21.64
N LEU B 332 19.75 -29.90 -22.00
CA LEU B 332 20.90 -30.12 -22.87
C LEU B 332 20.64 -29.56 -24.25
N ASN B 333 19.59 -30.07 -24.89
CA ASN B 333 19.25 -29.60 -26.23
C ASN B 333 18.87 -28.12 -26.13
N GLU B 334 18.06 -27.83 -25.11
CA GLU B 334 17.61 -26.47 -24.87
C GLU B 334 18.76 -25.51 -24.63
N GLY B 335 19.82 -26.00 -24.00
CA GLY B 335 21.02 -25.21 -23.79
C GLY B 335 21.80 -25.09 -25.07
N PHE B 336 21.83 -26.19 -25.82
CA PHE B 336 22.58 -26.21 -27.03
C PHE B 336 21.93 -25.27 -28.04
N ALA B 337 20.60 -25.35 -28.12
CA ALA B 337 19.88 -24.50 -29.04
C ALA B 337 20.16 -23.06 -28.67
N THR B 338 20.20 -22.79 -27.36
CA THR B 338 20.46 -21.46 -26.83
C THR B 338 21.89 -21.01 -27.11
N PHE B 339 22.85 -21.92 -27.00
CA PHE B 339 24.23 -21.57 -27.34
C PHE B 339 24.35 -21.33 -28.86
N MET B 340 23.81 -22.27 -29.64
CA MET B 340 23.88 -22.18 -31.10
C MET B 340 23.19 -20.93 -31.55
N GLU B 341 22.18 -20.52 -30.77
CA GLU B 341 21.47 -19.29 -30.98
C GLU B 341 22.46 -18.14 -31.06
N TYR B 342 23.43 -18.14 -30.14
CA TYR B 342 24.38 -17.06 -30.04
C TYR B 342 25.64 -17.27 -30.84
N PHE B 343 26.01 -18.54 -31.03
CA PHE B 343 27.15 -18.86 -31.91
C PHE B 343 26.83 -18.54 -33.38
N SER B 344 25.81 -19.21 -33.90
CA SER B 344 25.45 -19.01 -35.26
C SER B 344 25.43 -17.53 -35.62
N LEU B 345 24.87 -16.72 -34.74
CA LEU B 345 24.79 -15.28 -34.98
C LEU B 345 26.16 -14.62 -35.00
N GLU B 346 27.05 -15.03 -34.08
CA GLU B 346 28.41 -14.43 -33.98
C GLU B 346 29.28 -14.70 -35.21
N LYS B 347 28.99 -15.83 -35.86
CA LYS B 347 29.65 -16.20 -37.10
C LYS B 347 29.01 -15.54 -38.34
N ILE B 348 27.74 -15.79 -38.63
CA ILE B 348 27.15 -15.16 -39.83
C ILE B 348 26.53 -13.75 -39.62
N PHE B 349 25.61 -13.61 -38.67
CA PHE B 349 25.03 -12.29 -38.34
C PHE B 349 25.92 -11.48 -37.37
N LYS B 350 27.16 -11.19 -37.79
CA LYS B 350 28.19 -10.64 -36.89
C LYS B 350 27.91 -9.23 -36.41
N GLU B 351 27.34 -8.40 -37.27
CA GLU B 351 27.06 -6.98 -36.95
C GLU B 351 25.99 -6.76 -35.85
N LEU B 352 25.14 -7.76 -35.60
CA LEU B 352 24.09 -7.62 -34.59
C LEU B 352 24.69 -7.53 -33.17
N SER B 353 25.94 -7.98 -33.03
CA SER B 353 26.71 -7.89 -31.78
C SER B 353 26.04 -8.61 -30.63
N SER B 354 25.24 -9.62 -30.99
CA SER B 354 24.37 -10.37 -30.05
C SER B 354 25.10 -10.96 -28.81
N TYR B 355 26.45 -10.91 -28.81
CA TYR B 355 27.25 -11.37 -27.68
C TYR B 355 26.98 -10.54 -26.43
N GLU B 356 26.45 -9.34 -26.68
CA GLU B 356 26.09 -8.39 -25.66
C GLU B 356 24.87 -8.90 -24.98
N ASP B 357 24.01 -9.52 -25.75
CA ASP B 357 22.80 -10.09 -25.19
C ASP B 357 23.15 -11.36 -24.41
N PHE B 358 24.11 -12.13 -24.94
CA PHE B 358 24.41 -13.42 -24.37
C PHE B 358 25.05 -13.14 -23.02
N LEU B 359 25.93 -12.12 -22.99
CA LEU B 359 26.59 -11.69 -21.75
C LEU B 359 25.54 -11.25 -20.75
N ASP B 360 24.65 -10.38 -21.19
CA ASP B 360 23.66 -9.87 -20.28
C ASP B 360 22.86 -11.01 -19.69
N ALA B 361 22.42 -11.90 -20.57
CA ALA B 361 21.56 -12.99 -20.17
C ALA B 361 22.29 -13.88 -19.18
N ARG B 362 23.58 -14.14 -19.48
CA ARG B 362 24.48 -14.86 -18.58
C ARG B 362 24.47 -14.25 -17.14
N PHE B 363 24.74 -12.95 -17.04
CA PHE B 363 24.64 -12.19 -15.77
C PHE B 363 23.33 -12.43 -15.04
N LYS B 364 22.19 -12.37 -15.74
CA LYS B 364 20.88 -12.44 -15.07
C LYS B 364 20.60 -13.85 -14.57
N THR B 365 21.08 -14.86 -15.30
CA THR B 365 21.06 -16.27 -14.89
C THR B 365 21.82 -16.31 -13.59
N MET B 366 23.06 -15.84 -13.66
CA MET B 366 23.96 -15.86 -12.53
C MET B 366 23.29 -15.34 -11.27
N LYS B 367 22.50 -14.28 -11.41
CA LYS B 367 21.83 -13.71 -10.27
C LYS B 367 20.73 -14.66 -9.70
N LYS B 368 20.05 -15.40 -10.56
CA LYS B 368 18.94 -16.19 -10.11
C LYS B 368 19.50 -17.52 -9.54
N ASP B 369 20.62 -17.94 -10.12
CA ASP B 369 21.26 -19.19 -9.77
C ASP B 369 22.06 -19.01 -8.46
N SER B 370 22.27 -17.76 -8.04
CA SER B 370 23.06 -17.44 -6.83
C SER B 370 22.21 -17.44 -5.56
N LEU B 371 20.93 -17.75 -5.72
CA LEU B 371 20.00 -17.83 -4.61
C LEU B 371 19.89 -19.24 -4.04
N ASN B 372 19.49 -19.34 -2.77
CA ASN B 372 19.20 -20.63 -2.12
C ASN B 372 18.00 -21.30 -2.81
N SER B 373 17.27 -20.50 -3.59
CA SER B 373 16.08 -20.97 -4.31
C SER B 373 16.47 -21.77 -5.54
N SER B 374 17.74 -21.67 -5.93
CA SER B 374 18.25 -22.32 -7.13
C SER B 374 18.26 -23.87 -7.04
N HIS B 375 18.20 -24.54 -8.19
CA HIS B 375 18.25 -26.01 -8.31
C HIS B 375 19.28 -26.40 -9.34
N PRO B 376 19.90 -27.57 -9.19
CA PRO B 376 20.89 -28.01 -10.15
C PRO B 376 20.22 -28.43 -11.43
N ILE B 377 20.87 -28.23 -12.57
CA ILE B 377 20.18 -28.47 -13.85
C ILE B 377 20.02 -29.96 -14.15
N SER B 378 20.86 -30.77 -13.51
CA SER B 378 20.79 -32.21 -13.63
C SER B 378 20.12 -32.75 -12.37
N SER B 379 18.80 -32.68 -12.37
CA SER B 379 17.97 -33.26 -11.33
C SER B 379 17.31 -34.50 -11.93
N SER B 380 16.55 -35.24 -11.11
CA SER B 380 15.75 -36.38 -11.62
C SER B 380 14.27 -36.00 -11.80
N VAL B 381 13.71 -36.37 -12.94
CA VAL B 381 12.33 -36.07 -13.27
C VAL B 381 11.53 -37.38 -13.25
N GLN B 382 10.48 -37.44 -12.43
CA GLN B 382 9.66 -38.63 -12.31
C GLN B 382 8.19 -38.22 -12.27
N SER B 383 7.93 -37.10 -11.61
CA SER B 383 6.58 -36.55 -11.38
C SER B 383 5.94 -36.03 -12.67
N SER B 384 4.61 -36.19 -12.76
CA SER B 384 3.81 -35.67 -13.88
C SER B 384 4.07 -34.18 -14.08
N GLU B 385 4.26 -33.46 -12.98
CA GLU B 385 4.50 -32.03 -13.01
C GLU B 385 5.99 -31.64 -13.03
N GLN B 386 6.85 -32.55 -12.58
CA GLN B 386 8.32 -32.36 -12.65
C GLN B 386 8.79 -32.15 -14.08
N ILE B 387 8.02 -32.73 -15.00
CA ILE B 387 8.26 -32.61 -16.44
C ILE B 387 8.08 -31.16 -16.93
N GLU B 388 7.03 -30.51 -16.41
CA GLU B 388 6.69 -29.11 -16.71
C GLU B 388 7.74 -28.14 -16.10
N GLU B 389 8.30 -28.53 -14.96
CA GLU B 389 9.37 -27.76 -14.31
C GLU B 389 10.60 -27.58 -15.20
N MET B 390 10.88 -28.56 -16.06
CA MET B 390 12.09 -28.53 -16.91
C MET B 390 12.03 -27.43 -17.94
N PHE B 391 10.92 -26.70 -17.92
CA PHE B 391 10.70 -25.60 -18.83
C PHE B 391 10.88 -24.29 -18.07
N ASP B 392 12.13 -23.82 -18.08
CA ASP B 392 12.51 -22.53 -17.45
C ASP B 392 13.87 -22.06 -17.99
N SER B 393 13.95 -20.78 -18.34
CA SER B 393 15.15 -20.25 -19.01
C SER B 393 16.42 -20.33 -18.18
N LEU B 394 16.26 -20.52 -16.88
CA LEU B 394 17.41 -20.68 -15.98
C LEU B 394 18.18 -21.97 -16.28
N SER B 395 17.46 -23.04 -16.59
CA SER B 395 18.13 -24.27 -16.97
C SER B 395 18.71 -24.18 -18.39
N TYR B 396 17.98 -23.52 -19.29
CA TYR B 396 18.40 -23.34 -20.69
C TYR B 396 19.61 -22.45 -20.72
N PHE B 397 19.59 -21.35 -19.97
CA PHE B 397 20.73 -20.42 -20.01
C PHE B 397 21.98 -20.92 -19.30
N LYS B 398 21.80 -21.57 -18.15
CA LYS B 398 22.93 -22.15 -17.44
C LYS B 398 23.62 -23.07 -18.42
N GLY B 399 22.84 -24.03 -18.94
CA GLY B 399 23.33 -25.01 -19.90
C GLY B 399 24.15 -24.31 -20.97
N SER B 400 23.51 -23.34 -21.60
CA SER B 400 24.11 -22.48 -22.61
C SER B 400 25.47 -21.97 -22.11
N SER B 401 25.44 -21.35 -20.93
CA SER B 401 26.60 -20.71 -20.38
C SER B 401 27.78 -21.68 -20.30
N LEU B 402 27.48 -22.90 -19.86
CA LEU B 402 28.55 -23.84 -19.58
C LEU B 402 29.01 -24.56 -20.83
N LEU B 403 28.10 -24.72 -21.79
CA LEU B 403 28.53 -25.13 -23.14
C LEU B 403 29.53 -24.13 -23.70
N LEU B 404 29.36 -22.86 -23.33
CA LEU B 404 30.23 -21.80 -23.81
C LEU B 404 31.60 -21.90 -23.14
N MET B 405 31.59 -22.23 -21.87
CA MET B 405 32.82 -22.37 -21.10
C MET B 405 33.64 -23.50 -21.74
N LEU B 406 32.93 -24.56 -22.10
CA LEU B 406 33.54 -25.74 -22.67
C LEU B 406 34.11 -25.41 -24.05
N LYS B 407 33.33 -24.77 -24.92
CA LYS B 407 33.77 -24.37 -26.26
C LYS B 407 35.05 -23.58 -26.16
N THR B 408 35.08 -22.63 -25.24
CA THR B 408 36.23 -21.76 -25.12
C THR B 408 37.38 -22.43 -24.40
N TYR B 409 37.09 -23.36 -23.49
CA TYR B 409 38.14 -24.15 -22.83
C TYR B 409 38.90 -25.06 -23.80
N LEU B 410 38.18 -25.97 -24.47
CA LEU B 410 38.69 -26.76 -25.59
C LEU B 410 38.76 -25.86 -26.81
N SER B 411 39.18 -26.39 -27.96
CA SER B 411 39.26 -25.55 -29.15
C SER B 411 37.87 -25.34 -29.72
N GLU B 412 37.65 -24.23 -30.45
CA GLU B 412 36.42 -24.01 -31.24
C GLU B 412 36.32 -25.15 -32.27
N ASP B 413 37.49 -25.58 -32.73
CA ASP B 413 37.61 -26.70 -33.65
C ASP B 413 37.41 -28.02 -32.92
N VAL B 414 38.05 -28.18 -31.77
CA VAL B 414 37.85 -29.41 -30.96
C VAL B 414 36.37 -29.60 -30.62
N PHE B 415 35.72 -28.50 -30.22
CA PHE B 415 34.32 -28.50 -29.86
C PHE B 415 33.50 -29.08 -31.00
N GLN B 416 33.69 -28.52 -32.19
CA GLN B 416 32.96 -28.95 -33.37
C GLN B 416 33.08 -30.46 -33.60
N HIS B 417 34.29 -30.99 -33.52
CA HIS B 417 34.53 -32.40 -33.81
C HIS B 417 33.74 -33.25 -32.85
N ALA B 418 33.67 -32.82 -31.58
CA ALA B 418 32.92 -33.54 -30.57
C ALA B 418 31.44 -33.51 -30.88
N VAL B 419 31.00 -32.45 -31.55
CA VAL B 419 29.59 -32.29 -31.92
C VAL B 419 29.26 -33.22 -33.10
N VAL B 420 29.98 -33.00 -34.21
CA VAL B 420 29.82 -33.76 -35.45
C VAL B 420 29.72 -35.26 -35.19
N LEU B 421 30.57 -35.74 -34.29
CA LEU B 421 30.65 -37.14 -33.90
C LEU B 421 29.37 -37.59 -33.24
N TYR B 422 29.05 -36.95 -32.11
CA TYR B 422 27.81 -37.19 -31.32
C TYR B 422 26.55 -37.28 -32.21
N LEU B 423 26.38 -36.31 -33.09
CA LEU B 423 25.25 -36.29 -34.01
C LEU B 423 25.22 -37.50 -34.97
N HIS B 424 26.38 -37.81 -35.55
CA HIS B 424 26.55 -39.02 -36.37
C HIS B 424 26.30 -40.27 -35.51
N ASN B 425 27.09 -40.40 -34.43
CA ASN B 425 27.01 -41.57 -33.53
C ASN B 425 25.61 -41.80 -32.95
N HIS B 426 24.72 -40.81 -33.08
CA HIS B 426 23.41 -40.89 -32.42
C HIS B 426 22.22 -40.49 -33.23
N SER B 427 22.45 -40.09 -34.49
CA SER B 427 21.34 -39.83 -35.41
C SER B 427 20.14 -40.77 -35.18
N TYR B 428 18.93 -40.20 -35.23
CA TYR B 428 17.66 -40.94 -35.14
C TYR B 428 17.56 -41.83 -33.89
N ALA B 429 18.37 -41.56 -32.87
CA ALA B 429 18.28 -42.36 -31.65
C ALA B 429 18.02 -41.48 -30.46
N SER B 430 17.90 -42.11 -29.28
CA SER B 430 17.56 -41.38 -28.06
C SER B 430 18.67 -41.47 -27.02
N ILE B 431 19.20 -40.31 -26.62
CA ILE B 431 20.43 -40.21 -25.80
C ILE B 431 20.22 -39.84 -24.32
N GLN B 432 21.34 -39.60 -23.66
CA GLN B 432 21.42 -39.01 -22.32
C GLN B 432 22.55 -37.97 -22.30
N SER B 433 22.48 -37.01 -21.40
CA SER B 433 23.47 -35.94 -21.33
C SER B 433 24.91 -36.47 -21.36
N ASP B 434 25.18 -37.57 -20.63
CA ASP B 434 26.54 -38.19 -20.57
C ASP B 434 27.12 -38.43 -21.97
N ASP B 435 26.27 -38.92 -22.89
CA ASP B 435 26.66 -39.20 -24.29
C ASP B 435 27.28 -38.01 -25.03
N LEU B 436 26.90 -36.78 -24.65
CA LEU B 436 27.57 -35.63 -25.23
C LEU B 436 28.98 -35.54 -24.65
N TRP B 437 29.08 -35.75 -23.34
CA TRP B 437 30.39 -35.69 -22.65
C TRP B 437 31.33 -36.83 -23.10
N ASP B 438 30.76 -38.03 -23.28
CA ASP B 438 31.48 -39.17 -23.87
C ASP B 438 32.11 -38.71 -25.19
N SER B 439 31.28 -38.14 -26.07
CA SER B 439 31.73 -37.65 -27.38
C SER B 439 32.81 -36.54 -27.31
N PHE B 440 32.98 -35.97 -26.13
CA PHE B 440 34.03 -35.01 -25.86
C PHE B 440 35.30 -35.75 -25.39
N ASN B 441 35.12 -36.87 -24.67
CA ASN B 441 36.24 -37.65 -24.16
C ASN B 441 37.24 -38.08 -25.21
N GLU B 442 36.73 -38.59 -26.32
CA GLU B 442 37.60 -38.98 -27.43
C GLU B 442 38.26 -37.85 -28.21
N VAL B 443 37.60 -36.71 -28.38
CA VAL B 443 38.28 -35.61 -29.06
C VAL B 443 39.40 -35.01 -28.18
N THR B 444 39.26 -35.14 -26.85
CA THR B 444 40.34 -34.84 -25.90
C THR B 444 41.32 -36.01 -25.77
N ASN B 445 40.92 -37.18 -26.29
CA ASN B 445 41.70 -38.44 -26.27
C ASN B 445 41.82 -39.00 -24.84
N GLN B 446 40.84 -38.68 -24.00
CA GLN B 446 40.88 -38.96 -22.55
C GLN B 446 42.09 -38.29 -21.80
N THR B 447 42.54 -37.14 -22.32
CA THR B 447 43.47 -36.22 -21.61
C THR B 447 42.71 -35.58 -20.46
N LEU B 448 41.62 -34.92 -20.85
CA LEU B 448 40.74 -34.17 -19.97
C LEU B 448 39.54 -35.07 -19.70
N ASP B 449 39.08 -35.12 -18.45
CA ASP B 449 37.96 -36.01 -18.14
C ASP B 449 36.68 -35.52 -18.79
N VAL B 450 36.37 -34.24 -18.60
CA VAL B 450 35.23 -33.59 -19.25
C VAL B 450 33.93 -34.13 -18.68
N LYS B 451 33.75 -35.43 -18.75
CA LYS B 451 32.54 -36.08 -18.27
C LYS B 451 32.36 -35.89 -16.76
N ARG B 452 33.47 -35.94 -16.02
CA ARG B 452 33.42 -35.74 -14.56
C ARG B 452 33.38 -34.26 -14.27
N MET B 453 34.08 -33.48 -15.13
CA MET B 453 34.14 -32.00 -15.03
C MET B 453 32.78 -31.32 -15.16
N MET B 454 32.11 -31.62 -16.28
CA MET B 454 30.78 -31.10 -16.54
C MET B 454 29.78 -31.60 -15.50
N LYS B 455 30.09 -32.71 -14.85
CA LYS B 455 29.16 -33.24 -13.86
C LYS B 455 29.25 -32.47 -12.56
N THR B 456 30.35 -31.74 -12.35
CA THR B 456 30.48 -30.94 -11.14
C THR B 456 29.67 -29.67 -11.27
N TRP B 457 29.45 -29.29 -12.52
CA TRP B 457 28.64 -28.13 -12.84
C TRP B 457 27.16 -28.42 -12.77
N THR B 458 26.76 -29.48 -13.48
CA THR B 458 25.36 -29.83 -13.69
C THR B 458 24.66 -30.47 -12.49
N LEU B 459 25.42 -31.04 -11.57
CA LEU B 459 24.81 -31.73 -10.44
C LEU B 459 24.74 -30.93 -9.15
N GLN B 460 25.45 -29.81 -9.05
CA GLN B 460 25.26 -28.92 -7.87
C GLN B 460 24.86 -27.47 -8.20
N LYS B 461 23.86 -26.97 -7.44
CA LYS B 461 23.30 -25.60 -7.63
C LYS B 461 24.33 -24.47 -7.48
N GLY B 462 24.07 -23.36 -8.17
CA GLY B 462 24.92 -22.19 -8.09
C GLY B 462 26.17 -22.29 -8.93
N PHE B 463 27.18 -21.51 -8.56
CA PHE B 463 28.46 -21.45 -9.29
C PHE B 463 29.54 -21.00 -8.30
N PRO B 464 30.84 -21.06 -8.71
CA PRO B 464 31.93 -20.74 -7.77
C PRO B 464 32.35 -19.29 -7.68
N LEU B 465 32.84 -18.92 -6.50
CA LEU B 465 33.56 -17.64 -6.29
C LEU B 465 35.03 -17.98 -6.26
N VAL B 466 35.70 -17.66 -7.36
CA VAL B 466 37.14 -17.80 -7.47
C VAL B 466 37.74 -16.54 -6.86
N THR B 467 38.35 -16.67 -5.70
CA THR B 467 39.03 -15.55 -5.06
C THR B 467 40.48 -15.62 -5.57
N VAL B 468 41.10 -14.47 -5.80
CA VAL B 468 42.44 -14.39 -6.42
C VAL B 468 43.42 -13.47 -5.64
N GLN B 469 44.67 -13.92 -5.49
CA GLN B 469 45.73 -13.14 -4.78
C GLN B 469 47.00 -13.20 -5.64
N LYS B 470 47.60 -12.05 -5.99
CA LYS B 470 48.87 -12.04 -6.77
C LYS B 470 50.15 -11.56 -6.01
N LYS B 471 51.19 -12.42 -6.03
CA LYS B 471 52.49 -12.18 -5.32
C LYS B 471 53.67 -12.53 -6.24
N GLY B 472 54.21 -11.49 -6.90
CA GLY B 472 55.38 -11.63 -7.77
C GLY B 472 55.00 -12.24 -9.10
N LYS B 473 55.62 -13.40 -9.42
CA LYS B 473 55.38 -14.14 -10.68
C LYS B 473 54.43 -15.33 -10.49
N GLU B 474 53.52 -15.21 -9.54
CA GLU B 474 52.61 -16.31 -9.20
C GLU B 474 51.24 -15.77 -8.72
N LEU B 475 50.15 -16.35 -9.22
CA LEU B 475 48.83 -16.01 -8.68
C LEU B 475 48.10 -17.16 -7.95
N PHE B 476 47.69 -16.87 -6.73
CA PHE B 476 47.00 -17.82 -5.89
C PHE B 476 45.50 -17.81 -6.15
N ILE B 477 44.92 -19.02 -6.08
CA ILE B 477 43.54 -19.25 -6.49
C ILE B 477 42.85 -20.22 -5.52
N GLN B 478 41.80 -19.73 -4.87
CA GLN B 478 40.91 -20.58 -4.09
C GLN B 478 39.52 -20.48 -4.73
N GLN B 479 38.68 -21.48 -4.49
CA GLN B 479 37.26 -21.45 -4.92
C GLN B 479 36.34 -21.79 -3.76
N GLU B 480 35.12 -21.28 -3.86
CA GLU B 480 34.05 -21.58 -2.90
C GLU B 480 32.68 -21.35 -3.52
N ARG B 481 31.62 -21.76 -2.82
CA ARG B 481 30.24 -21.53 -3.26
C ARG B 481 29.97 -20.03 -3.26
N PHE B 482 29.18 -19.58 -4.22
CA PHE B 482 28.76 -18.19 -4.22
C PHE B 482 27.42 -18.17 -3.53
N PHE B 483 27.44 -17.74 -2.28
CA PHE B 483 26.24 -17.67 -1.49
C PHE B 483 26.21 -16.30 -0.87
N LEU B 484 25.05 -15.67 -0.96
CA LEU B 484 24.79 -14.34 -0.44
C LEU B 484 24.38 -14.40 1.04
N ASN B 485 23.65 -15.49 1.40
CA ASN B 485 23.02 -15.67 2.72
C ASN B 485 22.06 -14.56 3.14
N THR B 495 28.43 -27.49 4.21
CA THR B 495 28.40 -27.13 2.77
C THR B 495 29.80 -27.15 2.13
N SER B 496 30.03 -28.16 1.28
CA SER B 496 31.27 -28.29 0.49
C SER B 496 30.99 -28.64 -0.98
N TYR B 497 31.27 -27.68 -1.87
CA TYR B 497 31.03 -27.84 -3.30
C TYR B 497 32.36 -27.68 -4.01
N LEU B 498 32.64 -28.53 -4.98
CA LEU B 498 33.92 -28.48 -5.64
C LEU B 498 33.67 -28.53 -7.13
N TRP B 499 34.09 -27.50 -7.86
CA TRP B 499 33.86 -27.46 -9.30
C TRP B 499 35.18 -27.68 -10.04
N HIS B 500 35.10 -28.15 -11.28
CA HIS B 500 36.28 -28.29 -12.10
C HIS B 500 36.34 -27.06 -13.01
N ILE B 501 36.96 -26.02 -12.49
CA ILE B 501 36.97 -24.71 -13.13
C ILE B 501 38.11 -24.47 -14.11
N PRO B 502 37.76 -24.14 -15.38
CA PRO B 502 38.70 -23.72 -16.44
C PRO B 502 38.95 -22.24 -16.35
N LEU B 503 40.04 -21.88 -15.67
CA LEU B 503 40.39 -20.49 -15.42
C LEU B 503 41.26 -19.86 -16.52
N SER B 504 40.60 -19.25 -17.50
CA SER B 504 41.28 -18.38 -18.49
C SER B 504 41.69 -17.06 -17.82
N TYR B 505 42.88 -16.55 -18.12
CA TYR B 505 43.31 -15.26 -17.53
C TYR B 505 44.17 -14.46 -18.48
N VAL B 506 44.38 -13.19 -18.14
CA VAL B 506 45.13 -12.27 -19.00
C VAL B 506 45.87 -11.20 -18.15
N THR B 507 47.14 -10.90 -18.50
CA THR B 507 48.05 -10.01 -17.74
C THR B 507 48.75 -8.99 -18.65
N GLU B 508 49.54 -8.10 -18.06
CA GLU B 508 50.32 -7.09 -18.85
C GLU B 508 51.75 -6.85 -18.32
N ASN B 511 56.67 -5.14 -19.92
CA ASN B 511 56.34 -3.90 -20.63
C ASN B 511 55.34 -4.15 -21.75
N TYR B 512 54.06 -3.92 -21.40
CA TYR B 512 52.98 -3.99 -22.42
C TYR B 512 52.86 -5.41 -22.96
N SER B 513 53.18 -6.37 -22.09
CA SER B 513 53.24 -7.78 -22.44
C SER B 513 51.87 -8.48 -22.30
N LYS B 514 51.14 -8.50 -23.41
CA LYS B 514 49.78 -9.04 -23.47
C LYS B 514 49.73 -10.58 -23.50
N TYR B 515 49.96 -11.21 -22.35
CA TYR B 515 49.99 -12.67 -22.21
C TYR B 515 48.64 -13.22 -21.74
N GLN B 516 48.22 -14.38 -22.26
CA GLN B 516 46.99 -15.04 -21.79
C GLN B 516 47.06 -16.57 -21.84
N SER B 517 46.40 -17.22 -20.89
CA SER B 517 46.50 -18.68 -20.73
C SER B 517 45.28 -19.25 -19.98
N VAL B 518 45.11 -20.57 -20.01
CA VAL B 518 44.09 -21.24 -19.16
C VAL B 518 44.72 -22.08 -18.02
N SER B 519 43.89 -22.58 -17.12
CA SER B 519 44.33 -23.49 -16.05
C SER B 519 43.12 -24.23 -15.48
N LEU B 520 43.19 -25.56 -15.43
CA LEU B 520 42.08 -26.31 -14.87
C LEU B 520 42.28 -26.47 -13.38
N LEU B 521 41.40 -25.85 -12.60
CA LEU B 521 41.43 -25.96 -11.15
C LEU B 521 40.38 -26.93 -10.58
N ASP B 522 40.84 -28.08 -10.08
CA ASP B 522 39.92 -29.10 -9.53
C ASP B 522 40.04 -29.26 -8.01
N LYS B 523 40.75 -28.36 -7.38
CA LYS B 523 40.88 -28.41 -5.93
C LYS B 523 40.53 -27.07 -5.26
N LYS B 524 40.13 -27.14 -3.99
CA LYS B 524 39.76 -25.96 -3.19
C LYS B 524 40.78 -24.80 -3.26
N SER B 525 42.06 -25.14 -3.44
CA SER B 525 43.14 -24.17 -3.48
C SER B 525 44.12 -24.48 -4.63
N GLY B 526 44.78 -23.44 -5.17
CA GLY B 526 45.73 -23.60 -6.28
C GLY B 526 46.71 -22.45 -6.35
N VAL B 527 47.57 -22.51 -7.38
CA VAL B 527 48.56 -21.46 -7.69
C VAL B 527 48.97 -21.56 -9.17
N ILE B 528 49.15 -20.42 -9.82
CA ILE B 528 49.53 -20.41 -11.23
C ILE B 528 50.89 -19.72 -11.31
N ASN B 529 51.77 -20.21 -12.19
CA ASN B 529 53.09 -19.63 -12.37
C ASN B 529 53.12 -18.63 -13.52
N LEU B 530 53.72 -17.47 -13.29
CA LEU B 530 53.79 -16.44 -14.31
C LEU B 530 55.19 -16.31 -14.88
N THR B 531 55.21 -16.07 -16.19
CA THR B 531 56.42 -15.82 -17.00
C THR B 531 57.15 -14.51 -16.61
N GLU B 532 56.38 -13.50 -16.17
CA GLU B 532 56.90 -12.18 -15.82
C GLU B 532 56.13 -11.67 -14.58
N GLU B 533 56.67 -10.73 -13.81
CA GLU B 533 55.84 -10.00 -12.82
C GLU B 533 54.97 -9.01 -13.60
N VAL B 534 53.68 -8.94 -13.25
CA VAL B 534 52.71 -8.15 -14.05
C VAL B 534 51.97 -7.06 -13.28
N LEU B 535 51.68 -5.97 -14.02
CA LEU B 535 50.92 -4.84 -13.48
C LEU B 535 49.56 -5.31 -12.93
N TRP B 536 48.66 -5.64 -13.85
CA TRP B 536 47.35 -6.14 -13.48
C TRP B 536 47.12 -7.52 -14.06
N VAL B 537 46.28 -8.30 -13.39
CA VAL B 537 45.81 -9.58 -13.92
C VAL B 537 44.28 -9.45 -14.07
N LYS B 538 43.68 -10.09 -15.08
CA LYS B 538 42.21 -10.19 -15.16
C LYS B 538 41.76 -11.64 -15.40
N VAL B 539 41.33 -12.32 -14.34
CA VAL B 539 40.79 -13.69 -14.46
C VAL B 539 39.43 -13.72 -15.23
N ASN B 540 39.12 -14.88 -15.84
CA ASN B 540 37.91 -15.09 -16.65
C ASN B 540 37.72 -14.15 -17.91
N ILE B 541 38.49 -14.47 -18.97
CA ILE B 541 38.44 -13.67 -20.20
C ILE B 541 37.04 -13.65 -20.82
N ASN B 542 36.54 -12.43 -21.08
CA ASN B 542 35.20 -12.21 -21.64
C ASN B 542 34.07 -12.97 -20.94
N MET B 543 34.31 -13.32 -19.67
CA MET B 543 33.38 -14.06 -18.83
C MET B 543 32.85 -15.34 -19.49
N ASN B 544 33.72 -16.02 -20.23
CA ASN B 544 33.38 -17.27 -20.90
C ASN B 544 33.11 -18.39 -19.88
N GLY B 545 33.50 -18.15 -18.63
CA GLY B 545 33.26 -19.12 -17.58
C GLY B 545 32.22 -18.68 -16.60
N TYR B 546 31.36 -19.63 -16.23
CA TYR B 546 30.23 -19.43 -15.34
C TYR B 546 30.72 -19.41 -13.92
N TYR B 547 31.54 -18.39 -13.58
CA TYR B 547 32.02 -18.08 -12.19
C TYR B 547 32.29 -16.60 -12.02
N ILE B 548 31.99 -16.04 -10.84
CA ILE B 548 32.33 -14.62 -10.53
C ILE B 548 33.67 -14.55 -9.79
N VAL B 549 34.57 -13.67 -10.24
CA VAL B 549 35.91 -13.60 -9.67
C VAL B 549 36.10 -12.38 -8.76
N HIS B 550 36.62 -12.65 -7.56
CA HIS B 550 37.04 -11.66 -6.60
C HIS B 550 38.56 -11.62 -6.53
N TYR B 551 39.10 -10.46 -6.14
CA TYR B 551 40.53 -10.19 -6.10
C TYR B 551 40.88 -9.71 -4.68
N ALA B 552 42.12 -9.95 -4.26
CA ALA B 552 42.66 -9.35 -3.04
C ALA B 552 42.79 -7.82 -3.32
N ASP B 553 42.74 -7.03 -2.24
CA ASP B 553 42.57 -5.57 -2.31
C ASP B 553 43.41 -4.85 -3.38
N ASP B 554 44.70 -5.11 -3.42
CA ASP B 554 45.57 -4.40 -4.36
C ASP B 554 45.42 -4.88 -5.81
N ASP B 555 44.83 -6.06 -5.99
CA ASP B 555 44.63 -6.52 -7.35
C ASP B 555 43.41 -5.84 -7.98
N TRP B 556 42.43 -5.49 -7.14
CA TRP B 556 41.24 -4.73 -7.58
C TRP B 556 41.69 -3.34 -8.01
N GLU B 557 42.46 -2.71 -7.13
CA GLU B 557 43.02 -1.39 -7.39
C GLU B 557 43.88 -1.33 -8.68
N ALA B 558 44.58 -2.44 -8.96
CA ALA B 558 45.36 -2.59 -10.17
C ALA B 558 44.48 -2.51 -11.42
N LEU B 559 43.35 -3.19 -11.35
CA LEU B 559 42.42 -3.20 -12.45
C LEU B 559 41.70 -1.86 -12.47
N ILE B 560 41.27 -1.40 -11.29
CA ILE B 560 40.63 -0.10 -11.15
C ILE B 560 41.52 1.02 -11.73
N HIS B 561 42.85 0.94 -11.49
CA HIS B 561 43.76 1.95 -12.03
C HIS B 561 43.85 1.85 -13.55
N GLN B 562 43.99 0.64 -14.04
CA GLN B 562 44.13 0.41 -15.47
C GLN B 562 42.96 1.00 -16.24
N LEU B 563 41.74 0.76 -15.74
CA LEU B 563 40.49 1.21 -16.39
C LEU B 563 40.51 2.72 -16.52
N LYS B 564 41.08 3.37 -15.50
CA LYS B 564 41.28 4.83 -15.51
C LYS B 564 42.34 5.18 -16.51
N ILE B 565 43.47 4.47 -16.48
CA ILE B 565 44.61 4.77 -17.38
C ILE B 565 44.31 4.48 -18.87
N ASN B 566 44.03 3.22 -19.20
CA ASN B 566 43.57 2.86 -20.53
C ASN B 566 42.71 1.60 -20.41
N PRO B 567 41.37 1.74 -20.60
CA PRO B 567 40.48 0.59 -20.39
C PRO B 567 40.48 -0.37 -21.60
N TYR B 568 40.93 0.15 -22.75
CA TYR B 568 40.87 -0.59 -24.02
C TYR B 568 41.91 -1.71 -24.11
N VAL B 569 42.68 -1.88 -23.04
CA VAL B 569 43.61 -3.01 -22.91
C VAL B 569 42.78 -4.24 -22.60
N LEU B 570 41.55 -4.03 -22.16
CA LEU B 570 40.57 -5.12 -21.95
C LEU B 570 39.40 -5.04 -22.93
N SER B 571 38.69 -6.16 -23.14
CA SER B 571 37.55 -6.13 -24.05
C SER B 571 36.34 -5.46 -23.41
N ASP B 572 35.36 -5.12 -24.24
CA ASP B 572 34.15 -4.58 -23.68
C ASP B 572 33.56 -5.62 -22.75
N LYS B 573 33.65 -6.88 -23.18
CA LYS B 573 33.15 -8.03 -22.43
C LYS B 573 33.80 -8.07 -21.03
N ASP B 574 35.13 -8.00 -21.00
CA ASP B 574 35.88 -8.03 -19.74
C ASP B 574 35.43 -6.86 -18.89
N ARG B 575 35.50 -5.67 -19.50
CA ARG B 575 35.15 -4.42 -18.82
C ARG B 575 33.80 -4.55 -18.11
N ALA B 576 32.77 -4.94 -18.85
CA ALA B 576 31.41 -5.09 -18.29
C ALA B 576 31.34 -6.21 -17.23
N ASN B 577 32.21 -7.20 -17.39
CA ASN B 577 32.31 -8.29 -16.43
C ASN B 577 32.75 -7.73 -15.09
N LEU B 578 33.75 -6.84 -15.12
CA LEU B 578 34.25 -6.22 -13.90
C LEU B 578 33.13 -5.38 -13.25
N ILE B 579 32.43 -4.65 -14.10
CA ILE B 579 31.37 -3.79 -13.61
C ILE B 579 30.39 -4.63 -12.82
N ASN B 580 29.96 -5.74 -13.42
CA ASN B 580 29.01 -6.66 -12.78
C ASN B 580 29.50 -7.35 -11.51
N ASN B 581 30.72 -7.86 -11.59
CA ASN B 581 31.30 -8.62 -10.52
C ASN B 581 31.48 -7.77 -9.28
N ILE B 582 31.90 -6.52 -9.45
CA ILE B 582 32.21 -5.70 -8.28
C ILE B 582 30.92 -5.37 -7.51
N PHE B 583 29.84 -5.15 -8.26
CA PHE B 583 28.56 -4.74 -7.68
C PHE B 583 27.94 -5.92 -7.00
N GLU B 584 28.09 -7.10 -7.61
CA GLU B 584 27.58 -8.36 -7.05
C GLU B 584 28.27 -8.61 -5.73
N LEU B 585 29.59 -8.62 -5.78
CA LEU B 585 30.40 -8.79 -4.61
C LEU B 585 30.02 -7.77 -3.53
N ALA B 586 29.74 -6.53 -3.96
CA ALA B 586 29.46 -5.44 -3.04
C ALA B 586 28.21 -5.74 -2.25
N GLY B 587 27.24 -6.41 -2.86
CA GLY B 587 26.04 -6.86 -2.12
C GLY B 587 26.28 -7.97 -1.07
N LEU B 588 27.13 -8.91 -1.43
CA LEU B 588 27.49 -10.01 -0.57
C LEU B 588 28.55 -9.60 0.46
N GLY B 589 29.00 -8.33 0.37
CA GLY B 589 29.95 -7.72 1.30
C GLY B 589 31.41 -8.14 1.22
N LYS B 590 31.86 -8.71 0.08
CA LYS B 590 33.28 -9.08 0.01
C LYS B 590 34.05 -7.84 -0.40
N VAL B 591 33.30 -6.84 -0.83
CA VAL B 591 33.91 -5.57 -1.29
C VAL B 591 33.01 -4.48 -0.73
N PRO B 592 33.58 -3.34 -0.34
CA PRO B 592 32.65 -2.28 0.09
C PRO B 592 32.02 -1.54 -1.11
N LEU B 593 30.76 -1.13 -1.00
CA LEU B 593 30.08 -0.52 -2.14
C LEU B 593 30.86 0.69 -2.72
N LYS B 594 31.61 1.37 -1.85
CA LYS B 594 32.40 2.51 -2.28
C LYS B 594 33.34 2.07 -3.39
N ARG B 595 34.04 0.95 -3.20
CA ARG B 595 34.98 0.42 -4.19
C ARG B 595 34.28 0.11 -5.53
N ALA B 596 33.01 -0.33 -5.49
CA ALA B 596 32.23 -0.63 -6.73
C ALA B 596 32.08 0.68 -7.53
N PHE B 597 31.65 1.69 -6.80
CA PHE B 597 31.46 2.98 -7.38
C PHE B 597 32.79 3.55 -7.84
N ASP B 598 33.87 3.24 -7.11
CA ASP B 598 35.27 3.66 -7.47
C ASP B 598 35.73 3.13 -8.84
N LEU B 599 35.46 1.84 -9.07
CA LEU B 599 35.74 1.17 -10.32
C LEU B 599 35.07 1.90 -11.46
N ILE B 600 33.77 2.15 -11.32
CA ILE B 600 33.02 2.74 -12.44
C ILE B 600 33.37 4.20 -12.79
N ASN B 601 34.24 4.82 -11.98
CA ASN B 601 34.69 6.20 -12.26
C ASN B 601 35.45 6.40 -13.60
N TYR B 602 35.76 5.31 -14.29
CA TYR B 602 36.42 5.37 -15.61
C TYR B 602 35.41 5.61 -16.74
N LEU B 603 34.13 5.49 -16.43
CA LEU B 603 33.06 5.51 -17.40
C LEU B 603 33.01 6.71 -18.35
N GLY B 604 33.71 7.80 -17.96
CA GLY B 604 33.87 8.98 -18.82
C GLY B 604 34.56 8.67 -20.14
N ASN B 605 35.37 7.61 -20.12
CA ASN B 605 36.22 7.13 -21.21
C ASN B 605 35.61 5.92 -21.94
N GLU B 606 34.40 5.54 -21.57
CA GLU B 606 33.81 4.33 -22.13
C GLU B 606 32.93 4.68 -23.34
N ASN B 607 33.20 4.05 -24.49
CA ASN B 607 32.36 4.22 -25.70
C ASN B 607 31.65 2.93 -26.15
N HIS B 608 31.89 1.83 -25.43
CA HIS B 608 31.25 0.52 -25.65
C HIS B 608 29.95 0.33 -24.88
N THR B 609 28.95 -0.24 -25.57
CA THR B 609 27.62 -0.36 -25.01
C THR B 609 27.52 -1.47 -23.91
N ALA B 610 28.08 -2.65 -24.18
CA ALA B 610 28.23 -3.72 -23.17
C ALA B 610 28.47 -3.20 -21.73
N PRO B 611 29.56 -2.45 -21.47
CA PRO B 611 29.76 -1.94 -20.10
C PRO B 611 28.73 -0.92 -19.61
N ILE B 612 28.36 0.01 -20.46
CA ILE B 612 27.52 1.15 -20.12
C ILE B 612 26.15 0.67 -19.67
N THR B 613 25.60 -0.30 -20.40
CA THR B 613 24.33 -0.90 -19.98
C THR B 613 24.49 -1.60 -18.62
N GLU B 614 25.51 -2.44 -18.44
CA GLU B 614 25.65 -3.12 -17.16
C GLU B 614 25.77 -2.17 -15.96
N ALA B 615 26.40 -1.01 -16.15
CA ALA B 615 26.48 -0.01 -15.08
C ALA B 615 25.11 0.67 -14.87
N LEU B 616 24.42 0.96 -15.97
CA LEU B 616 23.15 1.63 -15.89
C LEU B 616 22.19 0.71 -15.19
N PHE B 617 22.31 -0.60 -15.44
CA PHE B 617 21.47 -1.62 -14.80
C PHE B 617 21.71 -1.63 -13.31
N GLN B 618 22.97 -1.81 -12.93
CA GLN B 618 23.37 -1.90 -11.55
C GLN B 618 22.90 -0.68 -10.75
N THR B 619 23.18 0.51 -11.27
CA THR B 619 22.81 1.77 -10.60
C THR B 619 21.27 1.98 -10.50
N ASP B 620 20.50 1.45 -11.45
CA ASP B 620 19.03 1.61 -11.43
C ASP B 620 18.48 0.75 -10.36
N LEU B 621 19.05 -0.42 -10.20
CA LEU B 621 18.60 -1.28 -9.12
C LEU B 621 18.78 -0.57 -7.76
N ILE B 622 19.96 0.02 -7.53
CA ILE B 622 20.18 0.67 -6.29
C ILE B 622 19.21 1.85 -6.19
N TYR B 623 19.17 2.67 -7.26
CA TYR B 623 18.29 3.85 -7.30
C TYR B 623 16.84 3.48 -6.92
N ASN B 624 16.27 2.53 -7.64
CA ASN B 624 14.91 2.06 -7.35
C ASN B 624 14.72 1.48 -5.93
N LEU B 625 15.71 0.73 -5.40
CA LEU B 625 15.63 0.24 -4.03
C LEU B 625 15.57 1.41 -3.03
N LEU B 626 16.45 2.37 -3.23
CA LEU B 626 16.51 3.54 -2.41
C LEU B 626 15.20 4.34 -2.51
N GLU B 627 14.88 4.82 -3.71
CA GLU B 627 13.66 5.60 -3.97
C GLU B 627 12.45 5.02 -3.25
N LYS B 628 12.25 3.69 -3.32
CA LYS B 628 11.11 3.00 -2.62
C LYS B 628 11.12 3.18 -1.13
N LEU B 629 12.30 3.17 -0.49
CA LEU B 629 12.49 3.36 0.95
C LEU B 629 12.38 4.81 1.35
N GLY B 630 12.20 5.67 0.36
CA GLY B 630 12.03 7.08 0.61
C GLY B 630 13.28 7.91 0.65
N TYR B 631 14.42 7.31 0.34
CA TYR B 631 15.67 8.07 0.36
C TYR B 631 15.87 8.77 -0.97
N MET B 632 15.06 9.79 -1.22
CA MET B 632 15.00 10.41 -2.53
C MET B 632 16.28 11.17 -2.89
N ASP B 633 16.85 11.90 -1.92
CA ASP B 633 18.08 12.66 -2.18
C ASP B 633 19.20 11.71 -2.54
N LEU B 634 19.43 10.77 -1.65
CA LEU B 634 20.40 9.75 -1.87
C LEU B 634 20.23 9.13 -3.29
N ALA B 635 18.97 8.89 -3.67
CA ALA B 635 18.59 8.31 -4.95
C ALA B 635 18.87 9.29 -6.03
N SER B 636 18.64 10.57 -5.76
CA SER B 636 18.82 11.54 -6.84
C SER B 636 20.26 11.90 -6.95
N ARG B 637 21.04 11.73 -5.87
CA ARG B 637 22.50 11.98 -5.93
C ARG B 637 23.12 10.85 -6.72
N LEU B 638 22.50 9.70 -6.64
CA LEU B 638 23.07 8.54 -7.27
C LEU B 638 23.01 8.71 -8.74
N VAL B 639 21.85 9.13 -9.25
CA VAL B 639 21.69 9.32 -10.70
C VAL B 639 22.47 10.53 -11.25
N THR B 640 22.52 11.62 -10.50
CA THR B 640 23.38 12.74 -10.89
C THR B 640 24.88 12.35 -11.01
N ARG B 641 25.36 11.41 -10.16
CA ARG B 641 26.73 10.87 -10.24
C ARG B 641 26.99 10.08 -11.53
N VAL B 642 26.14 9.10 -11.76
CA VAL B 642 26.24 8.25 -12.92
C VAL B 642 26.13 9.11 -14.16
N PHE B 643 25.21 10.08 -14.16
CA PHE B 643 25.07 11.04 -15.27
C PHE B 643 26.33 11.82 -15.52
N LYS B 644 26.90 12.37 -14.43
CA LYS B 644 28.17 13.12 -14.51
C LYS B 644 29.34 12.33 -15.14
N LEU B 645 29.37 11.01 -14.95
CA LEU B 645 30.26 10.15 -15.69
C LEU B 645 29.89 10.04 -17.19
N LEU B 646 28.63 9.75 -17.49
CA LEU B 646 28.22 9.53 -18.89
C LEU B 646 27.81 10.80 -19.58
N GLN B 647 28.17 11.96 -19.01
CA GLN B 647 27.71 13.26 -19.53
C GLN B 647 28.02 13.49 -20.99
N ASN B 648 29.29 13.28 -21.34
CA ASN B 648 29.72 13.49 -22.72
C ASN B 648 28.94 12.60 -23.66
N GLN B 649 28.87 11.31 -23.35
CA GLN B 649 28.25 10.36 -24.25
C GLN B 649 26.79 10.77 -24.52
N ILE B 650 26.04 10.96 -23.45
CA ILE B 650 24.64 11.37 -23.54
C ILE B 650 24.53 12.55 -24.50
N GLN B 651 25.35 13.58 -24.26
CA GLN B 651 25.31 14.82 -25.05
C GLN B 651 25.67 14.66 -26.54
N GLN B 652 26.59 13.75 -26.85
CA GLN B 652 26.95 13.52 -28.24
C GLN B 652 25.84 12.87 -29.11
N GLN B 653 25.09 11.93 -28.55
CA GLN B 653 24.05 11.11 -29.27
C GLN B 653 23.04 11.88 -30.16
N THR B 654 22.65 11.26 -31.28
CA THR B 654 21.70 11.87 -32.20
C THR B 654 20.34 11.24 -32.00
N TRP B 655 19.29 12.00 -32.29
CA TRP B 655 17.94 11.49 -32.18
C TRP B 655 17.51 10.79 -33.47
N THR B 656 18.23 9.69 -33.79
CA THR B 656 17.99 8.88 -35.01
C THR B 656 18.07 7.37 -34.84
N ASP B 657 18.32 6.68 -35.96
CA ASP B 657 18.68 5.24 -35.99
C ASP B 657 20.03 5.06 -36.70
N GLU B 658 20.69 6.17 -37.00
CA GLU B 658 21.95 6.14 -37.73
C GLU B 658 23.10 5.62 -36.86
N GLY B 659 23.49 4.36 -37.11
CA GLY B 659 24.60 3.72 -36.39
C GLY B 659 24.59 2.20 -36.45
N THR B 660 25.69 1.56 -36.06
CA THR B 660 25.78 0.10 -35.94
C THR B 660 24.81 -0.41 -34.85
N PRO B 661 24.34 -1.67 -34.94
CA PRO B 661 23.34 -2.14 -33.98
C PRO B 661 23.70 -1.91 -32.51
N SER B 662 24.96 -2.17 -32.16
CA SER B 662 25.48 -1.93 -30.81
C SER B 662 25.46 -0.45 -30.43
N MET B 663 25.77 0.41 -31.40
CA MET B 663 25.88 1.83 -31.08
C MET B 663 24.53 2.47 -30.89
N ARG B 664 23.54 1.97 -31.64
CA ARG B 664 22.17 2.49 -31.52
C ARG B 664 21.41 1.85 -30.37
N GLU B 665 21.82 0.61 -29.99
CA GLU B 665 21.45 0.06 -28.66
C GLU B 665 21.85 1.03 -27.52
N LEU B 666 23.04 1.64 -27.67
CA LEU B 666 23.52 2.63 -26.72
C LEU B 666 22.71 3.91 -26.75
N ARG B 667 22.24 4.28 -27.94
CA ARG B 667 21.44 5.50 -28.09
C ARG B 667 20.20 5.39 -27.20
N SER B 668 19.48 4.27 -27.35
CA SER B 668 18.25 3.98 -26.55
C SER B 668 18.54 4.00 -25.06
N ALA B 669 19.58 3.29 -24.65
CA ALA B 669 20.04 3.28 -23.25
C ALA B 669 20.31 4.66 -22.68
N LEU B 670 21.26 5.40 -23.28
CA LEU B 670 21.66 6.72 -22.80
C LEU B 670 20.49 7.67 -22.77
N LEU B 671 19.75 7.75 -23.89
CA LEU B 671 18.61 8.65 -23.97
C LEU B 671 17.47 8.28 -23.00
N GLU B 672 17.23 7.00 -22.81
CA GLU B 672 16.20 6.59 -21.87
C GLU B 672 16.58 6.81 -20.39
N PHE B 673 17.87 6.81 -20.09
CA PHE B 673 18.34 7.09 -18.76
C PHE B 673 18.13 8.55 -18.50
N ALA B 674 18.69 9.36 -19.38
CA ALA B 674 18.71 10.82 -19.27
C ALA B 674 17.34 11.46 -19.27
N CYS B 675 16.40 10.82 -19.92
CA CYS B 675 15.09 11.38 -19.95
C CYS B 675 14.34 11.04 -18.70
N THR B 676 14.53 9.79 -18.23
CA THR B 676 13.84 9.22 -17.05
C THR B 676 14.06 10.10 -15.87
N HIS B 677 15.28 10.58 -15.70
CA HIS B 677 15.63 11.39 -14.55
C HIS B 677 15.67 12.89 -14.86
N ASN B 678 15.00 13.27 -15.94
CA ASN B 678 14.91 14.67 -16.39
C ASN B 678 16.25 15.37 -16.35
N LEU B 679 17.28 14.73 -16.89
CA LEU B 679 18.65 15.25 -16.93
C LEU B 679 19.00 16.06 -18.22
N GLY B 680 19.42 17.30 -18.01
CA GLY B 680 19.78 18.21 -19.11
C GLY B 680 18.87 18.30 -20.33
N ASN B 681 19.54 18.27 -21.48
CA ASN B 681 19.00 18.37 -22.81
C ASN B 681 17.65 17.63 -23.10
N CYS B 682 17.44 16.47 -22.44
CA CYS B 682 16.54 15.38 -22.93
C CYS B 682 15.04 15.60 -22.95
N SER B 683 14.51 15.92 -21.77
CA SER B 683 13.07 16.02 -21.58
C SER B 683 12.47 16.89 -22.66
N THR B 684 13.11 18.04 -22.86
CA THR B 684 12.64 19.07 -23.80
C THR B 684 12.71 18.57 -25.24
N THR B 685 13.86 18.04 -25.65
CA THR B 685 14.06 17.51 -27.00
C THR B 685 13.07 16.40 -27.34
N ALA B 686 12.77 15.57 -26.34
CA ALA B 686 11.86 14.45 -26.51
C ALA B 686 10.40 14.90 -26.53
N MET B 687 10.11 15.98 -25.80
CA MET B 687 8.76 16.58 -25.76
C MET B 687 8.49 17.34 -27.06
N LYS B 688 9.54 17.95 -27.62
CA LYS B 688 9.51 18.59 -28.92
C LYS B 688 9.18 17.57 -30.03
N LEU B 689 9.79 16.38 -29.96
CA LEU B 689 9.46 15.36 -30.95
C LEU B 689 8.10 14.75 -30.67
N PHE B 690 7.63 14.86 -29.43
CA PHE B 690 6.31 14.37 -29.10
C PHE B 690 5.29 15.26 -29.79
N ASP B 691 5.35 16.56 -29.45
CA ASP B 691 4.36 17.56 -29.89
C ASP B 691 4.17 17.62 -31.41
N ASP B 692 5.24 17.34 -32.16
CA ASP B 692 5.13 17.27 -33.61
C ASP B 692 4.34 16.04 -34.03
N TRP B 693 4.82 14.87 -33.58
CA TRP B 693 4.20 13.56 -33.90
C TRP B 693 2.70 13.49 -33.56
N MET B 694 2.34 14.12 -32.44
CA MET B 694 0.96 14.13 -31.95
C MET B 694 0.10 14.98 -32.88
N ALA B 695 0.62 16.18 -33.18
CA ALA B 695 -0.02 17.13 -34.11
C ALA B 695 -0.29 16.49 -35.48
N SER B 696 0.66 15.69 -35.95
CA SER B 696 0.53 14.98 -37.20
C SER B 696 -0.42 13.81 -37.09
N ASN B 697 -1.21 13.74 -36.00
CA ASN B 697 -2.12 12.62 -35.77
C ASN B 697 -1.38 11.28 -35.95
N GLY B 698 -0.11 11.26 -35.52
CA GLY B 698 0.65 10.02 -35.42
C GLY B 698 1.18 9.45 -36.69
N THR B 699 1.42 10.32 -37.67
CA THR B 699 1.84 9.83 -38.97
C THR B 699 3.30 10.16 -39.22
N GLN B 700 3.71 11.39 -38.86
CA GLN B 700 5.11 11.80 -39.06
C GLN B 700 6.08 10.87 -38.30
N SER B 701 6.95 10.19 -39.05
CA SER B 701 7.85 9.16 -38.49
C SER B 701 8.68 9.66 -37.34
N LEU B 702 8.87 8.74 -36.39
CA LEU B 702 9.70 8.87 -35.20
C LEU B 702 10.79 7.79 -35.30
N PRO B 703 12.06 8.15 -35.04
CA PRO B 703 13.10 7.10 -35.10
C PRO B 703 12.80 6.02 -34.08
N THR B 704 12.94 4.75 -34.45
CA THR B 704 12.50 3.69 -33.54
C THR B 704 13.38 3.58 -32.34
N ASP B 705 14.59 4.15 -32.41
CA ASP B 705 15.51 4.17 -31.28
C ASP B 705 15.19 5.17 -30.21
N VAL B 706 14.38 6.19 -30.52
CA VAL B 706 13.93 7.17 -29.51
C VAL B 706 12.43 7.02 -29.13
N MET B 707 11.76 6.07 -29.79
CA MET B 707 10.31 6.03 -29.75
C MET B 707 9.78 5.93 -28.34
N THR B 708 10.26 4.92 -27.60
CA THR B 708 9.75 4.68 -26.24
C THR B 708 10.01 5.89 -25.34
N THR B 709 11.19 6.47 -25.50
CA THR B 709 11.59 7.64 -24.75
C THR B 709 10.77 8.86 -25.14
N VAL B 710 10.38 8.97 -26.42
CA VAL B 710 9.49 10.07 -26.85
C VAL B 710 8.10 9.93 -26.23
N PHE B 711 7.47 8.77 -26.41
CA PHE B 711 6.16 8.45 -25.81
C PHE B 711 6.17 8.63 -24.27
N LYS B 712 7.25 8.19 -23.62
CA LYS B 712 7.37 8.28 -22.19
C LYS B 712 7.21 9.70 -21.69
N VAL B 713 7.89 10.63 -22.35
CA VAL B 713 7.83 12.05 -21.97
C VAL B 713 6.46 12.68 -22.26
N GLY B 714 5.82 12.18 -23.31
CA GLY B 714 4.55 12.67 -23.74
C GLY B 714 3.51 12.24 -22.75
N ALA B 715 3.54 10.96 -22.40
CA ALA B 715 2.52 10.38 -21.55
C ALA B 715 2.40 11.03 -20.15
N LYS B 716 3.25 12.04 -19.89
CA LYS B 716 3.29 12.74 -18.60
C LYS B 716 2.24 13.85 -18.49
N THR B 717 1.52 14.07 -19.58
CA THR B 717 0.44 15.09 -19.64
C THR B 717 -0.83 14.31 -19.88
N ASP B 718 -1.96 14.83 -19.39
CA ASP B 718 -3.25 14.19 -19.73
C ASP B 718 -3.54 14.25 -21.26
N LYS B 719 -2.87 15.16 -21.96
CA LYS B 719 -3.06 15.27 -23.39
C LYS B 719 -2.37 14.09 -24.06
N GLY B 720 -1.07 14.00 -23.84
CA GLY B 720 -0.26 12.96 -24.47
C GLY B 720 -0.78 11.58 -24.09
N TRP B 721 -1.06 11.42 -22.82
CA TRP B 721 -1.52 10.17 -22.34
C TRP B 721 -2.75 9.74 -23.11
N SER B 722 -3.71 10.65 -23.27
CA SER B 722 -5.00 10.33 -23.94
C SER B 722 -4.86 10.06 -25.44
N PHE B 723 -3.88 10.72 -26.06
CA PHE B 723 -3.61 10.52 -27.46
C PHE B 723 -3.02 9.14 -27.65
N LEU B 724 -1.95 8.86 -26.92
CA LEU B 724 -1.31 7.57 -26.97
C LEU B 724 -2.34 6.44 -26.76
N LEU B 725 -3.14 6.54 -25.70
CA LEU B 725 -4.20 5.58 -25.48
C LEU B 725 -5.03 5.40 -26.78
N GLY B 726 -5.41 6.50 -27.42
CA GLY B 726 -6.24 6.47 -28.62
C GLY B 726 -5.56 5.71 -29.73
N LYS B 727 -4.25 5.90 -29.81
CA LYS B 727 -3.39 5.18 -30.77
C LYS B 727 -3.38 3.68 -30.48
N TYR B 728 -3.00 3.29 -29.26
CA TYR B 728 -2.92 1.88 -28.84
C TYR B 728 -4.18 1.09 -29.23
N ILE B 729 -5.36 1.56 -28.81
CA ILE B 729 -6.64 0.93 -29.23
C ILE B 729 -6.88 0.99 -30.76
N SER B 730 -6.30 2.00 -31.42
CA SER B 730 -6.55 2.15 -32.85
C SER B 730 -5.48 1.60 -33.84
N ILE B 731 -4.17 1.72 -33.53
CA ILE B 731 -3.10 1.45 -34.56
C ILE B 731 -2.80 -0.04 -34.76
N GLY B 732 -2.29 -0.36 -35.96
CA GLY B 732 -2.03 -1.73 -36.37
C GLY B 732 -0.76 -2.42 -35.88
N SER B 733 0.34 -1.67 -35.72
CA SER B 733 1.66 -2.25 -35.28
C SER B 733 1.75 -2.66 -33.79
N GLU B 734 1.93 -3.96 -33.49
CA GLU B 734 2.05 -4.41 -32.09
C GLU B 734 3.35 -3.91 -31.45
N ALA B 735 4.44 -3.96 -32.23
CA ALA B 735 5.74 -3.40 -31.80
C ALA B 735 5.64 -1.93 -31.35
N GLU B 736 4.93 -1.10 -32.11
CA GLU B 736 4.68 0.31 -31.73
C GLU B 736 3.74 0.37 -30.49
N LYS B 737 2.74 -0.51 -30.49
CA LYS B 737 1.77 -0.60 -29.40
C LYS B 737 2.49 -0.89 -28.07
N ASN B 738 3.36 -1.90 -28.05
CA ASN B 738 4.09 -2.22 -26.84
C ASN B 738 4.96 -1.04 -26.34
N LYS B 739 5.39 -0.15 -27.24
CA LYS B 739 6.14 1.03 -26.83
C LYS B 739 5.20 2.07 -26.23
N ILE B 740 3.95 2.09 -26.71
CA ILE B 740 2.92 3.04 -26.23
C ILE B 740 2.43 2.66 -24.82
N LEU B 741 2.19 1.36 -24.61
CA LEU B 741 1.73 0.85 -23.31
C LEU B 741 2.77 1.10 -22.19
N GLU B 742 4.04 0.86 -22.51
CA GLU B 742 5.12 1.12 -21.55
C GLU B 742 5.14 2.58 -21.15
N ALA B 743 4.66 3.46 -22.03
CA ALA B 743 4.64 4.87 -21.70
C ALA B 743 3.40 5.17 -20.84
N LEU B 744 2.26 4.59 -21.18
CA LEU B 744 1.06 4.85 -20.42
C LEU B 744 1.28 4.36 -19.01
N ALA B 745 1.98 3.24 -18.86
CA ALA B 745 2.23 2.66 -17.54
C ALA B 745 3.41 3.35 -16.85
N SER B 746 3.94 4.39 -17.51
CA SER B 746 5.02 5.16 -16.93
C SER B 746 4.52 6.49 -16.37
N SER B 747 3.18 6.64 -16.35
CA SER B 747 2.50 7.83 -15.84
C SER B 747 2.54 7.90 -14.32
N GLU B 748 2.65 9.11 -13.77
CA GLU B 748 2.79 9.32 -12.33
C GLU B 748 1.46 9.46 -11.63
N ASP B 749 0.37 9.38 -12.40
CA ASP B 749 -1.04 9.54 -11.90
C ASP B 749 -1.56 8.17 -11.48
N VAL B 750 -1.73 7.96 -10.17
CA VAL B 750 -2.13 6.62 -9.75
C VAL B 750 -3.48 6.17 -10.28
N ARG B 751 -4.37 7.12 -10.59
CA ARG B 751 -5.66 6.79 -11.19
C ARG B 751 -5.58 6.09 -12.58
N LYS B 752 -4.72 6.58 -13.47
CA LYS B 752 -4.56 5.99 -14.79
C LYS B 752 -3.86 4.63 -14.66
N LEU B 753 -2.83 4.58 -13.81
CA LEU B 753 -2.10 3.29 -13.55
C LEU B 753 -3.05 2.23 -13.07
N TYR B 754 -3.86 2.55 -12.06
CA TYR B 754 -4.78 1.56 -11.56
C TYR B 754 -5.62 1.10 -12.69
N TRP B 755 -6.10 2.03 -13.49
CA TRP B 755 -7.02 1.74 -14.56
C TRP B 755 -6.44 0.75 -15.55
N LEU B 756 -5.14 0.89 -15.82
CA LEU B 756 -4.48 0.06 -16.82
C LEU B 756 -4.53 -1.39 -16.39
N MET B 757 -4.16 -1.64 -15.15
CA MET B 757 -4.16 -2.96 -14.59
C MET B 757 -5.57 -3.52 -14.56
N LYS B 758 -6.55 -2.69 -14.17
CA LYS B 758 -8.00 -3.05 -14.14
C LYS B 758 -8.55 -3.47 -15.51
N SER B 759 -8.37 -2.59 -16.51
CA SER B 759 -8.80 -2.80 -17.89
C SER B 759 -8.19 -4.05 -18.44
N SER B 760 -6.88 -4.18 -18.28
CA SER B 760 -6.18 -5.36 -18.77
C SER B 760 -6.64 -6.67 -18.11
N LEU B 761 -7.00 -6.65 -16.83
CA LEU B 761 -7.45 -7.90 -16.20
C LEU B 761 -8.78 -8.37 -16.79
N ASN B 762 -9.72 -7.45 -17.01
CA ASN B 762 -11.02 -7.76 -17.62
C ASN B 762 -10.91 -7.87 -19.15
N GLY B 763 -9.68 -7.77 -19.66
CA GLY B 763 -9.37 -7.84 -21.09
C GLY B 763 -10.02 -6.74 -21.93
N ASP B 764 -10.18 -5.55 -21.35
CA ASP B 764 -10.94 -4.46 -21.96
C ASP B 764 -10.32 -3.70 -23.13
N ASN B 765 -9.14 -3.08 -22.94
CA ASN B 765 -8.53 -2.38 -24.09
C ASN B 765 -7.13 -2.92 -24.29
N PHE B 766 -6.77 -3.87 -23.43
CA PHE B 766 -5.46 -4.49 -23.41
C PHE B 766 -5.70 -5.92 -23.03
N ARG B 767 -5.21 -6.86 -23.83
CA ARG B 767 -5.38 -8.27 -23.53
C ARG B 767 -4.76 -8.64 -22.18
N THR B 768 -5.37 -9.62 -21.53
CA THR B 768 -4.83 -10.18 -20.30
C THR B 768 -3.38 -10.71 -20.45
N GLN B 769 -2.93 -10.91 -21.68
CA GLN B 769 -1.54 -11.28 -21.90
C GLN B 769 -0.57 -10.16 -21.47
N LYS B 770 -1.00 -8.91 -21.61
CA LYS B 770 -0.15 -7.76 -21.33
C LYS B 770 -0.11 -7.34 -19.85
N LEU B 771 -1.01 -7.92 -19.05
CA LEU B 771 -1.17 -7.57 -17.64
C LEU B 771 0.14 -7.60 -16.93
N SER B 772 0.83 -8.74 -16.98
CA SER B 772 2.07 -8.91 -16.22
C SER B 772 3.02 -7.80 -16.55
N PHE B 773 3.03 -7.37 -17.81
CA PHE B 773 3.90 -6.26 -18.24
C PHE B 773 3.51 -4.92 -17.64
N ILE B 774 2.21 -4.74 -17.41
CA ILE B 774 1.71 -3.50 -16.84
C ILE B 774 2.07 -3.40 -15.33
N ILE B 775 1.75 -4.47 -14.58
CA ILE B 775 2.08 -4.59 -13.17
C ILE B 775 3.59 -4.44 -12.94
N ARG B 776 4.38 -5.04 -13.84
CA ARG B 776 5.84 -4.96 -13.81
C ARG B 776 6.21 -3.50 -13.90
N THR B 777 5.67 -2.77 -14.92
CA THR B 777 5.98 -1.35 -15.20
C THR B 777 5.46 -0.41 -14.13
N VAL B 778 4.25 -0.67 -13.64
CA VAL B 778 3.62 0.17 -12.66
C VAL B 778 4.42 0.11 -11.35
N GLY B 779 4.75 -1.10 -10.90
CA GLY B 779 5.45 -1.23 -9.63
C GLY B 779 6.94 -1.08 -9.66
N ARG B 780 7.48 -0.38 -10.65
CA ARG B 780 8.91 -0.09 -10.70
C ARG B 780 9.07 1.39 -10.32
N HIS B 781 7.96 2.12 -10.32
CA HIS B 781 8.01 3.55 -10.08
C HIS B 781 7.36 3.96 -8.77
N PHE B 782 7.65 5.16 -8.30
CA PHE B 782 7.16 5.50 -6.99
C PHE B 782 5.65 5.58 -6.89
N PRO B 783 4.95 6.22 -7.85
CA PRO B 783 3.51 6.31 -7.56
C PRO B 783 2.82 4.95 -7.55
N GLY B 784 3.31 4.03 -8.37
CA GLY B 784 2.68 2.74 -8.54
C GLY B 784 3.29 1.60 -7.77
N HIS B 785 4.32 1.89 -6.97
CA HIS B 785 4.95 0.80 -6.24
C HIS B 785 3.96 0.07 -5.29
N LEU B 786 3.34 0.78 -4.35
CA LEU B 786 2.37 0.10 -3.45
C LEU B 786 1.15 -0.35 -4.23
N LEU B 787 0.87 0.32 -5.35
CA LEU B 787 -0.35 0.07 -6.11
C LEU B 787 -0.22 -1.19 -6.91
N ALA B 788 0.97 -1.51 -7.39
CA ALA B 788 1.06 -2.71 -8.17
C ALA B 788 0.88 -3.96 -7.30
N TRP B 789 1.61 -4.03 -6.18
CA TRP B 789 1.52 -5.16 -5.28
C TRP B 789 0.13 -5.27 -4.72
N ASP B 790 -0.50 -4.14 -4.40
CA ASP B 790 -1.87 -4.16 -3.83
C ASP B 790 -2.82 -4.87 -4.80
N PHE B 791 -2.73 -4.52 -6.08
CA PHE B 791 -3.52 -5.09 -7.17
C PHE B 791 -3.29 -6.59 -7.33
N VAL B 792 -2.06 -7.05 -7.16
CA VAL B 792 -1.78 -8.50 -7.18
C VAL B 792 -2.46 -9.23 -5.99
N LYS B 793 -2.42 -8.65 -4.79
CA LYS B 793 -3.02 -9.25 -3.61
C LYS B 793 -4.53 -9.26 -3.78
N GLU B 794 -5.07 -8.14 -4.23
CA GLU B 794 -6.55 -8.00 -4.25
C GLU B 794 -7.20 -8.75 -5.42
N ASN B 795 -6.43 -9.15 -6.42
CA ASN B 795 -6.98 -9.87 -7.57
C ASN B 795 -6.32 -11.22 -7.70
N TRP B 796 -5.77 -11.69 -6.58
CA TRP B 796 -5.10 -13.00 -6.53
C TRP B 796 -5.91 -14.11 -7.15
N ASN B 797 -7.10 -14.37 -6.63
CA ASN B 797 -7.93 -15.47 -7.12
C ASN B 797 -8.17 -15.38 -8.62
N LYS B 798 -8.60 -14.18 -9.04
CA LYS B 798 -8.79 -13.82 -10.44
C LYS B 798 -7.50 -14.00 -11.27
N LEU B 799 -6.35 -13.56 -10.78
CA LEU B 799 -5.07 -13.81 -11.48
C LEU B 799 -4.78 -15.31 -11.69
N VAL B 800 -5.03 -16.10 -10.64
CA VAL B 800 -4.85 -17.57 -10.59
C VAL B 800 -5.77 -18.35 -11.57
N GLN B 801 -7.03 -17.96 -11.74
CA GLN B 801 -7.81 -18.47 -12.87
C GLN B 801 -7.14 -18.20 -14.23
N LYS B 802 -6.79 -16.95 -14.54
CA LYS B 802 -6.23 -16.63 -15.87
C LYS B 802 -4.88 -17.31 -16.10
N PHE B 803 -4.03 -17.29 -15.09
CA PHE B 803 -2.75 -17.96 -15.21
C PHE B 803 -2.59 -18.89 -14.01
N PRO B 804 -2.42 -20.19 -14.28
CA PRO B 804 -2.34 -21.14 -13.19
C PRO B 804 -1.01 -21.04 -12.39
N LEU B 805 -1.07 -21.52 -11.15
CA LEU B 805 0.10 -21.55 -10.23
C LEU B 805 1.28 -22.31 -10.86
N GLY B 806 2.43 -21.64 -10.90
CA GLY B 806 3.58 -22.21 -11.56
C GLY B 806 3.75 -21.67 -12.97
N SER B 807 2.76 -20.89 -13.44
CA SER B 807 2.81 -20.22 -14.73
C SER B 807 4.02 -19.29 -14.79
N TYR B 808 4.62 -19.12 -15.97
CA TYR B 808 5.71 -18.16 -16.07
C TYR B 808 5.23 -16.71 -15.86
N THR B 809 3.93 -16.45 -16.09
CA THR B 809 3.32 -15.12 -15.93
C THR B 809 3.12 -14.77 -14.46
N ILE B 810 2.54 -15.70 -13.71
CA ILE B 810 2.32 -15.47 -12.30
C ILE B 810 3.65 -15.37 -11.50
N GLN B 811 4.68 -16.06 -11.97
CA GLN B 811 6.03 -15.91 -11.41
C GLN B 811 6.57 -14.53 -11.67
N ASN B 812 6.47 -14.08 -12.93
CA ASN B 812 6.87 -12.74 -13.32
C ASN B 812 6.10 -11.62 -12.57
N ILE B 813 4.81 -11.84 -12.30
CA ILE B 813 3.96 -10.92 -11.57
C ILE B 813 4.38 -10.78 -10.12
N VAL B 814 4.53 -11.92 -9.43
CA VAL B 814 4.99 -11.95 -8.02
C VAL B 814 6.42 -11.38 -7.84
N ALA B 815 7.27 -11.57 -8.84
CA ALA B 815 8.57 -10.94 -8.85
C ALA B 815 8.50 -9.43 -9.08
N GLY B 816 7.90 -9.00 -10.20
CA GLY B 816 7.82 -7.59 -10.60
C GLY B 816 7.29 -6.60 -9.58
N SER B 817 6.37 -7.10 -8.75
CA SER B 817 5.67 -6.32 -7.73
C SER B 817 6.21 -6.47 -6.30
N THR B 818 7.15 -7.38 -6.08
CA THR B 818 7.71 -7.57 -4.74
C THR B 818 9.21 -7.32 -4.63
N TYR B 819 9.92 -7.36 -5.76
CA TYR B 819 11.39 -7.30 -5.78
C TYR B 819 12.01 -6.01 -5.27
N LEU B 820 11.24 -4.95 -5.11
CA LEU B 820 11.77 -3.70 -4.54
C LEU B 820 11.41 -3.45 -3.05
N PHE B 821 10.76 -4.43 -2.41
CA PHE B 821 10.43 -4.35 -0.99
C PHE B 821 11.71 -4.69 -0.25
N SER B 822 12.22 -3.76 0.54
CA SER B 822 13.46 -3.99 1.30
C SER B 822 13.37 -3.65 2.82
N THR B 823 12.26 -4.00 3.43
CA THR B 823 12.03 -3.78 4.84
C THR B 823 11.43 -5.04 5.46
N LYS B 824 11.70 -5.22 6.75
CA LYS B 824 11.25 -6.39 7.52
C LYS B 824 9.73 -6.37 7.61
N THR B 825 9.15 -5.19 7.60
CA THR B 825 7.71 -5.09 7.65
C THR B 825 7.12 -5.61 6.34
N HIS B 826 7.69 -5.20 5.22
CA HIS B 826 7.19 -5.67 3.96
C HIS B 826 7.31 -7.19 3.90
N LEU B 827 8.49 -7.69 4.28
CA LEU B 827 8.82 -9.12 4.22
C LEU B 827 7.81 -9.93 5.00
N SER B 828 7.40 -9.39 6.16
CA SER B 828 6.43 -10.05 7.02
C SER B 828 5.09 -10.12 6.34
N GLU B 829 4.66 -8.96 5.79
CA GLU B 829 3.41 -8.80 5.04
C GLU B 829 3.33 -9.72 3.84
N VAL B 830 4.39 -9.76 3.04
CA VAL B 830 4.42 -10.56 1.81
C VAL B 830 4.23 -12.00 2.18
N GLN B 831 4.99 -12.45 3.20
CA GLN B 831 4.89 -13.84 3.73
C GLN B 831 3.48 -14.17 4.20
N ALA B 832 3.07 -13.51 5.28
CA ALA B 832 1.69 -13.53 5.78
C ALA B 832 0.67 -13.66 4.67
N PHE B 833 0.81 -12.91 3.58
CA PHE B 833 -0.19 -12.93 2.51
C PHE B 833 -0.29 -14.29 1.86
N PHE B 834 0.85 -14.81 1.42
CA PHE B 834 0.86 -16.10 0.76
C PHE B 834 0.49 -17.23 1.70
N GLU B 835 1.01 -17.23 2.93
CA GLU B 835 0.60 -18.20 3.95
C GLU B 835 -0.93 -18.30 4.01
N ASN B 836 -1.60 -17.15 4.07
CA ASN B 836 -3.07 -17.13 4.09
C ASN B 836 -3.71 -17.62 2.80
N GLN B 837 -2.93 -17.87 1.77
CA GLN B 837 -3.52 -18.44 0.59
C GLN B 837 -3.52 -19.94 0.74
N SER B 838 -2.37 -20.58 0.52
CA SER B 838 -2.25 -22.03 0.67
C SER B 838 -0.88 -22.42 1.19
N GLU B 839 -0.79 -23.67 1.70
CA GLU B 839 0.52 -24.28 2.03
C GLU B 839 1.28 -24.53 0.74
N ALA B 840 0.51 -24.84 -0.31
CA ALA B 840 1.00 -24.96 -1.69
C ALA B 840 1.48 -23.58 -2.17
N THR B 841 0.55 -22.62 -2.12
CA THR B 841 0.85 -21.28 -2.58
C THR B 841 2.09 -20.82 -1.83
N PHE B 842 2.14 -21.05 -0.52
CA PHE B 842 3.28 -20.61 0.30
C PHE B 842 4.58 -21.37 0.05
N ARG B 843 4.50 -22.66 -0.22
CA ARG B 843 5.71 -23.46 -0.52
C ARG B 843 5.72 -23.63 -2.00
N LEU B 844 5.92 -22.52 -2.69
CA LEU B 844 6.02 -22.45 -4.14
C LEU B 844 7.39 -21.83 -4.47
N ARG B 845 7.97 -22.25 -5.60
CA ARG B 845 9.30 -21.76 -5.95
C ARG B 845 9.36 -20.22 -5.90
N CYS B 846 8.53 -19.56 -6.72
CA CYS B 846 8.54 -18.09 -6.85
C CYS B 846 8.18 -17.34 -5.54
N VAL B 847 7.34 -17.98 -4.70
CA VAL B 847 6.94 -17.40 -3.44
C VAL B 847 8.06 -17.45 -2.45
N GLN B 848 8.81 -18.55 -2.40
CA GLN B 848 9.98 -18.59 -1.51
C GLN B 848 11.12 -17.71 -2.06
N GLU B 849 11.29 -17.72 -3.38
CA GLU B 849 12.23 -16.83 -4.09
C GLU B 849 12.00 -15.35 -3.76
N ALA B 850 10.73 -14.92 -3.85
CA ALA B 850 10.39 -13.52 -3.66
C ALA B 850 10.85 -13.08 -2.29
N LEU B 851 10.45 -13.86 -1.27
CA LEU B 851 10.78 -13.65 0.15
C LEU B 851 12.30 -13.58 0.37
N GLU B 852 13.00 -14.52 -0.28
CA GLU B 852 14.45 -14.52 -0.22
C GLU B 852 15.03 -13.17 -0.72
N VAL B 853 14.61 -12.77 -1.92
CA VAL B 853 14.98 -11.48 -2.51
C VAL B 853 14.69 -10.32 -1.54
N ILE B 854 13.59 -10.35 -0.78
CA ILE B 854 13.30 -9.25 0.15
C ILE B 854 14.38 -9.19 1.22
N GLN B 855 14.62 -10.31 1.94
CA GLN B 855 15.72 -10.44 2.92
C GLN B 855 17.06 -9.97 2.35
N LEU B 856 17.33 -10.37 1.12
CA LEU B 856 18.55 -9.95 0.48
C LEU B 856 18.65 -8.43 0.23
N ASN B 857 17.50 -7.81 -0.05
CA ASN B 857 17.42 -6.36 -0.12
C ASN B 857 17.69 -5.76 1.32
N ILE B 858 16.99 -6.34 2.29
CA ILE B 858 17.16 -6.00 3.71
C ILE B 858 18.63 -6.08 4.16
N GLN B 859 19.26 -7.20 3.80
CA GLN B 859 20.67 -7.39 4.06
C GLN B 859 21.56 -6.42 3.32
N TRP B 860 21.21 -6.14 2.06
CA TRP B 860 21.90 -5.07 1.31
C TRP B 860 21.83 -3.70 2.03
N MET B 861 20.67 -3.33 2.51
CA MET B 861 20.54 -2.05 3.18
C MET B 861 21.44 -1.95 4.44
N GLU B 862 21.32 -2.94 5.36
CA GLU B 862 22.00 -2.86 6.66
C GLU B 862 23.51 -2.86 6.50
N LYS B 863 23.98 -3.49 5.42
CA LYS B 863 25.39 -3.35 5.01
C LYS B 863 25.74 -1.98 4.36
N ASN B 864 24.96 -1.49 3.39
CA ASN B 864 25.33 -0.33 2.58
C ASN B 864 24.60 1.02 2.75
N LEU B 865 23.38 1.05 3.26
CA LEU B 865 22.62 2.32 3.40
C LEU B 865 23.28 3.38 4.26
N LYS B 866 23.72 3.03 5.46
CA LYS B 866 24.26 4.03 6.37
C LYS B 866 25.45 4.82 5.79
N SER B 867 26.36 4.14 5.06
CA SER B 867 27.56 4.79 4.49
C SER B 867 27.26 5.82 3.38
N LEU B 868 26.28 5.53 2.51
CA LEU B 868 26.08 6.33 1.30
C LEU B 868 26.03 7.85 1.46
N THR B 869 25.39 8.31 2.54
CA THR B 869 25.24 9.76 2.84
C THR B 869 26.50 10.56 2.60
N TRP B 870 27.64 9.97 2.90
CA TRP B 870 28.91 10.65 2.89
C TRP B 870 29.57 10.69 1.51
N TRP B 871 29.18 9.84 0.56
CA TRP B 871 29.91 9.84 -0.71
C TRP B 871 29.23 9.84 -2.09
N LEU B 872 27.92 9.63 -2.20
CA LEU B 872 27.30 9.75 -3.52
C LEU B 872 27.33 11.21 -3.93
#